data_7NBF
#
_entry.id   7NBF
#
_cell.length_a   48.112
_cell.length_b   154.937
_cell.length_c   85.539
_cell.angle_alpha   90.000
_cell.angle_beta   97.957
_cell.angle_gamma   90.000
#
_symmetry.space_group_name_H-M   'P 1 21 1'
#
loop_
_entity.id
_entity.type
_entity.pdbx_description
1 polymer 'Serine racemase'
2 non-polymer "PYRIDOXAL-5'-PHOSPHATE"
3 non-polymer GLYCEROL
4 non-polymer 'CALCIUM ION'
5 non-polymer 'MAGNESIUM ION'
6 non-polymer 'DIMETHYL SULFOXIDE'
7 non-polymer 2-[(methylsulfonyl)methyl]-1H-benzimidazole
8 non-polymer 'SODIUM ION'
9 non-polymer 1,2-ETHANEDIOL
10 non-polymer 'TRIETHYLENE GLYCOL'
11 non-polymer 'CHLORIDE ION'
12 water water
#
_entity_poly.entity_id   1
_entity_poly.type   'polypeptide(L)'
_entity_poly.pdbx_seq_one_letter_code
;MDAQYDISFADVEKAHINIRDSIHLTPVLTSSILNQLTGRNLFFKCELFQKTGSFKIRGALNAVRSLVPDALERKPKAVV
THSSGNHGQALTYAAKLEGIPAYIVVPQTAPDCKKLAIQAYGASIVYCEPSDESRENVAKRVTEETEGIMVHPNQEPAVI
AGQGTIALEVLNQVPLVDALVVPVGGGGMLAGIAITVKALKPSVKVYAAEPSNADDCYQSKLKGKLMPNLYPPETIADGV
KSSIGLNTWPIIRDLVDDIFTVTEDEIKCATQLVWERMKLLIEPTAGVGVAAVLSQHFQTVSPEVKNICIVLSGGNVDLT
SSITWVKQAERPASYQSVSVHHHHHH
;
_entity_poly.pdbx_strand_id   AAA,BBB,CCC,DDD
#
# COMPACT_ATOMS: atom_id res chain seq x y z
N GLN A 4 19.70 -7.27 32.53
N GLN A 4 18.37 -7.21 32.23
CA GLN A 4 18.70 -8.22 33.08
CA GLN A 4 18.02 -8.32 33.16
C GLN A 4 18.83 -9.55 32.34
C GLN A 4 18.19 -9.67 32.45
N TYR A 5 18.29 -9.64 31.11
CA TYR A 5 18.42 -10.87 30.35
C TYR A 5 19.68 -10.84 29.49
N ASP A 6 19.93 -11.95 28.80
CA ASP A 6 21.12 -12.08 27.99
C ASP A 6 21.06 -11.21 26.73
N ILE A 7 19.86 -10.71 26.37
CA ILE A 7 19.74 -9.68 25.34
C ILE A 7 18.78 -8.62 25.85
N SER A 8 18.84 -7.45 25.19
CA SER A 8 17.85 -6.39 25.42
C SER A 8 17.23 -5.98 24.10
N PHE A 9 16.14 -5.18 24.17
CA PHE A 9 15.54 -4.68 22.96
C PHE A 9 16.58 -3.90 22.14
N ALA A 10 17.48 -3.18 22.83
CA ALA A 10 18.52 -2.49 22.06
C ALA A 10 19.30 -3.46 21.16
N ASP A 11 19.60 -4.66 21.64
CA ASP A 11 20.36 -5.63 20.88
C ASP A 11 19.57 -6.09 19.66
N VAL A 12 18.25 -6.21 19.84
CA VAL A 12 17.38 -6.61 18.71
C VAL A 12 17.37 -5.56 17.61
N GLU A 13 17.29 -4.29 18.00
N GLU A 13 17.26 -4.30 18.02
CA GLU A 13 17.37 -3.24 17.00
CA GLU A 13 17.25 -3.25 17.01
C GLU A 13 18.75 -3.18 16.35
C GLU A 13 18.61 -3.18 16.33
N LYS A 14 19.83 -3.34 17.15
N LYS A 14 19.69 -3.30 17.11
CA LYS A 14 21.15 -3.41 16.54
CA LYS A 14 21.03 -3.39 16.55
C LYS A 14 21.22 -4.54 15.52
C LYS A 14 21.12 -4.50 15.51
N ALA A 15 20.57 -5.67 15.86
CA ALA A 15 20.54 -6.79 14.93
C ALA A 15 19.77 -6.45 13.63
N HIS A 16 18.62 -5.75 13.75
N HIS A 16 18.62 -5.76 13.75
CA HIS A 16 17.87 -5.39 12.55
CA HIS A 16 17.87 -5.38 12.57
C HIS A 16 18.72 -4.50 11.66
C HIS A 16 18.73 -4.51 11.66
N ILE A 17 19.44 -3.57 12.31
N ILE A 17 19.44 -3.57 12.31
CA ILE A 17 20.26 -2.66 11.53
CA ILE A 17 20.25 -2.65 11.51
C ILE A 17 21.35 -3.44 10.81
C ILE A 17 21.35 -3.44 10.81
N ASN A 18 21.89 -4.46 11.51
CA ASN A 18 23.03 -5.20 10.99
C ASN A 18 22.60 -6.11 9.83
N ILE A 19 21.34 -6.61 9.81
CA ILE A 19 21.02 -7.66 8.84
C ILE A 19 20.09 -7.15 7.73
N ARG A 20 19.46 -5.95 7.87
CA ARG A 20 18.33 -5.64 6.99
C ARG A 20 18.69 -5.58 5.50
N ASP A 21 19.96 -5.33 5.19
CA ASP A 21 20.32 -5.18 3.78
C ASP A 21 20.42 -6.56 3.10
N SER A 22 20.27 -7.65 3.84
CA SER A 22 20.58 -8.95 3.26
C SER A 22 19.44 -9.96 3.52
N ILE A 23 18.38 -9.54 4.22
CA ILE A 23 17.24 -10.43 4.41
C ILE A 23 16.03 -9.88 3.69
N HIS A 24 14.94 -10.69 3.68
CA HIS A 24 13.68 -10.21 3.14
C HIS A 24 12.75 -9.74 4.25
N LEU A 25 12.01 -8.66 4.01
N LEU A 25 12.02 -8.65 4.02
CA LEU A 25 10.92 -8.28 4.87
CA LEU A 25 10.89 -8.26 4.85
C LEU A 25 9.77 -9.14 4.38
C LEU A 25 9.80 -9.17 4.33
N THR A 26 9.64 -10.31 5.00
CA THR A 26 8.69 -11.31 4.53
C THR A 26 7.25 -10.83 4.76
N PRO A 27 6.34 -11.22 3.84
CA PRO A 27 4.96 -10.76 3.92
C PRO A 27 4.19 -11.40 5.05
N VAL A 28 3.14 -10.66 5.44
CA VAL A 28 2.16 -11.25 6.34
C VAL A 28 0.95 -11.54 5.46
N LEU A 29 0.57 -12.81 5.39
CA LEU A 29 -0.54 -13.25 4.54
C LEU A 29 -1.71 -13.62 5.43
N THR A 30 -2.92 -13.58 4.84
CA THR A 30 -4.10 -13.96 5.61
C THR A 30 -4.78 -15.10 4.88
N SER A 31 -5.75 -15.71 5.54
CA SER A 31 -6.55 -16.77 4.96
C SER A 31 -7.97 -16.71 5.54
N SER A 32 -8.96 -16.55 4.65
N SER A 32 -8.99 -16.57 4.66
CA SER A 32 -10.36 -16.58 5.06
CA SER A 32 -10.40 -16.58 5.07
C SER A 32 -10.69 -17.92 5.71
C SER A 32 -10.72 -17.94 5.70
N ILE A 33 -10.19 -18.98 5.09
CA ILE A 33 -10.42 -20.34 5.54
C ILE A 33 -9.90 -20.57 6.96
N LEU A 34 -8.66 -20.11 7.25
CA LEU A 34 -8.19 -20.32 8.62
C LEU A 34 -8.94 -19.41 9.63
N ASN A 35 -9.32 -18.21 9.14
N ASN A 35 -9.46 -18.26 9.25
CA ASN A 35 -10.09 -17.22 9.90
CA ASN A 35 -10.23 -17.56 10.28
C ASN A 35 -11.47 -17.79 10.16
C ASN A 35 -11.41 -18.42 10.76
N GLN A 36 -12.04 -18.45 9.14
N GLN A 36 -12.10 -19.03 9.79
CA GLN A 36 -13.29 -19.18 9.29
CA GLN A 36 -13.40 -19.62 10.09
C GLN A 36 -13.23 -20.30 10.35
C GLN A 36 -13.14 -20.79 11.02
N LEU A 37 -12.20 -21.16 10.37
N LEU A 37 -12.09 -21.51 10.66
CA LEU A 37 -12.08 -22.33 11.24
CA LEU A 37 -11.71 -22.66 11.45
C LEU A 37 -11.76 -21.99 12.68
C LEU A 37 -11.37 -22.25 12.89
N THR A 38 -10.83 -21.03 12.94
N THR A 38 -11.12 -20.94 13.10
CA THR A 38 -10.23 -20.99 14.27
CA THR A 38 -10.74 -20.41 14.40
C THR A 38 -11.01 -20.11 15.25
C THR A 38 -11.75 -19.36 14.85
N GLY A 39 -11.97 -19.33 14.73
N GLY A 39 -12.39 -18.64 13.90
CA GLY A 39 -12.63 -18.30 15.52
CA GLY A 39 -13.10 -17.46 14.38
C GLY A 39 -11.94 -16.92 15.43
C GLY A 39 -12.14 -16.59 15.20
N ARG A 40 -10.63 -16.93 15.09
N ARG A 40 -11.17 -16.09 14.45
CA ARG A 40 -9.76 -15.75 15.21
CA ARG A 40 -10.14 -15.15 14.85
C ARG A 40 -9.50 -15.13 13.83
C ARG A 40 -9.62 -14.55 13.57
N ASN A 41 -8.96 -13.89 13.84
N ASN A 41 -8.93 -13.44 13.75
CA ASN A 41 -8.41 -13.13 12.73
CA ASN A 41 -8.31 -12.85 12.60
C ASN A 41 -6.91 -13.40 12.67
C ASN A 41 -6.88 -13.37 12.65
N LEU A 42 -6.48 -14.27 11.73
CA LEU A 42 -5.09 -14.75 11.77
C LEU A 42 -4.26 -14.00 10.74
N PHE A 43 -2.98 -13.92 11.09
CA PHE A 43 -2.03 -13.31 10.20
C PHE A 43 -0.80 -14.21 10.16
N PHE A 44 -0.20 -14.47 8.97
CA PHE A 44 0.81 -15.52 8.87
C PHE A 44 2.09 -14.87 8.43
N LYS A 45 3.08 -14.79 9.35
CA LYS A 45 4.35 -14.11 9.02
C LYS A 45 5.18 -15.17 8.29
N CYS A 46 5.51 -14.91 7.03
CA CYS A 46 5.93 -15.96 6.10
C CYS A 46 7.47 -16.05 6.07
N GLU A 47 8.06 -16.52 7.20
CA GLU A 47 9.49 -16.81 7.20
C GLU A 47 9.89 -18.01 6.34
N LEU A 48 8.90 -18.78 5.83
CA LEU A 48 9.26 -19.83 4.86
C LEU A 48 9.73 -19.21 3.53
N PHE A 49 9.53 -17.89 3.29
CA PHE A 49 9.99 -17.23 2.09
C PHE A 49 11.29 -16.47 2.40
N GLN A 50 11.83 -16.56 3.64
CA GLN A 50 13.07 -15.88 3.99
C GLN A 50 14.22 -16.49 3.21
N LYS A 51 15.34 -15.74 3.06
CA LYS A 51 16.52 -16.34 2.44
C LYS A 51 16.94 -17.59 3.24
N THR A 52 17.30 -18.67 2.54
CA THR A 52 17.71 -19.96 3.05
C THR A 52 16.51 -20.83 3.45
N GLY A 53 15.31 -20.27 3.38
CA GLY A 53 14.11 -21.11 3.64
C GLY A 53 13.63 -21.10 5.10
N SER A 54 14.29 -20.35 6.00
CA SER A 54 13.81 -20.22 7.37
C SER A 54 14.27 -18.90 7.95
N PHE A 55 13.72 -18.56 9.09
CA PHE A 55 14.11 -17.31 9.73
C PHE A 55 15.55 -17.34 10.23
N LYS A 56 16.19 -18.51 10.32
N LYS A 56 16.16 -18.51 10.33
CA LYS A 56 17.48 -18.65 10.98
CA LYS A 56 17.47 -18.65 10.97
C LYS A 56 18.58 -17.78 10.37
C LYS A 56 18.54 -17.73 10.39
N ILE A 57 18.38 -17.30 9.13
CA ILE A 57 19.35 -16.35 8.54
C ILE A 57 19.46 -15.07 9.38
N ARG A 58 18.42 -14.76 10.15
CA ARG A 58 18.42 -13.52 10.91
C ARG A 58 19.46 -13.59 12.03
N GLY A 59 19.35 -14.62 12.87
CA GLY A 59 20.34 -14.75 13.92
C GLY A 59 21.73 -15.12 13.37
N ALA A 60 21.80 -15.90 12.29
CA ALA A 60 23.11 -16.37 11.81
C ALA A 60 23.83 -15.13 11.25
N LEU A 61 23.10 -14.29 10.51
CA LEU A 61 23.82 -13.14 9.93
C LEU A 61 24.19 -12.14 11.02
N ASN A 62 23.31 -11.96 12.02
CA ASN A 62 23.67 -11.08 13.13
C ASN A 62 24.92 -11.58 13.86
N ALA A 63 25.04 -12.91 14.01
CA ALA A 63 26.19 -13.43 14.72
C ALA A 63 27.45 -13.21 13.86
N VAL A 64 27.37 -13.43 12.56
CA VAL A 64 28.58 -13.24 11.73
C VAL A 64 28.99 -11.77 11.75
N ARG A 65 28.01 -10.88 11.79
CA ARG A 65 28.31 -9.46 11.74
C ARG A 65 28.54 -8.83 13.11
N SER A 66 28.38 -9.55 14.21
N SER A 66 28.34 -9.58 14.20
CA SER A 66 28.63 -8.80 15.42
CA SER A 66 28.39 -8.96 15.51
C SER A 66 29.60 -9.51 16.35
C SER A 66 29.54 -9.52 16.33
N LEU A 67 29.78 -10.82 16.21
CA LEU A 67 30.65 -11.57 17.14
C LEU A 67 32.14 -11.43 16.78
N VAL A 68 33.01 -11.49 17.81
CA VAL A 68 34.45 -11.46 17.51
C VAL A 68 35.06 -12.80 17.87
N PRO A 69 36.09 -13.28 17.14
CA PRO A 69 36.68 -14.59 17.43
C PRO A 69 37.52 -14.61 18.70
N ASP A 70 37.95 -13.42 19.15
N ASP A 70 38.09 -13.45 19.09
CA ASP A 70 39.06 -13.31 20.08
CA ASP A 70 38.93 -13.38 20.27
C ASP A 70 39.17 -11.88 20.60
C ASP A 70 39.27 -11.93 20.56
N ALA A 71 39.87 -11.70 21.73
CA ALA A 71 40.17 -10.36 22.20
C ALA A 71 41.00 -9.57 21.19
N LEU A 72 41.81 -10.27 20.41
CA LEU A 72 42.85 -9.61 19.63
C LEU A 72 42.48 -9.52 18.15
N GLU A 73 41.29 -9.99 17.80
N GLU A 73 41.28 -9.99 17.81
CA GLU A 73 40.91 -9.92 16.40
CA GLU A 73 40.85 -10.02 16.42
C GLU A 73 39.42 -9.65 16.33
C GLU A 73 39.38 -9.63 16.39
N ARG A 74 39.06 -8.53 15.71
CA ARG A 74 37.69 -8.07 15.65
C ARG A 74 36.87 -8.80 14.58
N LYS A 75 37.51 -9.36 13.53
CA LYS A 75 36.75 -9.92 12.40
C LYS A 75 36.75 -11.45 12.46
N PRO A 76 35.61 -12.15 12.50
CA PRO A 76 35.63 -13.61 12.36
C PRO A 76 36.23 -14.06 11.03
N LYS A 77 37.06 -15.12 11.08
CA LYS A 77 37.65 -15.60 9.85
C LYS A 77 36.99 -16.88 9.36
N ALA A 78 36.01 -17.40 10.10
CA ALA A 78 35.27 -18.60 9.68
C ALA A 78 34.09 -18.70 10.66
N VAL A 79 33.15 -19.60 10.33
CA VAL A 79 32.08 -19.87 11.27
C VAL A 79 32.03 -21.38 11.43
N VAL A 80 31.61 -21.81 12.63
CA VAL A 80 31.61 -23.23 12.96
C VAL A 80 30.32 -23.50 13.71
N THR A 81 29.66 -24.62 13.37
CA THR A 81 28.50 -25.05 14.18
C THR A 81 28.37 -26.56 14.10
N HIS A 82 27.69 -27.13 15.11
CA HIS A 82 27.37 -28.55 15.09
C HIS A 82 25.97 -28.75 14.53
N SER A 83 25.23 -27.67 14.22
CA SER A 83 23.86 -27.80 13.73
C SER A 83 23.83 -27.84 12.20
N SER A 84 23.35 -28.96 11.62
CA SER A 84 23.45 -29.20 10.17
C SER A 84 22.18 -28.87 9.38
N GLY A 85 21.11 -28.50 10.08
CA GLY A 85 19.84 -28.30 9.37
C GLY A 85 19.69 -26.83 8.97
N ASN A 86 18.52 -26.26 9.34
CA ASN A 86 18.22 -24.87 8.97
C ASN A 86 19.31 -23.93 9.52
N HIS A 87 19.83 -24.21 10.73
CA HIS A 87 20.85 -23.31 11.25
C HIS A 87 22.13 -23.44 10.40
N GLY A 88 22.58 -24.68 10.11
CA GLY A 88 23.79 -24.85 9.28
C GLY A 88 23.64 -24.21 7.90
N GLN A 89 22.45 -24.34 7.32
CA GLN A 89 22.23 -23.75 6.03
C GLN A 89 22.31 -22.23 6.13
N ALA A 90 21.63 -21.67 7.13
CA ALA A 90 21.62 -20.21 7.25
C ALA A 90 23.01 -19.65 7.63
N LEU A 91 23.73 -20.33 8.52
CA LEU A 91 25.06 -19.85 8.90
C LEU A 91 26.01 -19.91 7.71
N THR A 92 25.88 -20.93 6.87
CA THR A 92 26.72 -21.04 5.67
C THR A 92 26.42 -19.88 4.71
N TYR A 93 25.14 -19.54 4.51
CA TYR A 93 24.77 -18.45 3.63
C TYR A 93 25.32 -17.15 4.21
N ALA A 94 25.21 -16.94 5.52
CA ALA A 94 25.70 -15.71 6.13
C ALA A 94 27.23 -15.58 5.94
N ALA A 95 27.97 -16.68 6.11
CA ALA A 95 29.42 -16.68 5.96
C ALA A 95 29.75 -16.39 4.51
N LYS A 96 29.00 -16.95 3.56
N LYS A 96 29.00 -16.94 3.56
CA LYS A 96 29.27 -16.67 2.16
CA LYS A 96 29.27 -16.67 2.16
C LYS A 96 29.11 -15.17 1.89
C LYS A 96 29.10 -15.17 1.88
N LEU A 97 28.08 -14.56 2.49
CA LEU A 97 27.88 -13.14 2.26
C LEU A 97 29.05 -12.32 2.76
N GLU A 98 29.70 -12.75 3.86
N GLU A 98 29.65 -12.77 3.87
CA GLU A 98 30.81 -12.01 4.43
CA GLU A 98 30.76 -12.06 4.48
C GLU A 98 32.16 -12.51 3.89
C GLU A 98 32.10 -12.52 3.92
N GLY A 99 32.14 -13.51 3.00
CA GLY A 99 33.40 -13.92 2.36
C GLY A 99 34.28 -14.80 3.25
N ILE A 100 33.67 -15.51 4.21
CA ILE A 100 34.47 -16.34 5.11
C ILE A 100 33.97 -17.79 5.04
N PRO A 101 34.82 -18.78 5.29
CA PRO A 101 34.42 -20.18 5.16
C PRO A 101 33.50 -20.62 6.29
N ALA A 102 32.62 -21.63 6.00
CA ALA A 102 31.79 -22.19 7.07
C ALA A 102 32.16 -23.67 7.25
N TYR A 103 32.19 -24.12 8.52
CA TYR A 103 32.51 -25.50 8.81
C TYR A 103 31.33 -26.04 9.64
N ILE A 104 30.86 -27.22 9.24
CA ILE A 104 29.83 -27.87 10.03
C ILE A 104 30.46 -29.15 10.56
N VAL A 105 30.37 -29.35 11.88
CA VAL A 105 30.98 -30.54 12.51
C VAL A 105 29.91 -31.62 12.49
N VAL A 106 30.21 -32.78 11.91
CA VAL A 106 29.21 -33.80 11.58
C VAL A 106 29.74 -35.13 12.10
N PRO A 107 28.93 -35.91 12.87
CA PRO A 107 29.32 -37.28 13.23
C PRO A 107 29.51 -38.16 11.98
N GLN A 108 30.45 -39.12 12.08
CA GLN A 108 30.68 -40.21 11.12
C GLN A 108 29.38 -40.91 10.72
N THR A 109 28.47 -41.00 11.70
CA THR A 109 27.21 -41.71 11.55
C THR A 109 26.10 -40.91 10.88
N ALA A 110 26.38 -39.67 10.44
CA ALA A 110 25.29 -38.96 9.80
C ALA A 110 24.90 -39.68 8.50
N PRO A 111 23.60 -39.63 8.14
CA PRO A 111 23.15 -40.14 6.84
C PRO A 111 23.86 -39.46 5.67
N ASP A 112 24.13 -40.27 4.64
CA ASP A 112 24.70 -39.81 3.39
C ASP A 112 24.00 -38.54 2.88
N CYS A 113 22.67 -38.52 2.94
CA CYS A 113 21.90 -37.41 2.36
C CYS A 113 22.27 -36.09 3.06
N LYS A 114 22.49 -36.19 4.37
CA LYS A 114 22.81 -35.08 5.25
C LYS A 114 24.21 -34.48 4.94
N LYS A 115 25.15 -35.42 4.64
CA LYS A 115 26.51 -35.05 4.21
C LYS A 115 26.49 -34.39 2.82
N LEU A 116 25.69 -34.93 1.90
CA LEU A 116 25.60 -34.38 0.55
C LEU A 116 25.03 -32.97 0.56
N ALA A 117 23.95 -32.82 1.33
CA ALA A 117 23.18 -31.60 1.45
C ALA A 117 23.93 -30.51 2.22
N ILE A 118 24.74 -30.87 3.22
CA ILE A 118 25.57 -29.81 3.79
C ILE A 118 26.54 -29.35 2.70
N GLN A 119 27.04 -30.32 1.91
CA GLN A 119 27.95 -30.00 0.80
C GLN A 119 27.22 -29.14 -0.21
N ALA A 120 25.95 -29.45 -0.45
CA ALA A 120 25.17 -28.72 -1.43
C ALA A 120 24.95 -27.26 -1.00
N TYR A 121 24.97 -26.96 0.31
CA TYR A 121 24.65 -25.61 0.73
C TYR A 121 25.93 -24.78 0.87
N GLY A 122 27.09 -25.39 0.57
CA GLY A 122 28.35 -24.65 0.43
C GLY A 122 29.29 -24.68 1.62
N ALA A 123 29.06 -25.55 2.64
CA ALA A 123 29.97 -25.58 3.76
C ALA A 123 30.99 -26.72 3.66
N SER A 124 32.08 -26.64 4.46
CA SER A 124 33.00 -27.73 4.59
C SER A 124 32.54 -28.58 5.75
N ILE A 125 32.63 -29.91 5.58
CA ILE A 125 32.36 -30.85 6.66
C ILE A 125 33.63 -31.17 7.45
N VAL A 126 33.51 -31.13 8.76
CA VAL A 126 34.56 -31.67 9.61
C VAL A 126 33.94 -32.80 10.44
N TYR A 127 34.54 -34.02 10.33
CA TYR A 127 33.99 -35.21 10.97
C TYR A 127 34.38 -35.31 12.45
N CYS A 128 33.45 -35.84 13.25
CA CYS A 128 33.78 -36.17 14.63
C CYS A 128 33.19 -37.56 14.92
N GLU A 129 33.49 -38.10 16.11
N GLU A 129 33.49 -38.09 16.12
CA GLU A 129 32.82 -39.31 16.58
CA GLU A 129 32.83 -39.30 16.61
C GLU A 129 31.43 -38.91 17.09
C GLU A 129 31.44 -38.92 17.11
N PRO A 130 30.44 -39.83 17.12
CA PRO A 130 29.08 -39.48 17.56
C PRO A 130 28.94 -39.02 19.03
N SER A 131 30.08 -38.95 19.74
CA SER A 131 30.18 -38.57 21.14
C SER A 131 30.36 -37.06 21.32
N ASP A 132 30.00 -36.58 22.52
CA ASP A 132 30.06 -35.14 22.79
C ASP A 132 31.49 -34.72 23.10
N GLU A 133 32.23 -35.57 23.82
CA GLU A 133 33.68 -35.35 23.94
C GLU A 133 34.29 -35.11 22.54
N SER A 134 33.88 -35.92 21.52
CA SER A 134 34.50 -35.78 20.22
C SER A 134 34.01 -34.49 19.54
N ARG A 135 32.67 -34.32 19.57
CA ARG A 135 32.03 -33.25 18.85
C ARG A 135 32.63 -31.95 19.36
N GLU A 136 32.82 -31.89 20.69
CA GLU A 136 33.31 -30.69 21.33
C GLU A 136 34.80 -30.50 21.02
N ASN A 137 35.61 -31.53 21.27
CA ASN A 137 37.00 -31.44 20.88
C ASN A 137 37.13 -30.91 19.44
N VAL A 138 36.37 -31.52 18.51
CA VAL A 138 36.49 -31.17 17.11
C VAL A 138 36.06 -29.72 16.88
N ALA A 139 34.89 -29.29 17.31
CA ALA A 139 34.51 -27.93 16.98
C ALA A 139 35.47 -26.91 17.61
N LYS A 140 35.99 -27.19 18.83
CA LYS A 140 36.87 -26.23 19.49
C LYS A 140 38.18 -26.10 18.70
N ARG A 141 38.67 -27.25 18.25
CA ARG A 141 39.90 -27.30 17.50
C ARG A 141 39.68 -26.51 16.21
N VAL A 142 38.59 -26.77 15.49
CA VAL A 142 38.30 -26.07 14.23
C VAL A 142 38.18 -24.57 14.50
N THR A 143 37.37 -24.17 15.51
CA THR A 143 37.14 -22.75 15.79
C THR A 143 38.48 -22.06 16.07
N GLU A 144 39.32 -22.71 16.88
CA GLU A 144 40.61 -22.13 17.24
C GLU A 144 41.54 -22.05 16.03
N GLU A 145 41.67 -23.11 15.22
CA GLU A 145 42.63 -23.16 14.13
C GLU A 145 42.23 -22.25 12.96
N THR A 146 40.92 -22.04 12.78
CA THR A 146 40.46 -21.20 11.67
C THR A 146 40.29 -19.76 12.12
N GLU A 147 40.53 -19.46 13.43
CA GLU A 147 40.18 -18.14 13.96
C GLU A 147 38.72 -17.78 13.69
N GLY A 148 37.87 -18.73 14.04
CA GLY A 148 36.46 -18.58 13.65
C GLY A 148 35.58 -18.31 14.87
N ILE A 149 34.28 -18.15 14.63
CA ILE A 149 33.31 -18.04 15.73
C ILE A 149 32.47 -19.33 15.68
N MET A 150 32.21 -19.91 16.86
N MET A 150 32.21 -19.92 16.86
CA MET A 150 31.26 -21.00 16.98
CA MET A 150 31.25 -21.01 16.95
C MET A 150 29.92 -20.31 17.19
C MET A 150 29.93 -20.31 17.19
N VAL A 151 28.88 -20.66 16.42
CA VAL A 151 27.61 -19.96 16.51
C VAL A 151 26.50 -20.96 16.86
N HIS A 152 26.09 -20.93 18.13
CA HIS A 152 25.10 -21.88 18.66
C HIS A 152 23.75 -21.56 18.04
N PRO A 153 22.93 -22.58 17.67
CA PRO A 153 21.65 -22.32 17.01
C PRO A 153 20.59 -21.58 17.78
N ASN A 154 20.69 -21.54 19.12
CA ASN A 154 19.62 -20.91 19.86
C ASN A 154 20.03 -20.25 21.17
N GLN A 155 21.27 -20.50 21.68
CA GLN A 155 21.61 -19.90 22.97
C GLN A 155 22.57 -18.71 22.85
N GLU A 156 23.14 -18.51 21.65
N GLU A 156 23.16 -18.51 21.67
CA GLU A 156 24.08 -17.41 21.39
CA GLU A 156 24.11 -17.41 21.50
C GLU A 156 23.34 -16.08 21.43
C GLU A 156 23.33 -16.09 21.47
N PRO A 157 23.66 -15.13 22.34
CA PRO A 157 22.91 -13.87 22.41
C PRO A 157 22.73 -13.19 21.06
N ALA A 158 23.81 -13.18 20.25
CA ALA A 158 23.63 -12.48 18.95
C ALA A 158 22.57 -13.17 18.08
N VAL A 159 22.48 -14.50 18.16
CA VAL A 159 21.44 -15.21 17.41
C VAL A 159 20.06 -14.89 17.98
N ILE A 160 19.87 -14.96 19.31
CA ILE A 160 18.57 -14.63 19.89
C ILE A 160 18.12 -13.23 19.46
N ALA A 161 19.07 -12.30 19.47
CA ALA A 161 18.74 -10.90 19.13
C ALA A 161 18.29 -10.85 17.65
N GLY A 162 19.02 -11.53 16.76
CA GLY A 162 18.61 -11.53 15.36
C GLY A 162 17.21 -12.13 15.22
N GLN A 163 16.94 -13.27 15.86
CA GLN A 163 15.61 -13.82 15.62
C GLN A 163 14.52 -12.89 16.13
N GLY A 164 14.79 -12.07 17.15
CA GLY A 164 13.78 -11.13 17.64
C GLY A 164 13.32 -10.12 16.59
N THR A 165 14.17 -9.89 15.55
CA THR A 165 13.75 -8.91 14.53
C THR A 165 12.46 -9.34 13.83
N ILE A 166 12.10 -10.64 13.88
CA ILE A 166 10.80 -11.03 13.33
C ILE A 166 9.71 -10.17 13.95
N ALA A 167 9.77 -9.94 15.28
CA ALA A 167 8.69 -9.25 16.02
C ALA A 167 8.70 -7.77 15.66
N LEU A 168 9.88 -7.20 15.29
CA LEU A 168 9.82 -5.81 14.92
C LEU A 168 8.99 -5.71 13.67
N GLU A 169 9.20 -6.67 12.74
CA GLU A 169 8.46 -6.57 11.49
C GLU A 169 6.98 -6.84 11.74
N VAL A 170 6.68 -7.87 12.56
CA VAL A 170 5.27 -8.18 12.77
C VAL A 170 4.53 -6.98 13.37
N LEU A 171 5.12 -6.35 14.39
CA LEU A 171 4.39 -5.26 15.05
C LEU A 171 4.16 -4.12 14.06
N ASN A 172 5.17 -3.86 13.20
CA ASN A 172 5.05 -2.78 12.22
C ASN A 172 4.03 -3.18 11.16
N GLN A 173 3.97 -4.47 10.79
CA GLN A 173 3.16 -4.91 9.67
C GLN A 173 1.73 -5.12 10.09
N VAL A 174 1.48 -5.42 11.36
CA VAL A 174 0.13 -5.76 11.79
C VAL A 174 -0.14 -4.90 13.03
N PRO A 175 -0.43 -3.60 12.85
CA PRO A 175 -0.53 -2.71 14.00
C PRO A 175 -1.59 -3.11 15.02
N LEU A 176 -2.64 -3.83 14.60
CA LEU A 176 -3.67 -4.22 15.56
C LEU A 176 -3.42 -5.61 16.12
N VAL A 177 -2.22 -6.17 15.95
CA VAL A 177 -2.01 -7.53 16.47
C VAL A 177 -2.20 -7.59 17.99
N ASP A 178 -2.81 -8.71 18.45
CA ASP A 178 -3.12 -9.00 19.86
C ASP A 178 -2.20 -10.07 20.46
N ALA A 179 -1.67 -10.97 19.59
CA ALA A 179 -0.79 -11.99 20.14
C ALA A 179 0.11 -12.44 18.98
N LEU A 180 1.28 -12.95 19.33
CA LEU A 180 2.12 -13.72 18.40
C LEU A 180 2.20 -15.17 18.88
N VAL A 181 2.14 -16.13 17.92
CA VAL A 181 2.26 -17.55 18.22
C VAL A 181 3.54 -18.06 17.56
N VAL A 182 4.45 -18.65 18.36
CA VAL A 182 5.82 -18.92 17.92
C VAL A 182 6.17 -20.36 18.26
N PRO A 183 6.57 -21.19 17.28
CA PRO A 183 7.01 -22.56 17.61
C PRO A 183 8.30 -22.43 18.44
N VAL A 184 8.47 -23.37 19.37
CA VAL A 184 9.63 -23.33 20.25
C VAL A 184 10.37 -24.67 20.19
N GLY A 185 11.72 -24.55 19.98
CA GLY A 185 12.67 -25.63 20.21
C GLY A 185 13.67 -25.15 21.25
N GLY A 186 14.80 -24.66 20.77
CA GLY A 186 15.75 -24.12 21.74
C GLY A 186 15.35 -22.77 22.34
N GLY A 187 14.37 -22.09 21.71
CA GLY A 187 13.80 -20.85 22.24
C GLY A 187 14.55 -19.58 21.84
N GLY A 188 15.45 -19.67 20.85
CA GLY A 188 16.08 -18.45 20.36
C GLY A 188 15.07 -17.48 19.75
N MET A 189 14.25 -18.04 18.88
CA MET A 189 13.19 -17.25 18.27
C MET A 189 12.12 -16.80 19.29
N LEU A 190 11.63 -17.70 20.11
CA LEU A 190 10.66 -17.33 21.16
C LEU A 190 11.21 -16.19 22.05
N ALA A 191 12.46 -16.37 22.54
CA ALA A 191 13.03 -15.40 23.49
C ALA A 191 13.27 -14.06 22.81
N GLY A 192 13.80 -14.09 21.54
CA GLY A 192 14.04 -12.81 20.90
C GLY A 192 12.71 -12.10 20.65
N ILE A 193 11.71 -12.86 20.22
CA ILE A 193 10.39 -12.23 20.03
C ILE A 193 9.82 -11.71 21.33
N ALA A 194 9.93 -12.50 22.42
CA ALA A 194 9.34 -12.06 23.69
C ALA A 194 10.02 -10.78 24.19
N ILE A 195 11.38 -10.70 24.10
CA ILE A 195 12.03 -9.46 24.53
C ILE A 195 11.46 -8.26 23.76
N THR A 196 11.36 -8.48 22.43
CA THR A 196 10.95 -7.40 21.55
C THR A 196 9.54 -6.94 21.86
N VAL A 197 8.60 -7.90 21.88
CA VAL A 197 7.22 -7.49 22.09
C VAL A 197 7.02 -6.88 23.47
N LYS A 198 7.65 -7.45 24.49
CA LYS A 198 7.39 -6.92 25.83
C LYS A 198 8.10 -5.56 26.02
N ALA A 199 9.17 -5.24 25.25
CA ALA A 199 9.74 -3.91 25.35
C ALA A 199 8.89 -2.87 24.63
N LEU A 200 8.20 -3.27 23.55
CA LEU A 200 7.54 -2.29 22.69
C LEU A 200 6.07 -2.16 23.06
N LYS A 201 5.39 -3.27 23.31
CA LYS A 201 3.94 -3.22 23.47
C LYS A 201 3.53 -4.45 24.27
N PRO A 202 3.77 -4.40 25.59
CA PRO A 202 3.62 -5.58 26.39
C PRO A 202 2.17 -6.06 26.52
N SER A 203 1.20 -5.23 26.12
CA SER A 203 -0.19 -5.68 26.05
C SER A 203 -0.40 -6.79 24.99
N VAL A 204 0.54 -6.94 24.05
CA VAL A 204 0.43 -8.01 23.06
C VAL A 204 0.99 -9.30 23.68
N LYS A 205 0.24 -10.41 23.55
CA LYS A 205 0.55 -11.69 24.18
C LYS A 205 1.63 -12.38 23.31
N VAL A 206 2.49 -13.15 23.99
CA VAL A 206 3.46 -13.99 23.27
C VAL A 206 3.18 -15.42 23.73
N TYR A 207 2.81 -16.28 22.75
CA TYR A 207 2.48 -17.64 23.09
C TYR A 207 3.46 -18.57 22.37
N ALA A 208 3.86 -19.65 23.09
CA ALA A 208 4.75 -20.63 22.46
C ALA A 208 3.90 -21.85 22.06
N ALA A 209 4.38 -22.53 21.01
CA ALA A 209 3.67 -23.72 20.51
C ALA A 209 4.73 -24.79 20.45
N GLU A 210 4.39 -25.99 20.99
CA GLU A 210 5.44 -26.99 21.10
C GLU A 210 4.86 -28.38 20.84
N PRO A 211 5.59 -29.35 20.25
CA PRO A 211 5.08 -30.73 20.24
C PRO A 211 4.97 -31.32 21.64
N SER A 212 3.84 -32.00 21.90
N SER A 212 3.83 -32.00 21.91
N SER A 212 3.83 -31.97 21.92
CA SER A 212 3.67 -32.71 23.16
CA SER A 212 3.62 -32.81 23.10
CA SER A 212 3.69 -32.70 23.19
C SER A 212 4.70 -33.83 23.31
C SER A 212 4.78 -33.76 23.31
C SER A 212 4.77 -33.76 23.32
N ASN A 213 5.26 -34.29 22.19
CA ASN A 213 6.31 -35.30 22.21
C ASN A 213 7.69 -34.74 22.56
N ALA A 214 7.81 -33.39 22.65
CA ALA A 214 9.11 -32.78 22.93
C ALA A 214 8.83 -31.61 23.85
N ASP A 215 8.16 -31.87 25.00
CA ASP A 215 7.47 -30.75 25.67
C ASP A 215 8.29 -30.19 26.84
N ASP A 216 9.63 -30.09 26.67
CA ASP A 216 10.42 -29.45 27.72
C ASP A 216 10.08 -27.99 28.01
N CYS A 217 9.66 -27.19 27.02
CA CYS A 217 9.39 -25.79 27.36
C CYS A 217 8.13 -25.71 28.27
N TYR A 218 7.11 -26.51 27.89
CA TYR A 218 5.90 -26.58 28.74
C TYR A 218 6.28 -27.11 30.13
N GLN A 219 7.09 -28.19 30.20
CA GLN A 219 7.35 -28.75 31.53
C GLN A 219 8.21 -27.78 32.35
N SER A 220 9.08 -26.98 31.70
CA SER A 220 9.89 -26.03 32.42
C SER A 220 9.01 -24.89 32.94
N LYS A 221 8.10 -24.40 32.08
CA LYS A 221 7.25 -23.30 32.55
C LYS A 221 6.32 -23.83 33.67
N LEU A 222 5.85 -25.07 33.50
CA LEU A 222 5.04 -25.69 34.58
C LEU A 222 5.82 -25.76 35.90
N LYS A 223 7.05 -26.26 35.86
CA LYS A 223 7.77 -26.52 37.10
C LYS A 223 8.33 -25.23 37.67
N GLY A 224 8.59 -24.22 36.79
CA GLY A 224 9.25 -22.99 37.18
C GLY A 224 10.77 -23.12 37.20
N LYS A 225 11.35 -24.15 36.54
CA LYS A 225 12.81 -24.21 36.37
C LYS A 225 13.09 -24.95 35.07
N LEU A 226 14.32 -24.86 34.60
CA LEU A 226 14.68 -25.44 33.31
C LEU A 226 14.76 -26.96 33.46
N MET A 227 13.96 -27.64 32.66
CA MET A 227 13.79 -29.09 32.63
C MET A 227 13.95 -29.54 31.20
N PRO A 228 15.19 -29.78 30.73
CA PRO A 228 15.41 -30.20 29.33
C PRO A 228 14.83 -31.59 29.08
N ASN A 229 14.58 -31.91 27.80
CA ASN A 229 14.19 -33.29 27.50
C ASN A 229 15.32 -34.22 28.01
N LEU A 230 14.92 -35.31 28.67
CA LEU A 230 15.89 -36.28 29.20
C LEU A 230 16.44 -37.16 28.09
N TYR A 231 15.65 -37.35 27.01
CA TYR A 231 16.01 -38.21 25.89
C TYR A 231 15.74 -37.48 24.58
N PRO A 232 16.46 -37.79 23.49
CA PRO A 232 16.18 -37.16 22.19
C PRO A 232 14.72 -37.40 21.78
N PRO A 233 13.93 -36.34 21.53
CA PRO A 233 12.51 -36.50 21.23
C PRO A 233 12.20 -37.09 19.87
N GLU A 234 11.08 -37.78 19.78
N GLU A 234 11.04 -37.74 19.78
CA GLU A 234 10.69 -38.22 18.45
CA GLU A 234 10.53 -38.30 18.53
C GLU A 234 9.50 -37.37 18.03
C GLU A 234 9.44 -37.36 18.03
N THR A 235 9.68 -36.65 16.92
CA THR A 235 8.61 -35.80 16.42
C THR A 235 8.84 -35.56 14.95
N ILE A 236 7.73 -35.35 14.21
CA ILE A 236 7.89 -34.93 12.82
C ILE A 236 8.34 -33.47 12.79
N ALA A 237 8.20 -32.76 13.92
CA ALA A 237 8.66 -31.36 13.88
C ALA A 237 10.17 -31.28 14.17
N ASP A 238 10.95 -31.61 13.14
N ASP A 238 10.96 -31.57 13.14
CA ASP A 238 12.37 -31.90 13.25
CA ASP A 238 12.38 -31.88 13.24
C ASP A 238 13.15 -30.67 13.71
C ASP A 238 13.21 -30.66 13.57
N GLY A 239 12.65 -29.47 13.40
CA GLY A 239 13.33 -28.20 13.69
C GLY A 239 13.23 -27.76 15.16
N VAL A 240 12.40 -28.47 15.95
CA VAL A 240 12.17 -28.10 17.35
C VAL A 240 12.49 -29.27 18.26
N LYS A 241 13.56 -30.01 17.93
CA LYS A 241 13.92 -31.09 18.84
C LYS A 241 14.93 -30.66 19.88
N SER A 242 15.53 -29.47 19.75
CA SER A 242 16.40 -28.98 20.83
C SER A 242 15.57 -28.63 22.06
N SER A 243 16.17 -28.74 23.26
CA SER A 243 15.54 -28.25 24.47
C SER A 243 15.84 -26.76 24.55
N ILE A 244 15.05 -26.08 25.37
CA ILE A 244 15.44 -24.72 25.74
C ILE A 244 16.71 -24.80 26.58
N GLY A 245 17.35 -23.67 26.71
CA GLY A 245 18.67 -23.64 27.38
C GLY A 245 18.81 -22.50 28.37
N LEU A 246 20.04 -22.33 28.89
CA LEU A 246 20.22 -21.45 30.02
C LEU A 246 20.03 -19.98 29.69
N ASN A 247 20.24 -19.61 28.42
CA ASN A 247 20.13 -18.20 28.10
C ASN A 247 18.69 -17.89 27.64
N THR A 248 17.97 -18.85 27.03
CA THR A 248 16.61 -18.51 26.60
C THR A 248 15.58 -18.77 27.70
N TRP A 249 15.86 -19.72 28.62
CA TRP A 249 14.87 -20.06 29.64
C TRP A 249 14.43 -18.86 30.49
N PRO A 250 15.32 -18.00 31.03
CA PRO A 250 14.85 -16.92 31.89
C PRO A 250 13.90 -15.95 31.17
N ILE A 251 14.17 -15.74 29.86
CA ILE A 251 13.29 -14.89 29.07
C ILE A 251 11.93 -15.50 28.91
N ILE A 252 11.90 -16.81 28.62
CA ILE A 252 10.65 -17.53 28.38
C ILE A 252 9.88 -17.62 29.69
N ARG A 253 10.59 -17.90 30.78
CA ARG A 253 9.89 -17.93 32.07
C ARG A 253 9.15 -16.62 32.34
N ASP A 254 9.82 -15.48 32.16
CA ASP A 254 9.28 -14.24 32.64
C ASP A 254 8.40 -13.53 31.60
N LEU A 255 8.63 -13.72 30.28
CA LEU A 255 8.04 -12.81 29.30
C LEU A 255 7.11 -13.53 28.33
N VAL A 256 7.02 -14.88 28.40
CA VAL A 256 6.09 -15.52 27.51
C VAL A 256 4.79 -15.84 28.29
N ASP A 257 3.65 -15.54 27.68
CA ASP A 257 2.35 -15.58 28.37
C ASP A 257 1.87 -17.00 28.58
N ASP A 258 2.03 -17.87 27.56
CA ASP A 258 1.48 -19.21 27.68
C ASP A 258 2.18 -20.13 26.69
N ILE A 259 2.03 -21.45 26.89
N ILE A 259 1.99 -21.44 26.86
CA ILE A 259 2.65 -22.45 26.03
CA ILE A 259 2.62 -22.43 26.00
C ILE A 259 1.54 -23.46 25.72
C ILE A 259 1.53 -23.46 25.72
N PHE A 260 1.39 -23.82 24.45
CA PHE A 260 0.39 -24.77 24.01
C PHE A 260 1.11 -25.93 23.36
N THR A 261 0.84 -27.15 23.84
CA THR A 261 1.45 -28.35 23.31
C THR A 261 0.47 -29.00 22.32
N VAL A 262 1.03 -29.66 21.29
CA VAL A 262 0.19 -30.24 20.26
C VAL A 262 0.70 -31.65 19.96
N THR A 263 -0.21 -32.53 19.64
CA THR A 263 0.19 -33.90 19.33
C THR A 263 0.75 -34.01 17.91
N GLU A 264 1.32 -35.18 17.63
CA GLU A 264 1.89 -35.41 16.30
C GLU A 264 0.75 -35.36 15.26
N ASP A 265 -0.44 -35.91 15.60
CA ASP A 265 -1.51 -35.91 14.62
C ASP A 265 -1.87 -34.44 14.38
N GLU A 266 -1.93 -33.63 15.43
CA GLU A 266 -2.36 -32.24 15.27
C GLU A 266 -1.36 -31.49 14.39
N ILE A 267 -0.07 -31.77 14.59
CA ILE A 267 0.94 -31.10 13.76
C ILE A 267 0.76 -31.51 12.30
N LYS A 268 0.59 -32.80 12.07
CA LYS A 268 0.38 -33.31 10.73
C LYS A 268 -0.86 -32.72 10.06
N CYS A 269 -2.00 -32.67 10.76
N CYS A 269 -2.00 -32.70 10.74
CA CYS A 269 -3.24 -32.17 10.17
CA CYS A 269 -3.26 -32.19 10.20
C CYS A 269 -3.10 -30.69 9.86
C CYS A 269 -3.09 -30.70 9.87
N ALA A 270 -2.44 -29.95 10.74
CA ALA A 270 -2.33 -28.51 10.54
C ALA A 270 -1.40 -28.29 9.35
N THR A 271 -0.32 -29.08 9.27
CA THR A 271 0.64 -28.89 8.17
C THR A 271 -0.10 -29.12 6.84
N GLN A 272 -0.86 -30.21 6.75
N GLN A 272 -0.90 -30.18 6.76
CA GLN A 272 -1.57 -30.54 5.51
CA GLN A 272 -1.59 -30.55 5.53
C GLN A 272 -2.60 -29.46 5.21
C GLN A 272 -2.62 -29.47 5.21
N LEU A 273 -3.24 -28.93 6.26
CA LEU A 273 -4.23 -27.87 6.05
C LEU A 273 -3.57 -26.64 5.41
N VAL A 274 -2.39 -26.26 5.92
CA VAL A 274 -1.72 -25.13 5.31
C VAL A 274 -1.30 -25.43 3.86
N TRP A 275 -0.76 -26.61 3.59
CA TRP A 275 -0.40 -26.97 2.21
C TRP A 275 -1.65 -26.88 1.31
N GLU A 276 -2.71 -27.59 1.71
CA GLU A 276 -3.87 -27.73 0.84
C GLU A 276 -4.67 -26.43 0.70
N ARG A 277 -4.86 -25.71 1.80
CA ARG A 277 -5.83 -24.62 1.78
C ARG A 277 -5.16 -23.26 1.71
N MET A 278 -3.87 -23.17 2.08
CA MET A 278 -3.13 -21.93 1.93
C MET A 278 -2.11 -21.99 0.78
N LYS A 279 -1.78 -23.17 0.27
CA LYS A 279 -0.85 -23.40 -0.83
C LYS A 279 0.53 -22.86 -0.42
N LEU A 280 0.87 -23.02 0.89
CA LEU A 280 2.21 -22.65 1.38
C LEU A 280 2.94 -23.94 1.75
N LEU A 281 4.17 -24.12 1.21
N LEU A 281 4.15 -24.17 1.23
CA LEU A 281 4.98 -25.29 1.51
CA LEU A 281 4.80 -25.45 1.55
C LEU A 281 5.74 -25.04 2.81
C LEU A 281 5.69 -25.28 2.78
N ILE A 282 5.00 -25.09 3.92
CA ILE A 282 5.72 -25.02 5.20
C ILE A 282 6.29 -26.40 5.56
N GLU A 283 7.39 -26.35 6.32
CA GLU A 283 7.86 -27.61 6.88
C GLU A 283 6.93 -27.91 8.08
N PRO A 284 6.81 -29.21 8.49
CA PRO A 284 5.93 -29.56 9.61
C PRO A 284 6.26 -28.83 10.92
N THR A 285 7.53 -28.45 11.12
CA THR A 285 7.84 -27.66 12.30
C THR A 285 7.09 -26.33 12.31
N ALA A 286 6.91 -25.73 11.13
CA ALA A 286 6.14 -24.50 11.07
C ALA A 286 4.64 -24.76 11.17
N GLY A 287 4.23 -26.02 11.07
CA GLY A 287 2.79 -26.31 11.31
C GLY A 287 2.45 -26.40 12.82
N VAL A 288 3.48 -26.38 13.69
CA VAL A 288 3.28 -26.46 15.14
C VAL A 288 2.44 -25.29 15.62
N GLY A 289 2.78 -24.06 15.18
CA GLY A 289 2.06 -22.88 15.66
C GLY A 289 0.62 -22.86 15.15
N VAL A 290 0.42 -23.39 13.94
CA VAL A 290 -0.92 -23.48 13.36
C VAL A 290 -1.71 -24.51 14.18
N ALA A 291 -1.09 -25.65 14.46
CA ALA A 291 -1.77 -26.62 15.30
C ALA A 291 -2.17 -26.01 16.65
N ALA A 292 -1.26 -25.21 17.24
CA ALA A 292 -1.56 -24.67 18.56
C ALA A 292 -2.84 -23.86 18.52
N VAL A 293 -2.97 -23.00 17.49
CA VAL A 293 -4.13 -22.12 17.48
C VAL A 293 -5.43 -22.90 17.20
N LEU A 294 -5.33 -24.05 16.52
CA LEU A 294 -6.47 -24.91 16.29
C LEU A 294 -6.80 -25.82 17.48
N SER A 295 -5.90 -25.91 18.46
CA SER A 295 -5.99 -26.88 19.53
C SER A 295 -7.11 -26.55 20.54
N GLN A 296 -7.55 -27.58 21.25
CA GLN A 296 -8.60 -27.39 22.26
C GLN A 296 -8.16 -26.38 23.32
N HIS A 297 -6.90 -26.45 23.78
CA HIS A 297 -6.49 -25.60 24.87
C HIS A 297 -6.46 -24.12 24.48
N PHE A 298 -6.18 -23.85 23.19
CA PHE A 298 -6.19 -22.46 22.76
C PHE A 298 -7.57 -21.82 22.89
N GLN A 299 -8.64 -22.61 23.04
CA GLN A 299 -9.95 -22.04 23.36
C GLN A 299 -10.01 -21.29 24.68
N THR A 300 -9.07 -21.54 25.60
CA THR A 300 -8.95 -20.76 26.84
C THR A 300 -8.43 -19.35 26.62
N VAL A 301 -7.86 -19.06 25.42
CA VAL A 301 -7.44 -17.71 25.16
C VAL A 301 -8.69 -16.81 25.05
N SER A 302 -8.65 -15.71 25.78
CA SER A 302 -9.71 -14.71 25.83
C SER A 302 -10.19 -14.35 24.44
N PRO A 303 -11.52 -14.18 24.27
CA PRO A 303 -12.04 -13.70 22.99
C PRO A 303 -11.53 -12.30 22.62
N GLU A 304 -11.00 -11.55 23.59
CA GLU A 304 -10.45 -10.21 23.33
C GLU A 304 -9.17 -10.32 22.50
N VAL A 305 -8.53 -11.51 22.54
CA VAL A 305 -7.30 -11.75 21.80
C VAL A 305 -7.71 -12.19 20.40
N LYS A 306 -7.93 -11.22 19.51
CA LYS A 306 -8.62 -11.53 18.28
C LYS A 306 -7.64 -11.65 17.12
N ASN A 307 -6.68 -10.72 17.09
CA ASN A 307 -5.77 -10.59 15.95
C ASN A 307 -4.47 -11.36 16.29
N ILE A 308 -4.26 -12.52 15.69
CA ILE A 308 -3.18 -13.39 16.15
C ILE A 308 -2.25 -13.60 14.93
N CYS A 309 -0.97 -13.33 15.14
CA CYS A 309 0.00 -13.56 14.08
C CYS A 309 0.82 -14.80 14.40
N ILE A 310 0.77 -15.79 13.50
CA ILE A 310 1.47 -17.08 13.67
C ILE A 310 2.71 -16.99 12.79
N VAL A 311 3.89 -17.30 13.40
CA VAL A 311 5.10 -17.35 12.60
C VAL A 311 5.22 -18.65 11.85
N LEU A 312 5.17 -18.61 10.50
CA LEU A 312 5.43 -19.83 9.68
C LEU A 312 6.94 -19.85 9.42
N SER A 313 7.65 -20.57 10.31
CA SER A 313 9.05 -20.37 10.55
C SER A 313 9.94 -20.92 9.44
N GLY A 314 9.49 -21.85 8.59
CA GLY A 314 10.42 -22.42 7.62
C GLY A 314 9.66 -23.18 6.53
N GLY A 315 10.37 -23.37 5.42
CA GLY A 315 9.78 -24.10 4.30
C GLY A 315 10.76 -25.18 3.78
N ASN A 316 11.74 -25.58 4.64
CA ASN A 316 12.77 -26.48 4.13
C ASN A 316 12.29 -27.93 4.29
N VAL A 317 11.40 -28.36 3.39
CA VAL A 317 10.84 -29.71 3.46
C VAL A 317 11.33 -30.53 2.27
N ASP A 318 11.64 -31.79 2.56
CA ASP A 318 12.02 -32.74 1.52
C ASP A 318 10.73 -33.31 0.93
N LEU A 319 10.47 -32.95 -0.33
CA LEU A 319 9.14 -33.08 -0.91
C LEU A 319 8.77 -34.55 -1.13
N THR A 320 9.67 -35.29 -1.78
CA THR A 320 9.44 -36.69 -2.14
C THR A 320 8.96 -37.47 -0.90
N SER A 321 9.73 -37.36 0.20
CA SER A 321 9.56 -38.23 1.36
C SER A 321 8.61 -37.64 2.40
N SER A 322 7.98 -36.50 2.11
CA SER A 322 7.14 -35.87 3.12
C SER A 322 5.64 -36.02 2.81
N ILE A 323 5.30 -36.75 1.73
CA ILE A 323 3.91 -37.05 1.42
C ILE A 323 3.49 -38.32 2.15
N THR A 324 4.46 -38.97 2.82
CA THR A 324 4.24 -40.26 3.46
C THR A 324 3.19 -40.15 4.57
N TRP A 325 3.28 -39.12 5.40
CA TRP A 325 2.36 -38.95 6.52
C TRP A 325 1.04 -38.30 6.10
N VAL A 326 0.97 -37.77 4.87
CA VAL A 326 -0.27 -37.23 4.33
C VAL A 326 -0.96 -38.30 3.49
N GLN B 4 -31.94 6.38 -22.95
CA GLN B 4 -30.73 6.80 -23.75
C GLN B 4 -30.51 8.30 -23.57
N TYR B 5 -29.42 8.61 -22.87
CA TYR B 5 -28.92 9.94 -22.55
C TYR B 5 -27.91 10.29 -23.63
N ASP B 6 -27.36 11.52 -23.55
CA ASP B 6 -26.37 12.01 -24.50
C ASP B 6 -25.03 11.29 -24.36
N ILE B 7 -24.78 10.68 -23.20
CA ILE B 7 -23.63 9.79 -23.03
C ILE B 7 -24.11 8.51 -22.39
N SER B 8 -23.24 7.49 -22.46
CA SER B 8 -23.40 6.28 -21.67
C SER B 8 -22.16 5.99 -20.83
N PHE B 9 -22.28 4.93 -20.00
CA PHE B 9 -21.11 4.53 -19.22
C PHE B 9 -19.96 4.16 -20.16
N ALA B 10 -20.28 3.45 -21.26
CA ALA B 10 -19.28 3.10 -22.25
C ALA B 10 -18.47 4.34 -22.69
N ASP B 11 -19.13 5.49 -22.88
CA ASP B 11 -18.42 6.69 -23.32
C ASP B 11 -17.49 7.20 -22.23
N VAL B 12 -17.88 6.98 -20.95
CA VAL B 12 -16.99 7.45 -19.87
C VAL B 12 -15.72 6.58 -19.86
N GLU B 13 -15.89 5.26 -20.06
CA GLU B 13 -14.69 4.45 -20.00
C GLU B 13 -13.81 4.77 -21.19
N LYS B 14 -14.44 5.01 -22.34
N LYS B 14 -14.44 5.00 -22.34
CA LYS B 14 -13.64 5.37 -23.51
CA LYS B 14 -13.65 5.37 -23.52
C LYS B 14 -12.86 6.66 -23.21
C LYS B 14 -12.87 6.65 -23.22
N ALA B 15 -13.52 7.59 -22.54
CA ALA B 15 -12.89 8.86 -22.21
C ALA B 15 -11.69 8.55 -21.32
N HIS B 16 -11.85 7.67 -20.31
CA HIS B 16 -10.72 7.40 -19.40
C HIS B 16 -9.52 6.84 -20.17
N ILE B 17 -9.78 5.88 -21.08
CA ILE B 17 -8.71 5.28 -21.88
C ILE B 17 -8.02 6.39 -22.69
N ASN B 18 -8.81 7.35 -23.22
N ASN B 18 -8.81 7.33 -23.24
CA ASN B 18 -8.31 8.40 -24.10
CA ASN B 18 -8.29 8.39 -24.09
C ASN B 18 -7.43 9.39 -23.35
C ASN B 18 -7.42 9.39 -23.33
N ILE B 19 -7.72 9.65 -22.05
CA ILE B 19 -7.02 10.75 -21.36
C ILE B 19 -6.01 10.27 -20.29
N ARG B 20 -6.07 9.00 -19.85
CA ARG B 20 -5.37 8.62 -18.62
C ARG B 20 -3.86 8.94 -18.68
N ASP B 21 -3.25 8.85 -19.87
CA ASP B 21 -1.80 9.01 -19.92
C ASP B 21 -1.40 10.50 -19.70
N SER B 22 -2.39 11.38 -19.67
CA SER B 22 -2.08 12.83 -19.65
C SER B 22 -2.70 13.56 -18.46
N ILE B 23 -3.46 12.86 -17.60
CA ILE B 23 -4.02 13.52 -16.42
C ILE B 23 -3.44 12.85 -15.19
N HIS B 24 -3.59 13.49 -14.00
CA HIS B 24 -3.19 12.86 -12.74
C HIS B 24 -4.35 12.04 -12.15
N LEU B 25 -4.04 10.83 -11.68
CA LEU B 25 -4.92 10.12 -10.76
C LEU B 25 -4.80 10.85 -9.44
N THR B 26 -5.68 11.82 -9.22
CA THR B 26 -5.50 12.71 -8.07
C THR B 26 -5.82 11.96 -6.77
N PRO B 27 -5.17 12.32 -5.61
CA PRO B 27 -5.38 11.57 -4.37
C PRO B 27 -6.70 11.86 -3.69
N VAL B 28 -7.12 10.91 -2.87
CA VAL B 28 -8.29 11.12 -2.03
C VAL B 28 -7.76 11.33 -0.61
N LEU B 29 -7.91 12.53 -0.06
CA LEU B 29 -7.40 12.82 1.28
C LEU B 29 -8.54 12.77 2.29
N THR B 30 -8.20 12.66 3.58
CA THR B 30 -9.18 12.71 4.64
C THR B 30 -8.79 13.78 5.64
N SER B 31 -9.72 14.12 6.55
CA SER B 31 -9.59 15.20 7.52
C SER B 31 -10.34 14.80 8.80
N SER B 32 -9.61 14.65 9.92
CA SER B 32 -10.36 14.29 11.14
C SER B 32 -11.30 15.41 11.57
N ILE B 33 -10.83 16.64 11.41
CA ILE B 33 -11.60 17.79 11.82
C ILE B 33 -12.91 17.79 11.05
N LEU B 34 -12.84 17.64 9.72
CA LEU B 34 -14.08 17.74 8.96
C LEU B 34 -15.04 16.59 9.30
N ASN B 35 -14.48 15.40 9.66
CA ASN B 35 -15.27 14.25 10.10
C ASN B 35 -16.02 14.62 11.40
N GLN B 36 -15.27 15.17 12.38
CA GLN B 36 -15.85 15.66 13.64
C GLN B 36 -17.01 16.61 13.35
N LEU B 37 -16.81 17.60 12.45
CA LEU B 37 -17.83 18.61 12.22
C LEU B 37 -19.09 18.08 11.54
N THR B 38 -18.98 17.01 10.73
CA THR B 38 -20.13 16.64 9.92
C THR B 38 -20.84 15.41 10.49
N GLY B 39 -20.16 14.68 11.35
CA GLY B 39 -20.67 13.39 11.77
C GLY B 39 -20.57 12.31 10.70
N ARG B 40 -19.73 12.50 9.67
CA ARG B 40 -19.63 11.53 8.59
C ARG B 40 -18.18 11.17 8.40
N ASN B 41 -17.96 10.21 7.50
N ASN B 41 -17.92 10.11 7.62
CA ASN B 41 -16.62 9.77 7.16
CA ASN B 41 -16.56 9.85 7.20
C ASN B 41 -16.27 10.35 5.79
C ASN B 41 -16.38 10.45 5.81
N LEU B 42 -15.58 11.50 5.74
CA LEU B 42 -15.42 12.24 4.46
C LEU B 42 -14.15 11.83 3.73
N PHE B 43 -14.20 11.91 2.40
CA PHE B 43 -13.07 11.61 1.53
C PHE B 43 -13.07 12.74 0.51
N PHE B 44 -11.89 13.33 0.25
CA PHE B 44 -11.85 14.50 -0.61
C PHE B 44 -11.07 14.12 -1.86
N LYS B 45 -11.78 14.15 -3.00
CA LYS B 45 -11.11 13.83 -4.25
C LYS B 45 -10.44 15.11 -4.76
N CYS B 46 -9.12 15.09 -4.82
CA CYS B 46 -8.39 16.37 -4.93
C CYS B 46 -8.14 16.81 -6.35
N GLU B 47 -9.24 17.19 -7.06
CA GLU B 47 -9.06 17.69 -8.42
C GLU B 47 -8.46 19.08 -8.42
N LEU B 48 -8.30 19.72 -7.26
CA LEU B 48 -7.47 20.96 -7.21
C LEU B 48 -6.01 20.70 -7.57
N PHE B 49 -5.56 19.45 -7.52
CA PHE B 49 -4.17 19.11 -7.87
C PHE B 49 -4.09 18.59 -9.31
N GLN B 50 -5.19 18.63 -10.06
CA GLN B 50 -5.19 18.11 -11.43
C GLN B 50 -4.41 19.05 -12.34
N LYS B 51 -3.93 18.51 -13.48
CA LYS B 51 -3.30 19.40 -14.48
C LYS B 51 -4.24 20.57 -14.82
N THR B 52 -3.72 21.79 -14.90
CA THR B 52 -4.44 23.04 -15.14
C THR B 52 -5.19 23.61 -13.92
N GLY B 53 -5.19 22.90 -12.81
CA GLY B 53 -5.77 23.38 -11.56
C GLY B 53 -7.26 23.05 -11.36
N SER B 54 -7.84 22.24 -12.28
CA SER B 54 -9.24 21.84 -12.12
C SER B 54 -9.46 20.51 -12.83
N PHE B 55 -10.62 19.91 -12.60
CA PHE B 55 -10.96 18.65 -13.27
C PHE B 55 -11.22 18.86 -14.77
N LYS B 56 -11.46 20.11 -15.22
CA LYS B 56 -11.97 20.35 -16.59
C LYS B 56 -11.00 19.86 -17.68
N ILE B 57 -9.72 19.64 -17.36
CA ILE B 57 -8.83 19.03 -18.36
C ILE B 57 -9.37 17.65 -18.80
N ARG B 58 -10.14 16.96 -17.92
CA ARG B 58 -10.66 15.64 -18.29
C ARG B 58 -11.55 15.75 -19.52
N GLY B 59 -12.61 16.57 -19.43
CA GLY B 59 -13.52 16.74 -20.56
C GLY B 59 -12.86 17.46 -21.72
N ALA B 60 -11.98 18.43 -21.43
CA ALA B 60 -11.37 19.16 -22.53
C ALA B 60 -10.50 18.23 -23.37
N LEU B 61 -9.65 17.45 -22.69
CA LEU B 61 -8.76 16.57 -23.45
C LEU B 61 -9.57 15.49 -24.18
N ASN B 62 -10.63 15.00 -23.55
CA ASN B 62 -11.44 13.99 -24.23
C ASN B 62 -12.06 14.59 -25.50
N ALA B 63 -12.46 15.88 -25.44
CA ALA B 63 -13.10 16.47 -26.60
C ALA B 63 -12.05 16.64 -27.71
N VAL B 64 -10.86 17.08 -27.34
CA VAL B 64 -9.85 17.41 -28.35
C VAL B 64 -9.37 16.11 -29.01
N ARG B 65 -9.18 15.06 -28.21
CA ARG B 65 -8.70 13.78 -28.72
C ARG B 65 -9.80 12.89 -29.33
N SER B 66 -11.08 13.19 -29.07
N SER B 66 -11.08 13.20 -29.07
CA SER B 66 -12.18 12.40 -29.62
CA SER B 66 -12.21 12.56 -29.72
C SER B 66 -12.86 13.12 -30.78
C SER B 66 -12.59 13.31 -31.00
N LEU B 67 -12.61 14.43 -30.91
N LEU B 67 -12.91 14.60 -30.86
CA LEU B 67 -13.24 15.25 -31.93
CA LEU B 67 -13.43 15.44 -31.94
C LEU B 67 -12.15 15.78 -32.88
C LEU B 67 -12.28 15.83 -32.89
N PRO B 76 -10.07 19.21 -36.07
CA PRO B 76 -9.53 20.22 -37.01
C PRO B 76 -8.28 20.97 -36.55
N LYS B 77 -8.14 22.20 -37.05
CA LYS B 77 -6.89 22.92 -37.11
C LYS B 77 -6.67 23.77 -35.86
N ALA B 78 -7.74 23.94 -35.05
CA ALA B 78 -7.69 24.80 -33.87
C ALA B 78 -8.88 24.53 -32.93
N VAL B 79 -8.75 24.84 -31.64
CA VAL B 79 -9.88 24.90 -30.73
C VAL B 79 -10.14 26.34 -30.31
N VAL B 80 -11.41 26.68 -30.05
CA VAL B 80 -11.81 28.03 -29.67
C VAL B 80 -12.84 27.89 -28.55
N THR B 81 -12.88 28.84 -27.60
N THR B 81 -12.88 28.83 -27.60
CA THR B 81 -13.95 28.94 -26.61
CA THR B 81 -13.94 28.94 -26.60
C THR B 81 -13.94 30.38 -26.10
C THR B 81 -13.94 30.38 -26.10
N HIS B 82 -15.09 30.85 -25.59
CA HIS B 82 -15.18 32.17 -24.99
C HIS B 82 -15.06 32.04 -23.47
N SER B 83 -13.95 31.40 -23.03
CA SER B 83 -13.73 31.10 -21.61
C SER B 83 -12.34 31.58 -21.15
N SER B 84 -12.33 32.48 -20.19
CA SER B 84 -11.08 32.92 -19.59
C SER B 84 -10.79 32.06 -18.35
N GLY B 85 -11.79 31.23 -17.99
CA GLY B 85 -11.77 30.53 -16.70
C GLY B 85 -11.19 29.14 -16.82
N ASN B 86 -11.57 28.28 -15.86
CA ASN B 86 -11.05 26.91 -15.85
C ASN B 86 -11.15 26.19 -17.20
N HIS B 87 -12.31 26.35 -17.91
CA HIS B 87 -12.49 25.66 -19.17
C HIS B 87 -11.45 26.10 -20.19
N GLY B 88 -11.15 27.41 -20.24
CA GLY B 88 -10.22 27.92 -21.22
C GLY B 88 -8.82 27.46 -20.90
N GLN B 89 -8.55 27.44 -19.62
N GLN B 89 -8.52 27.45 -19.63
CA GLN B 89 -7.23 27.00 -19.25
CA GLN B 89 -7.22 26.98 -19.25
C GLN B 89 -7.11 25.51 -19.61
C GLN B 89 -7.11 25.50 -19.62
N ALA B 90 -8.19 24.74 -19.40
CA ALA B 90 -8.07 23.31 -19.63
C ALA B 90 -7.96 23.06 -21.15
N LEU B 91 -8.77 23.78 -21.93
CA LEU B 91 -8.84 23.57 -23.36
C LEU B 91 -7.52 24.01 -24.00
N THR B 92 -6.93 25.10 -23.46
CA THR B 92 -5.62 25.56 -23.96
C THR B 92 -4.56 24.47 -23.80
N TYR B 93 -4.53 23.82 -22.61
CA TYR B 93 -3.55 22.77 -22.36
C TYR B 93 -3.83 21.51 -23.19
N ALA B 94 -5.11 21.12 -23.31
CA ALA B 94 -5.44 19.97 -24.16
C ALA B 94 -4.91 20.22 -25.58
N ALA B 95 -5.10 21.46 -26.08
CA ALA B 95 -4.71 21.78 -27.45
C ALA B 95 -3.19 21.66 -27.55
N LYS B 96 -2.47 22.11 -26.52
CA LYS B 96 -1.02 22.05 -26.53
C LYS B 96 -0.56 20.59 -26.57
N LEU B 97 -1.16 19.69 -25.79
CA LEU B 97 -0.79 18.28 -25.83
C LEU B 97 -1.00 17.69 -27.23
N GLU B 98 -1.97 18.22 -27.98
CA GLU B 98 -2.31 17.68 -29.28
C GLU B 98 -1.56 18.41 -30.40
N GLY B 99 -0.81 19.49 -30.06
CA GLY B 99 -0.11 20.29 -31.07
C GLY B 99 -1.05 21.13 -31.93
N ILE B 100 -2.13 21.69 -31.36
CA ILE B 100 -3.00 22.58 -32.11
C ILE B 100 -3.10 23.92 -31.37
N PRO B 101 -3.23 25.05 -32.08
CA PRO B 101 -3.47 26.35 -31.41
C PRO B 101 -4.84 26.42 -30.74
N ALA B 102 -4.88 27.13 -29.62
CA ALA B 102 -6.12 27.40 -28.89
C ALA B 102 -6.38 28.90 -28.95
N TYR B 103 -7.62 29.28 -29.32
CA TYR B 103 -8.04 30.67 -29.29
C TYR B 103 -9.07 30.88 -28.19
N ILE B 104 -8.82 31.92 -27.36
CA ILE B 104 -9.73 32.32 -26.30
C ILE B 104 -10.37 33.64 -26.71
N VAL B 105 -11.72 33.68 -26.71
CA VAL B 105 -12.45 34.85 -27.18
C VAL B 105 -12.74 35.72 -25.96
N VAL B 106 -11.86 36.70 -25.71
CA VAL B 106 -12.04 37.61 -24.58
C VAL B 106 -12.82 38.87 -25.01
N PRO B 107 -13.72 39.45 -24.17
CA PRO B 107 -14.25 40.79 -24.44
C PRO B 107 -13.10 41.78 -24.27
N GLN B 108 -13.10 42.88 -25.03
CA GLN B 108 -12.00 43.84 -24.97
C GLN B 108 -12.08 44.65 -23.67
N THR B 109 -13.22 44.54 -22.99
CA THR B 109 -13.43 45.16 -21.69
C THR B 109 -12.66 44.43 -20.59
N ALA B 110 -12.60 43.09 -20.67
CA ALA B 110 -12.04 42.28 -19.60
C ALA B 110 -10.74 42.94 -19.11
N PRO B 111 -10.38 42.83 -17.80
CA PRO B 111 -9.23 43.54 -17.23
C PRO B 111 -7.95 43.15 -17.95
N ASP B 112 -6.93 44.02 -17.93
CA ASP B 112 -5.66 43.70 -18.56
C ASP B 112 -5.03 42.46 -17.92
N CYS B 113 -5.17 42.30 -16.59
CA CYS B 113 -4.55 41.19 -15.89
C CYS B 113 -5.06 39.83 -16.38
N LYS B 114 -6.37 39.72 -16.64
CA LYS B 114 -6.98 38.49 -17.18
C LYS B 114 -6.38 38.17 -18.55
N LYS B 115 -6.23 39.21 -19.38
CA LYS B 115 -5.69 39.09 -20.73
C LYS B 115 -4.26 38.54 -20.66
N LEU B 116 -3.46 39.09 -19.74
CA LEU B 116 -2.06 38.69 -19.56
C LEU B 116 -1.96 37.23 -19.10
N ALA B 117 -2.80 36.84 -18.13
CA ALA B 117 -2.77 35.49 -17.58
C ALA B 117 -3.16 34.46 -18.64
N ILE B 118 -4.16 34.78 -19.47
CA ILE B 118 -4.65 33.86 -20.50
C ILE B 118 -3.53 33.62 -21.50
N GLN B 119 -2.75 34.68 -21.79
CA GLN B 119 -1.69 34.58 -22.78
C GLN B 119 -0.54 33.80 -22.16
N ALA B 120 -0.29 34.08 -20.88
CA ALA B 120 0.81 33.48 -20.16
C ALA B 120 0.62 31.96 -20.06
N TYR B 121 -0.62 31.46 -20.18
CA TYR B 121 -0.82 30.03 -20.18
C TYR B 121 -0.71 29.44 -21.59
N GLY B 122 -0.43 30.29 -22.60
CA GLY B 122 -0.17 29.80 -23.96
C GLY B 122 -1.29 30.08 -24.97
N ALA B 123 -2.39 30.69 -24.52
CA ALA B 123 -3.53 30.87 -25.44
C ALA B 123 -3.24 32.04 -26.39
N SER B 124 -3.94 32.10 -27.54
CA SER B 124 -3.87 33.26 -28.41
C SER B 124 -5.18 34.03 -28.26
N ILE B 125 -5.06 35.35 -28.05
CA ILE B 125 -6.22 36.14 -27.67
C ILE B 125 -6.93 36.70 -28.91
N VAL B 126 -8.28 36.67 -28.90
CA VAL B 126 -9.11 37.31 -29.89
C VAL B 126 -10.18 38.11 -29.13
N TYR B 127 -10.49 39.35 -29.58
CA TYR B 127 -11.35 40.25 -28.81
C TYR B 127 -12.77 40.41 -29.36
N CYS B 128 -13.78 40.44 -28.47
CA CYS B 128 -15.18 40.63 -28.85
C CYS B 128 -15.79 41.79 -28.05
N GLU B 129 -17.06 42.14 -28.33
CA GLU B 129 -17.76 43.10 -27.49
C GLU B 129 -18.17 42.41 -26.18
N PRO B 130 -18.36 43.16 -25.07
CA PRO B 130 -18.83 42.55 -23.82
C PRO B 130 -20.32 42.23 -23.80
N SER B 131 -20.79 41.41 -24.74
CA SER B 131 -22.14 40.87 -24.70
C SER B 131 -22.12 39.34 -24.82
N ASP B 132 -23.30 38.72 -24.89
CA ASP B 132 -23.39 37.30 -25.16
C ASP B 132 -23.29 37.06 -26.67
N GLU B 133 -23.96 37.92 -27.45
CA GLU B 133 -24.06 37.81 -28.90
C GLU B 133 -22.68 37.93 -29.54
N SER B 134 -21.89 38.92 -29.07
CA SER B 134 -20.58 39.18 -29.65
C SER B 134 -19.57 38.09 -29.26
N ARG B 135 -19.62 37.62 -28.01
CA ARG B 135 -18.69 36.61 -27.51
C ARG B 135 -18.85 35.37 -28.37
N GLU B 136 -20.12 34.99 -28.55
CA GLU B 136 -20.56 33.88 -29.39
C GLU B 136 -20.11 34.11 -30.83
N ASN B 137 -20.54 35.23 -31.41
CA ASN B 137 -20.30 35.57 -32.80
C ASN B 137 -18.78 35.62 -33.11
N VAL B 138 -18.00 36.34 -32.32
CA VAL B 138 -16.57 36.41 -32.57
C VAL B 138 -15.95 35.01 -32.50
N ALA B 139 -16.34 34.21 -31.49
CA ALA B 139 -15.77 32.88 -31.32
C ALA B 139 -16.11 32.05 -32.54
N LYS B 140 -17.33 32.20 -33.05
CA LYS B 140 -17.77 31.43 -34.20
C LYS B 140 -17.01 31.90 -35.45
N ARG B 141 -16.81 33.23 -35.58
CA ARG B 141 -16.05 33.82 -36.68
C ARG B 141 -14.64 33.24 -36.69
N VAL B 142 -14.01 33.14 -35.51
CA VAL B 142 -12.66 32.62 -35.45
C VAL B 142 -12.68 31.11 -35.70
N THR B 143 -13.69 30.40 -35.19
N THR B 143 -13.71 30.40 -35.18
CA THR B 143 -13.79 28.98 -35.48
CA THR B 143 -13.85 28.97 -35.42
C THR B 143 -13.91 28.73 -36.98
C THR B 143 -13.96 28.71 -36.92
N GLU B 144 -14.71 29.56 -37.66
N GLU B 144 -14.70 29.58 -37.62
CA GLU B 144 -14.92 29.40 -39.10
CA GLU B 144 -14.90 29.41 -39.05
C GLU B 144 -13.60 29.67 -39.84
C GLU B 144 -13.61 29.67 -39.83
N GLU B 145 -12.92 30.78 -39.53
CA GLU B 145 -11.70 31.13 -40.26
C GLU B 145 -10.51 30.22 -39.93
N THR B 146 -10.51 29.58 -38.75
CA THR B 146 -9.38 28.75 -38.39
C THR B 146 -9.64 27.30 -38.80
N GLU B 147 -10.86 27.03 -39.28
CA GLU B 147 -11.34 25.69 -39.52
C GLU B 147 -11.24 24.89 -38.23
N GLY B 148 -11.55 25.53 -37.10
CA GLY B 148 -11.37 24.89 -35.82
C GLY B 148 -12.70 24.41 -35.27
N ILE B 149 -12.68 23.99 -34.00
CA ILE B 149 -13.91 23.55 -33.33
C ILE B 149 -14.02 24.31 -32.02
N MET B 150 -15.25 24.68 -31.66
CA MET B 150 -15.48 25.20 -30.34
C MET B 150 -15.82 24.01 -29.45
N VAL B 151 -15.45 24.11 -28.20
CA VAL B 151 -15.74 23.06 -27.23
C VAL B 151 -16.55 23.72 -26.11
N HIS B 152 -17.84 23.35 -26.03
CA HIS B 152 -18.73 23.83 -25.00
C HIS B 152 -18.24 23.33 -23.63
N PRO B 153 -18.29 24.17 -22.57
CA PRO B 153 -17.79 23.79 -21.25
C PRO B 153 -18.54 22.70 -20.51
N ASN B 154 -19.80 22.41 -20.91
CA ASN B 154 -20.56 21.49 -20.09
C ASN B 154 -21.61 20.70 -20.87
N GLN B 155 -21.98 21.11 -22.10
CA GLN B 155 -23.03 20.38 -22.83
C GLN B 155 -22.52 19.44 -23.91
N GLU B 156 -21.24 19.57 -24.29
CA GLU B 156 -20.69 18.72 -25.33
C GLU B 156 -20.52 17.30 -24.79
N PRO B 157 -21.11 16.26 -25.43
CA PRO B 157 -21.09 14.93 -24.83
C PRO B 157 -19.67 14.45 -24.51
N ALA B 158 -18.66 14.72 -25.38
CA ALA B 158 -17.30 14.26 -25.07
C ALA B 158 -16.79 14.92 -23.78
N VAL B 159 -17.24 16.16 -23.52
CA VAL B 159 -16.81 16.83 -22.29
C VAL B 159 -17.45 16.16 -21.09
N ILE B 160 -18.74 15.86 -21.20
CA ILE B 160 -19.48 15.28 -20.08
C ILE B 160 -18.88 13.89 -19.76
N ALA B 161 -18.58 13.15 -20.82
CA ALA B 161 -18.00 11.80 -20.61
C ALA B 161 -16.64 11.94 -19.91
N GLY B 162 -15.80 12.91 -20.39
CA GLY B 162 -14.50 13.08 -19.75
C GLY B 162 -14.68 13.41 -18.25
N GLN B 163 -15.63 14.27 -17.90
CA GLN B 163 -15.72 14.65 -16.48
C GLN B 163 -16.15 13.45 -15.64
N GLY B 164 -16.94 12.56 -16.23
CA GLY B 164 -17.40 11.40 -15.51
C GLY B 164 -16.27 10.50 -15.04
N THR B 165 -15.09 10.63 -15.69
CA THR B 165 -13.97 9.79 -15.26
C THR B 165 -13.57 10.03 -13.80
N ILE B 166 -13.90 11.23 -13.25
CA ILE B 166 -13.72 11.39 -11.80
C ILE B 166 -14.33 10.23 -11.01
N ALA B 167 -15.55 9.82 -11.40
CA ALA B 167 -16.25 8.81 -10.64
C ALA B 167 -15.56 7.44 -10.76
N LEU B 168 -14.94 7.13 -11.91
CA LEU B 168 -14.28 5.84 -12.05
C LEU B 168 -13.18 5.76 -11.02
N GLU B 169 -12.46 6.85 -10.88
CA GLU B 169 -11.38 6.87 -9.91
C GLU B 169 -11.93 6.79 -8.49
N VAL B 170 -12.91 7.65 -8.15
CA VAL B 170 -13.35 7.71 -6.77
C VAL B 170 -13.85 6.28 -6.40
N LEU B 171 -14.62 5.62 -7.28
CA LEU B 171 -15.19 4.32 -6.89
C LEU B 171 -14.06 3.31 -6.63
N ASN B 172 -13.00 3.41 -7.42
CA ASN B 172 -11.85 2.49 -7.27
C ASN B 172 -11.05 2.86 -6.03
N GLN B 173 -10.92 4.16 -5.74
CA GLN B 173 -10.10 4.66 -4.64
C GLN B 173 -10.78 4.55 -3.28
N VAL B 174 -12.10 4.53 -3.26
CA VAL B 174 -12.89 4.52 -2.02
C VAL B 174 -13.93 3.40 -2.15
N PRO B 175 -13.51 2.13 -2.02
CA PRO B 175 -14.45 1.04 -2.26
C PRO B 175 -15.71 1.04 -1.40
N LEU B 176 -15.67 1.62 -0.19
CA LEU B 176 -16.83 1.65 0.68
C LEU B 176 -17.62 2.95 0.57
N VAL B 177 -17.33 3.78 -0.44
CA VAL B 177 -18.06 5.03 -0.56
C VAL B 177 -19.58 4.80 -0.64
N ASP B 178 -20.33 5.65 0.07
CA ASP B 178 -21.80 5.59 0.05
C ASP B 178 -22.42 6.76 -0.73
N ALA B 179 -21.66 7.85 -0.99
CA ALA B 179 -22.25 8.94 -1.75
C ALA B 179 -21.12 9.81 -2.32
N LEU B 180 -21.38 10.47 -3.45
CA LEU B 180 -20.47 11.51 -3.97
C LEU B 180 -21.21 12.82 -3.92
N VAL B 181 -20.49 13.91 -3.59
CA VAL B 181 -21.08 15.24 -3.52
C VAL B 181 -20.33 16.08 -4.54
N VAL B 182 -21.10 16.72 -5.42
CA VAL B 182 -20.52 17.26 -6.62
C VAL B 182 -21.01 18.69 -6.77
N PRO B 183 -20.17 19.73 -6.91
CA PRO B 183 -20.72 21.07 -7.23
C PRO B 183 -21.24 21.11 -8.66
N VAL B 184 -22.36 21.83 -8.89
CA VAL B 184 -23.00 21.85 -10.19
C VAL B 184 -23.15 23.27 -10.69
N GLY B 185 -22.67 23.46 -11.94
CA GLY B 185 -23.01 24.66 -12.71
C GLY B 185 -23.76 24.23 -13.98
N GLY B 186 -23.03 24.06 -15.09
CA GLY B 186 -23.65 23.52 -16.29
C GLY B 186 -24.01 22.04 -16.14
N GLY B 187 -23.43 21.33 -15.16
CA GLY B 187 -23.78 19.93 -14.90
C GLY B 187 -23.04 18.94 -15.80
N GLY B 188 -21.94 19.34 -16.43
CA GLY B 188 -21.15 18.33 -17.11
C GLY B 188 -20.53 17.33 -16.13
N MET B 189 -19.93 17.89 -15.09
CA MET B 189 -19.33 17.02 -14.12
C MET B 189 -20.41 16.20 -13.42
N LEU B 190 -21.46 16.88 -12.96
CA LEU B 190 -22.45 16.09 -12.25
C LEU B 190 -23.08 15.00 -13.12
N ALA B 191 -23.42 15.32 -14.39
CA ALA B 191 -24.07 14.34 -15.23
C ALA B 191 -23.09 13.19 -15.57
N GLY B 192 -21.80 13.50 -15.87
CA GLY B 192 -20.88 12.40 -16.18
C GLY B 192 -20.68 11.47 -14.94
N ILE B 193 -20.63 12.08 -13.75
CA ILE B 193 -20.44 11.31 -12.53
C ILE B 193 -21.69 10.48 -12.29
N ALA B 194 -22.88 11.08 -12.51
CA ALA B 194 -24.11 10.32 -12.21
C ALA B 194 -24.20 9.09 -13.13
N ILE B 195 -23.96 9.26 -14.43
CA ILE B 195 -23.99 8.15 -15.41
C ILE B 195 -23.11 7.04 -14.88
N THR B 196 -21.95 7.43 -14.36
CA THR B 196 -20.91 6.44 -14.07
C THR B 196 -21.31 5.68 -12.82
N VAL B 197 -21.66 6.42 -11.76
CA VAL B 197 -22.00 5.79 -10.50
C VAL B 197 -23.23 4.91 -10.68
N LYS B 198 -24.25 5.39 -11.40
CA LYS B 198 -25.47 4.58 -11.47
C LYS B 198 -25.30 3.36 -12.38
N ALA B 199 -24.36 3.39 -13.32
CA ALA B 199 -24.06 2.25 -14.17
C ALA B 199 -23.35 1.19 -13.34
N LEU B 200 -22.46 1.66 -12.45
CA LEU B 200 -21.53 0.76 -11.78
C LEU B 200 -22.05 0.25 -10.44
N LYS B 201 -22.67 1.14 -9.69
CA LYS B 201 -23.04 0.79 -8.35
C LYS B 201 -24.14 1.73 -7.91
N PRO B 202 -25.38 1.51 -8.38
CA PRO B 202 -26.42 2.50 -8.15
C PRO B 202 -26.89 2.70 -6.73
N SER B 203 -26.47 1.83 -5.81
CA SER B 203 -26.80 2.07 -4.41
C SER B 203 -26.02 3.30 -3.89
N VAL B 204 -24.95 3.69 -4.61
CA VAL B 204 -24.15 4.84 -4.17
C VAL B 204 -24.92 6.11 -4.54
N LYS B 205 -25.11 6.99 -3.58
CA LYS B 205 -25.84 8.23 -3.83
C LYS B 205 -24.98 9.21 -4.63
N VAL B 206 -25.65 9.98 -5.48
CA VAL B 206 -25.01 11.10 -6.15
C VAL B 206 -25.76 12.36 -5.73
N TYR B 207 -25.03 13.31 -5.10
CA TYR B 207 -25.67 14.51 -4.60
C TYR B 207 -25.04 15.73 -5.23
N ALA B 208 -25.87 16.73 -5.61
CA ALA B 208 -25.29 17.95 -6.18
C ALA B 208 -25.27 19.04 -5.12
N ALA B 209 -24.34 19.98 -5.30
CA ALA B 209 -24.23 21.11 -4.37
C ALA B 209 -24.23 22.38 -5.23
N GLU B 210 -25.04 23.37 -4.82
CA GLU B 210 -25.20 24.51 -5.72
C GLU B 210 -25.39 25.74 -4.85
N PRO B 211 -24.90 26.92 -5.27
CA PRO B 211 -25.19 28.16 -4.52
C PRO B 211 -26.68 28.48 -4.62
N SER B 212 -27.25 28.84 -3.46
CA SER B 212 -28.63 29.25 -3.44
C SER B 212 -28.87 30.48 -4.34
N ASN B 213 -27.84 31.32 -4.53
CA ASN B 213 -27.90 32.47 -5.44
C ASN B 213 -27.97 32.07 -6.92
N ALA B 214 -27.71 30.80 -7.23
CA ALA B 214 -27.76 30.37 -8.63
C ALA B 214 -28.45 29.00 -8.66
N ASP B 215 -29.72 28.95 -8.24
CA ASP B 215 -30.26 27.65 -7.81
C ASP B 215 -31.12 27.02 -8.93
N ASP B 216 -30.71 27.14 -10.19
CA ASP B 216 -31.46 26.56 -11.29
C ASP B 216 -31.51 25.02 -11.25
N CYS B 217 -30.44 24.38 -10.77
CA CYS B 217 -30.48 22.93 -10.78
C CYS B 217 -31.51 22.47 -9.74
N TYR B 218 -31.49 23.09 -8.54
CA TYR B 218 -32.47 22.78 -7.51
C TYR B 218 -33.89 23.06 -8.03
N GLN B 219 -34.10 24.24 -8.61
CA GLN B 219 -35.46 24.61 -9.04
C GLN B 219 -35.92 23.63 -10.11
N SER B 220 -35.03 23.27 -11.04
CA SER B 220 -35.34 22.33 -12.11
C SER B 220 -35.84 21.01 -11.55
N LYS B 221 -35.05 20.48 -10.61
CA LYS B 221 -35.44 19.25 -9.96
C LYS B 221 -36.77 19.43 -9.22
N LEU B 222 -36.98 20.60 -8.61
CA LEU B 222 -38.22 20.80 -7.86
C LEU B 222 -39.44 20.81 -8.81
N LYS B 223 -39.29 21.48 -9.97
CA LYS B 223 -40.39 21.68 -10.91
C LYS B 223 -40.51 20.48 -11.82
N GLY B 224 -39.47 19.64 -11.92
CA GLY B 224 -39.45 18.52 -12.84
C GLY B 224 -39.33 18.97 -14.31
N LYS B 225 -38.74 20.14 -14.51
CA LYS B 225 -38.58 20.67 -15.85
C LYS B 225 -37.34 21.54 -15.83
N LEU B 226 -36.69 21.69 -16.97
CA LEU B 226 -35.50 22.52 -17.04
C LEU B 226 -35.88 24.01 -16.91
N MET B 227 -35.35 24.64 -15.86
CA MET B 227 -35.60 26.03 -15.51
C MET B 227 -34.26 26.77 -15.37
N PRO B 228 -33.65 27.28 -16.46
CA PRO B 228 -32.35 27.95 -16.34
C PRO B 228 -32.48 29.24 -15.49
N ASN B 229 -31.37 29.77 -15.00
CA ASN B 229 -31.37 31.09 -14.38
C ASN B 229 -31.84 32.12 -15.41
N LEU B 230 -32.73 32.99 -14.96
CA LEU B 230 -33.32 34.04 -15.83
C LEU B 230 -32.30 35.15 -16.10
N TYR B 231 -31.46 35.42 -15.10
N TYR B 231 -31.45 35.42 -15.09
CA TYR B 231 -30.41 36.41 -15.20
CA TYR B 231 -30.44 36.47 -15.09
C TYR B 231 -29.09 35.82 -14.73
C TYR B 231 -29.10 35.85 -14.70
N PRO B 232 -27.96 36.40 -15.18
CA PRO B 232 -26.63 36.00 -14.71
C PRO B 232 -26.62 36.06 -13.19
N PRO B 233 -26.27 34.93 -12.53
CA PRO B 233 -26.25 34.92 -11.07
C PRO B 233 -25.06 35.68 -10.50
N GLU B 234 -25.21 36.14 -9.27
N GLU B 234 -25.24 36.15 -9.27
CA GLU B 234 -24.08 36.76 -8.59
CA GLU B 234 -24.19 36.75 -8.47
C GLU B 234 -23.71 35.81 -7.46
C GLU B 234 -23.75 35.69 -7.46
N THR B 235 -22.49 35.24 -7.54
CA THR B 235 -22.01 34.30 -6.54
C THR B 235 -20.48 34.34 -6.57
N ILE B 236 -19.88 34.10 -5.40
N ILE B 236 -19.89 34.07 -5.39
CA ILE B 236 -18.43 33.97 -5.30
CA ILE B 236 -18.45 33.96 -5.25
C ILE B 236 -18.00 32.69 -6.01
C ILE B 236 -17.97 32.62 -5.81
N ALA B 237 -18.92 31.71 -6.12
CA ALA B 237 -18.58 30.41 -6.72
C ALA B 237 -18.60 30.60 -8.22
N ASP B 238 -17.56 31.31 -8.70
N ASP B 238 -17.54 31.25 -8.71
CA ASP B 238 -17.52 31.83 -10.07
CA ASP B 238 -17.54 31.82 -10.05
C ASP B 238 -17.62 30.71 -11.10
C ASP B 238 -17.43 30.74 -11.12
N GLY B 239 -17.14 29.49 -10.76
CA GLY B 239 -17.11 28.37 -11.71
C GLY B 239 -18.47 27.66 -11.91
N VAL B 240 -19.51 28.05 -11.15
CA VAL B 240 -20.83 27.42 -11.31
C VAL B 240 -21.92 28.46 -11.60
N LYS B 241 -21.58 29.44 -12.44
CA LYS B 241 -22.55 30.44 -12.85
C LYS B 241 -23.41 29.98 -14.02
N SER B 242 -22.95 28.99 -14.81
CA SER B 242 -23.72 28.45 -15.91
C SER B 242 -24.98 27.75 -15.38
N SER B 243 -26.07 27.79 -16.18
CA SER B 243 -27.22 26.96 -15.92
C SER B 243 -26.96 25.56 -16.46
N ILE B 244 -27.73 24.60 -15.92
CA ILE B 244 -27.77 23.29 -16.57
C ILE B 244 -28.43 23.44 -17.96
N GLY B 245 -28.22 22.47 -18.82
CA GLY B 245 -28.69 22.60 -20.21
C GLY B 245 -29.33 21.31 -20.68
N LEU B 246 -29.72 21.22 -21.96
CA LEU B 246 -30.54 20.11 -22.44
C LEU B 246 -29.81 18.77 -22.49
N ASN B 247 -28.46 18.80 -22.51
CA ASN B 247 -27.74 17.52 -22.55
C ASN B 247 -27.49 16.99 -21.13
N THR B 248 -27.40 17.88 -20.13
CA THR B 248 -27.07 17.40 -18.81
C THR B 248 -28.34 17.30 -17.95
N TRP B 249 -29.38 18.10 -18.27
CA TRP B 249 -30.58 17.99 -17.42
C TRP B 249 -31.20 16.59 -17.36
N PRO B 250 -31.46 15.89 -18.48
CA PRO B 250 -32.13 14.58 -18.41
C PRO B 250 -31.40 13.63 -17.45
N ILE B 251 -30.05 13.62 -17.51
CA ILE B 251 -29.29 12.76 -16.62
C ILE B 251 -29.48 13.16 -15.16
N ILE B 252 -29.43 14.47 -14.91
CA ILE B 252 -29.56 14.99 -13.54
C ILE B 252 -30.95 14.70 -13.00
N ARG B 253 -31.96 14.95 -13.83
CA ARG B 253 -33.33 14.67 -13.39
C ARG B 253 -33.52 13.20 -12.97
N ASP B 254 -32.95 12.27 -13.73
CA ASP B 254 -33.24 10.84 -13.49
C ASP B 254 -32.24 10.17 -12.56
N LEU B 255 -30.95 10.64 -12.51
CA LEU B 255 -29.91 9.82 -11.85
C LEU B 255 -29.25 10.54 -10.67
N VAL B 256 -29.62 11.80 -10.39
CA VAL B 256 -29.09 12.51 -9.24
C VAL B 256 -30.12 12.42 -8.10
N ASP B 257 -29.64 12.01 -6.94
CA ASP B 257 -30.49 11.65 -5.81
C ASP B 257 -31.03 12.91 -5.12
N ASP B 258 -30.23 13.98 -5.01
CA ASP B 258 -30.66 15.18 -4.30
C ASP B 258 -29.76 16.37 -4.64
N ILE B 259 -30.25 17.59 -4.41
CA ILE B 259 -29.56 18.83 -4.71
C ILE B 259 -29.56 19.65 -3.43
N PHE B 260 -28.39 20.13 -2.99
CA PHE B 260 -28.27 20.87 -1.76
C PHE B 260 -27.85 22.28 -2.14
N THR B 261 -28.60 23.30 -1.67
CA THR B 261 -28.18 24.66 -2.01
C THR B 261 -27.56 25.30 -0.77
N VAL B 262 -26.61 26.21 -0.99
CA VAL B 262 -25.85 26.76 0.13
C VAL B 262 -25.75 28.26 -0.12
N THR B 263 -25.79 29.06 0.96
CA THR B 263 -25.71 30.50 0.86
C THR B 263 -24.28 30.96 0.59
N GLU B 264 -24.15 32.22 0.12
CA GLU B 264 -22.83 32.79 -0.05
C GLU B 264 -21.99 32.68 1.23
N ASP B 265 -22.60 33.03 2.38
CA ASP B 265 -21.86 32.95 3.64
C ASP B 265 -21.38 31.52 3.90
N GLU B 266 -22.24 30.54 3.60
CA GLU B 266 -21.87 29.14 3.81
C GLU B 266 -20.71 28.76 2.90
N ILE B 267 -20.72 29.23 1.63
CA ILE B 267 -19.62 28.86 0.76
C ILE B 267 -18.31 29.48 1.28
N LYS B 268 -18.36 30.79 1.64
CA LYS B 268 -17.14 31.43 2.10
C LYS B 268 -16.61 30.76 3.36
N CYS B 269 -17.49 30.42 4.32
N CYS B 269 -17.51 30.44 4.30
CA CYS B 269 -17.02 29.80 5.55
CA CYS B 269 -17.10 29.78 5.54
C CYS B 269 -16.41 28.40 5.30
C CYS B 269 -16.39 28.45 5.25
N ALA B 270 -17.03 27.61 4.43
CA ALA B 270 -16.52 26.28 4.10
C ALA B 270 -15.17 26.42 3.41
N THR B 271 -15.03 27.42 2.52
CA THR B 271 -13.78 27.60 1.80
C THR B 271 -12.66 27.92 2.78
N GLN B 272 -12.98 28.87 3.71
CA GLN B 272 -11.97 29.28 4.67
C GLN B 272 -11.63 28.11 5.61
N LEU B 273 -12.61 27.31 5.95
CA LEU B 273 -12.36 26.12 6.77
C LEU B 273 -11.38 25.18 6.05
N VAL B 274 -11.59 24.93 4.76
CA VAL B 274 -10.68 24.01 4.06
C VAL B 274 -9.27 24.60 4.02
N TRP B 275 -9.15 25.90 3.77
CA TRP B 275 -7.86 26.54 3.74
C TRP B 275 -7.18 26.35 5.10
N GLU B 276 -7.87 26.74 6.18
CA GLU B 276 -7.23 26.82 7.50
C GLU B 276 -7.05 25.44 8.12
N ARG B 277 -8.02 24.56 7.97
CA ARG B 277 -7.90 23.30 8.67
C ARG B 277 -7.44 22.12 7.81
N MET B 278 -7.59 22.18 6.46
CA MET B 278 -7.07 21.08 5.63
C MET B 278 -5.78 21.48 4.90
N LYS B 279 -5.51 22.81 4.86
CA LYS B 279 -4.29 23.34 4.24
C LYS B 279 -4.35 23.14 2.71
N LEU B 280 -5.57 23.11 2.14
CA LEU B 280 -5.73 22.93 0.68
C LEU B 280 -6.28 24.21 0.07
N LEU B 281 -5.56 24.77 -0.91
N LEU B 281 -5.56 24.78 -0.91
CA LEU B 281 -5.98 26.05 -1.49
CA LEU B 281 -5.96 26.05 -1.51
C LEU B 281 -7.06 25.83 -2.56
C LEU B 281 -7.06 25.81 -2.56
N ILE B 282 -8.28 25.48 -2.11
CA ILE B 282 -9.38 25.30 -3.05
C ILE B 282 -9.92 26.66 -3.50
N GLU B 283 -10.46 26.70 -4.71
CA GLU B 283 -11.19 27.92 -5.10
C GLU B 283 -12.57 27.89 -4.44
N PRO B 284 -13.26 29.04 -4.26
CA PRO B 284 -14.52 29.02 -3.51
C PRO B 284 -15.57 28.13 -4.19
N THR B 285 -15.45 27.95 -5.52
CA THR B 285 -16.38 27.07 -6.22
C THR B 285 -16.26 25.67 -5.64
N ALA B 286 -15.03 25.24 -5.36
CA ALA B 286 -14.84 23.92 -4.76
C ALA B 286 -15.30 23.87 -3.29
N GLY B 287 -15.43 25.03 -2.66
CA GLY B 287 -16.04 25.04 -1.35
C GLY B 287 -17.56 24.79 -1.32
N VAL B 288 -18.23 24.82 -2.49
CA VAL B 288 -19.69 24.66 -2.50
C VAL B 288 -20.06 23.27 -2.00
N GLY B 289 -19.28 22.26 -2.42
CA GLY B 289 -19.59 20.89 -2.00
C GLY B 289 -19.34 20.67 -0.52
N VAL B 290 -18.27 21.26 -0.02
CA VAL B 290 -17.97 21.17 1.40
C VAL B 290 -19.08 21.88 2.20
N ALA B 291 -19.46 23.10 1.77
CA ALA B 291 -20.63 23.78 2.37
C ALA B 291 -21.87 22.89 2.42
N ALA B 292 -22.11 22.20 1.29
CA ALA B 292 -23.28 21.36 1.24
C ALA B 292 -23.28 20.31 2.35
N VAL B 293 -22.11 19.66 2.59
CA VAL B 293 -22.09 18.57 3.58
C VAL B 293 -22.18 19.14 4.98
N LEU B 294 -21.76 20.42 5.18
CA LEU B 294 -21.83 21.06 6.50
C LEU B 294 -23.23 21.64 6.79
N SER B 295 -24.09 21.73 5.77
CA SER B 295 -25.36 22.46 5.78
C SER B 295 -26.41 21.72 6.62
N GLN B 296 -27.39 22.48 7.12
CA GLN B 296 -28.43 21.89 7.95
C GLN B 296 -29.19 20.82 7.17
N HIS B 297 -29.46 21.10 5.88
CA HIS B 297 -30.21 20.18 5.05
C HIS B 297 -29.50 18.83 4.91
N PHE B 298 -28.16 18.82 4.89
CA PHE B 298 -27.42 17.57 4.74
C PHE B 298 -27.59 16.72 5.99
N GLN B 299 -27.92 17.36 7.12
CA GLN B 299 -28.08 16.64 8.37
C GLN B 299 -29.27 15.66 8.26
N THR B 300 -30.12 15.85 7.24
CA THR B 300 -31.30 15.01 7.07
C THR B 300 -31.03 13.86 6.10
N VAL B 301 -29.79 13.75 5.60
CA VAL B 301 -29.40 12.58 4.84
C VAL B 301 -29.29 11.41 5.81
N SER B 302 -29.76 10.24 5.36
CA SER B 302 -29.78 9.02 6.15
C SER B 302 -28.42 8.74 6.81
N PRO B 303 -28.43 8.28 8.08
CA PRO B 303 -27.17 7.92 8.77
C PRO B 303 -26.42 6.76 8.12
N GLU B 304 -27.13 5.94 7.34
CA GLU B 304 -26.49 4.84 6.63
C GLU B 304 -25.55 5.37 5.54
N VAL B 305 -25.77 6.63 5.12
CA VAL B 305 -24.92 7.28 4.10
C VAL B 305 -23.73 7.90 4.84
N LYS B 306 -22.71 7.07 5.09
CA LYS B 306 -21.69 7.39 6.06
C LYS B 306 -20.43 7.88 5.35
N ASN B 307 -19.99 7.12 4.33
CA ASN B 307 -18.74 7.41 3.64
C ASN B 307 -19.04 8.33 2.45
N ILE B 308 -18.65 9.60 2.53
N ILE B 308 -18.71 9.63 2.59
CA ILE B 308 -19.05 10.53 1.49
CA ILE B 308 -19.01 10.66 1.61
C ILE B 308 -17.82 11.20 0.89
C ILE B 308 -17.70 11.04 0.91
N CYS B 309 -17.71 11.06 -0.42
CA CYS B 309 -16.61 11.68 -1.18
C CYS B 309 -17.10 12.98 -1.79
N ILE B 310 -16.39 14.06 -1.45
CA ILE B 310 -16.66 15.40 -1.95
C ILE B 310 -15.59 15.65 -3.02
N VAL B 311 -16.01 16.16 -4.18
CA VAL B 311 -15.07 16.51 -5.26
C VAL B 311 -14.58 17.94 -5.03
N LEU B 312 -13.30 18.08 -4.67
CA LEU B 312 -12.69 19.41 -4.56
C LEU B 312 -12.27 19.75 -5.99
N SER B 313 -13.13 20.49 -6.68
CA SER B 313 -13.11 20.50 -8.12
C SER B 313 -12.01 21.39 -8.70
N GLY B 314 -11.44 22.34 -7.92
CA GLY B 314 -10.49 23.28 -8.53
C GLY B 314 -9.71 24.03 -7.46
N GLY B 315 -8.55 24.54 -7.87
CA GLY B 315 -7.68 25.29 -7.00
C GLY B 315 -7.20 26.59 -7.67
N ASN B 316 -7.94 27.06 -8.68
CA ASN B 316 -7.46 28.22 -9.40
C ASN B 316 -8.01 29.47 -8.71
N VAL B 317 -7.34 29.91 -7.64
CA VAL B 317 -7.77 31.09 -6.91
C VAL B 317 -6.68 32.14 -7.01
N ASP B 318 -7.03 33.43 -7.13
CA ASP B 318 -6.04 34.48 -7.05
C ASP B 318 -5.85 34.81 -5.57
N LEU B 319 -4.64 34.56 -5.04
CA LEU B 319 -4.40 34.67 -3.60
C LEU B 319 -4.64 36.09 -3.10
N THR B 320 -4.21 37.09 -3.89
CA THR B 320 -4.37 38.50 -3.54
C THR B 320 -5.85 38.85 -3.38
N SER B 321 -6.71 38.33 -4.29
CA SER B 321 -8.12 38.70 -4.35
C SER B 321 -8.85 38.32 -3.06
N SER B 322 -8.53 37.16 -2.48
CA SER B 322 -9.10 36.77 -1.21
C SER B 322 -8.68 37.75 -0.13
N ILE B 323 -9.65 38.20 0.68
CA ILE B 323 -9.45 39.18 1.74
C ILE B 323 -10.66 39.15 2.69
C ALA C 3 -12.76 -3.79 -32.34
N GLN C 4 -14.06 -4.08 -32.18
CA GLN C 4 -14.65 -4.38 -30.88
C GLN C 4 -15.00 -5.86 -30.77
N TYR C 5 -15.04 -6.34 -29.53
CA TYR C 5 -14.93 -7.75 -29.20
C TYR C 5 -16.12 -8.13 -28.35
N ASP C 6 -16.19 -9.37 -27.86
CA ASP C 6 -17.30 -9.78 -27.03
C ASP C 6 -17.26 -9.09 -25.68
N ILE C 7 -16.12 -8.46 -25.31
CA ILE C 7 -16.09 -7.59 -24.13
C ILE C 7 -15.33 -6.33 -24.50
N SER C 8 -15.51 -5.33 -23.65
CA SER C 8 -14.58 -4.23 -23.66
C SER C 8 -14.05 -4.01 -22.24
N PHE C 9 -13.13 -3.06 -22.09
CA PHE C 9 -12.67 -2.71 -20.75
C PHE C 9 -13.80 -2.29 -19.83
N ALA C 10 -14.78 -1.52 -20.35
CA ALA C 10 -15.94 -1.18 -19.52
C ALA C 10 -16.47 -2.44 -18.80
N ASP C 11 -16.53 -3.60 -19.48
CA ASP C 11 -17.05 -4.82 -18.85
C ASP C 11 -16.16 -5.28 -17.70
N VAL C 12 -14.85 -5.12 -17.84
CA VAL C 12 -13.91 -5.48 -16.79
C VAL C 12 -14.11 -4.52 -15.60
N GLU C 13 -14.23 -3.23 -15.82
CA GLU C 13 -14.51 -2.35 -14.68
C GLU C 13 -15.80 -2.72 -13.94
N LYS C 14 -16.87 -3.03 -14.68
CA LYS C 14 -18.09 -3.51 -14.07
C LYS C 14 -17.84 -4.78 -13.26
N ALA C 15 -17.13 -5.74 -13.85
CA ALA C 15 -16.78 -6.97 -13.12
C ALA C 15 -16.05 -6.69 -11.80
N HIS C 16 -15.13 -5.75 -11.84
CA HIS C 16 -14.34 -5.40 -10.67
C HIS C 16 -15.29 -4.93 -9.56
N ILE C 17 -16.24 -4.03 -9.90
CA ILE C 17 -17.16 -3.52 -8.90
C ILE C 17 -18.06 -4.66 -8.44
N ASN C 18 -18.42 -5.56 -9.36
N ASN C 18 -18.40 -5.56 -9.36
CA ASN C 18 -19.32 -6.65 -9.02
CA ASN C 18 -19.31 -6.65 -9.03
C ASN C 18 -18.70 -7.66 -8.06
C ASN C 18 -18.69 -7.66 -8.05
N ILE C 19 -17.36 -7.84 -8.12
CA ILE C 19 -16.75 -8.98 -7.42
C ILE C 19 -15.81 -8.60 -6.29
N ARG C 20 -15.31 -7.37 -6.28
CA ARG C 20 -14.19 -7.06 -5.40
C ARG C 20 -14.53 -7.32 -3.92
N ASP C 21 -15.79 -7.21 -3.51
CA ASP C 21 -16.07 -7.32 -2.09
C ASP C 21 -15.96 -8.77 -1.63
N SER C 22 -15.84 -9.69 -2.58
CA SER C 22 -15.92 -11.12 -2.22
C SER C 22 -14.72 -11.94 -2.66
N ILE C 23 -13.75 -11.33 -3.34
CA ILE C 23 -12.57 -12.07 -3.75
C ILE C 23 -11.37 -11.50 -3.02
N HIS C 24 -10.25 -12.21 -3.10
CA HIS C 24 -9.03 -11.73 -2.49
C HIS C 24 -8.28 -10.85 -3.47
N LEU C 25 -7.83 -9.69 -2.97
CA LEU C 25 -6.81 -8.98 -3.73
C LEU C 25 -5.48 -9.68 -3.43
N THR C 26 -5.13 -10.66 -4.28
CA THR C 26 -4.00 -11.55 -4.02
C THR C 26 -2.68 -10.77 -4.12
N PRO C 27 -1.68 -11.14 -3.29
CA PRO C 27 -0.41 -10.45 -3.31
C PRO C 27 0.43 -10.77 -4.54
N VAL C 28 1.40 -9.89 -4.75
CA VAL C 28 2.43 -10.04 -5.76
C VAL C 28 3.71 -10.35 -5.02
N LEU C 29 4.27 -11.55 -5.22
CA LEU C 29 5.49 -11.90 -4.50
C LEU C 29 6.67 -11.94 -5.46
N THR C 30 7.91 -11.88 -4.91
CA THR C 30 9.12 -11.90 -5.71
C THR C 30 10.05 -12.98 -5.20
N SER C 31 11.06 -13.31 -6.01
CA SER C 31 12.03 -14.39 -5.78
C SER C 31 13.38 -13.95 -6.35
N SER C 32 14.37 -13.78 -5.45
CA SER C 32 15.73 -13.54 -5.95
C SER C 32 16.27 -14.62 -6.88
N ILE C 33 16.05 -15.93 -6.55
CA ILE C 33 16.61 -16.99 -7.38
C ILE C 33 16.02 -16.96 -8.77
N LEU C 34 14.69 -16.73 -8.89
N LEU C 34 14.68 -16.72 -8.87
CA LEU C 34 14.10 -16.70 -10.21
CA LEU C 34 14.08 -16.69 -10.19
C LEU C 34 14.51 -15.45 -10.99
C LEU C 34 14.51 -15.45 -10.97
N ASN C 35 14.73 -14.35 -10.27
CA ASN C 35 15.31 -13.16 -10.94
C ASN C 35 16.66 -13.56 -11.54
N GLN C 36 17.42 -14.31 -10.76
N GLN C 36 17.47 -14.29 -10.76
CA GLN C 36 18.78 -14.66 -11.13
CA GLN C 36 18.80 -14.66 -11.21
C GLN C 36 18.79 -15.64 -12.30
C GLN C 36 18.72 -15.59 -12.42
N LEU C 37 17.83 -16.58 -12.35
CA LEU C 37 17.77 -17.59 -13.41
C LEU C 37 17.29 -16.99 -14.73
N THR C 38 16.58 -15.85 -14.67
CA THR C 38 15.96 -15.32 -15.88
C THR C 38 16.67 -14.07 -16.39
N GLY C 39 17.40 -13.38 -15.51
CA GLY C 39 17.96 -12.08 -15.78
C GLY C 39 16.91 -10.96 -15.78
N ARG C 40 15.71 -11.24 -15.23
CA ARG C 40 14.65 -10.21 -15.24
C ARG C 40 14.16 -9.90 -13.82
N ASN C 41 13.37 -8.83 -13.65
CA ASN C 41 12.74 -8.59 -12.36
C ASN C 41 11.34 -9.19 -12.39
N LEU C 42 11.16 -10.35 -11.75
CA LEU C 42 9.90 -11.07 -11.89
C LEU C 42 8.99 -10.73 -10.72
N PHE C 43 7.67 -10.71 -11.03
CA PHE C 43 6.64 -10.41 -10.06
C PHE C 43 5.60 -11.53 -10.19
N PHE C 44 5.23 -12.17 -9.07
CA PHE C 44 4.37 -13.32 -9.21
C PHE C 44 3.01 -12.93 -8.64
N LYS C 45 1.98 -12.86 -9.52
CA LYS C 45 0.61 -12.58 -9.09
C LYS C 45 -0.04 -13.85 -8.57
N CYS C 46 -0.32 -13.91 -7.24
CA CYS C 46 -0.49 -15.21 -6.59
C CYS C 46 -1.98 -15.54 -6.60
N GLU C 47 -2.54 -15.87 -7.81
CA GLU C 47 -3.91 -16.36 -7.83
C GLU C 47 -4.06 -17.76 -7.26
N LEU C 48 -2.96 -18.46 -6.94
CA LEU C 48 -3.12 -19.73 -6.20
C LEU C 48 -3.70 -19.48 -4.81
N PHE C 49 -3.63 -18.23 -4.31
CA PHE C 49 -4.14 -17.91 -2.98
C PHE C 49 -5.56 -17.38 -3.09
N GLN C 50 -6.10 -17.29 -4.32
CA GLN C 50 -7.44 -16.74 -4.50
C GLN C 50 -8.45 -17.69 -3.88
N LYS C 51 -9.66 -17.19 -3.57
CA LYS C 51 -10.69 -18.11 -3.09
C LYS C 51 -10.94 -19.24 -4.09
N THR C 52 -11.08 -20.45 -3.56
CA THR C 52 -11.25 -21.72 -4.27
C THR C 52 -9.94 -22.23 -4.89
N GLY C 53 -8.82 -21.49 -4.72
CA GLY C 53 -7.52 -22.02 -5.16
C GLY C 53 -7.19 -21.70 -6.63
N SER C 54 -8.01 -20.92 -7.28
CA SER C 54 -7.62 -20.43 -8.62
C SER C 54 -8.27 -19.10 -8.92
N PHE C 55 -7.83 -18.46 -10.02
CA PHE C 55 -8.45 -17.19 -10.40
C PHE C 55 -9.89 -17.34 -10.90
N LYS C 56 -10.38 -18.58 -11.12
CA LYS C 56 -11.64 -18.72 -11.84
C LYS C 56 -12.82 -18.18 -11.03
N ILE C 57 -12.67 -17.95 -9.72
CA ILE C 57 -13.79 -17.37 -8.99
C ILE C 57 -14.11 -15.97 -9.56
N ARG C 58 -13.15 -15.27 -10.20
CA ARG C 58 -13.40 -13.91 -10.66
C ARG C 58 -14.48 -13.98 -11.74
N GLY C 59 -14.19 -14.78 -12.79
CA GLY C 59 -15.18 -14.90 -13.88
C GLY C 59 -16.47 -15.59 -13.40
N ALA C 60 -16.34 -16.60 -12.53
CA ALA C 60 -17.52 -17.32 -12.07
C ALA C 60 -18.44 -16.42 -11.29
N LEU C 61 -17.89 -15.64 -10.34
CA LEU C 61 -18.74 -14.79 -9.53
C LEU C 61 -19.34 -13.68 -10.37
N ASN C 62 -18.59 -13.14 -11.32
CA ASN C 62 -19.11 -12.07 -12.19
C ASN C 62 -20.30 -12.62 -12.98
N ALA C 63 -20.17 -13.86 -13.48
CA ALA C 63 -21.27 -14.48 -14.26
C ALA C 63 -22.49 -14.70 -13.37
N VAL C 64 -22.29 -15.22 -12.15
CA VAL C 64 -23.39 -15.56 -11.27
C VAL C 64 -24.13 -14.27 -10.87
N ARG C 65 -23.38 -13.16 -10.79
CA ARG C 65 -23.96 -11.87 -10.40
C ARG C 65 -24.39 -11.03 -11.60
N SER C 66 -24.24 -11.57 -12.83
N SER C 66 -24.22 -11.56 -12.83
CA SER C 66 -24.58 -10.81 -14.03
CA SER C 66 -24.59 -10.81 -14.02
C SER C 66 -25.61 -11.57 -14.89
C SER C 66 -25.61 -11.57 -14.89
N LEU C 67 -25.42 -12.89 -15.07
CA LEU C 67 -26.26 -13.67 -15.98
C LEU C 67 -27.67 -13.86 -15.42
N VAL C 68 -28.67 -14.04 -16.31
CA VAL C 68 -30.07 -14.20 -15.90
C VAL C 68 -30.59 -15.58 -16.32
N PRO C 69 -31.45 -16.25 -15.51
CA PRO C 69 -32.07 -17.51 -15.93
C PRO C 69 -33.22 -17.28 -16.92
N ASP C 70 -33.64 -18.35 -17.61
CA ASP C 70 -34.78 -18.26 -18.50
C ASP C 70 -36.03 -18.49 -17.63
N ALA C 71 -36.46 -17.45 -16.90
CA ALA C 71 -37.51 -17.54 -15.89
C ALA C 71 -37.99 -16.13 -15.55
N LEU C 72 -39.07 -16.00 -14.77
CA LEU C 72 -39.64 -14.69 -14.45
C LEU C 72 -38.65 -13.86 -13.63
N GLU C 73 -38.07 -14.46 -12.57
CA GLU C 73 -37.21 -13.75 -11.65
C GLU C 73 -35.81 -13.57 -12.24
N ARG C 74 -35.26 -12.36 -12.06
CA ARG C 74 -34.02 -11.94 -12.68
C ARG C 74 -32.82 -12.74 -12.15
N LYS C 75 -32.86 -13.13 -10.87
N LYS C 75 -32.86 -13.14 -10.87
CA LYS C 75 -31.70 -13.74 -10.22
CA LYS C 75 -31.67 -13.74 -10.28
C LYS C 75 -31.71 -15.26 -10.46
C LYS C 75 -31.70 -15.25 -10.47
N PRO C 76 -30.54 -15.87 -10.79
CA PRO C 76 -30.44 -17.34 -10.84
C PRO C 76 -30.82 -17.94 -9.51
N LYS C 77 -31.52 -19.08 -9.54
CA LYS C 77 -31.92 -19.75 -8.32
C LYS C 77 -31.03 -20.99 -8.09
N ALA C 78 -30.12 -21.24 -9.03
CA ALA C 78 -29.14 -22.33 -8.95
C ALA C 78 -28.08 -22.11 -10.03
N VAL C 79 -27.01 -22.89 -9.90
N VAL C 79 -26.94 -22.80 -9.89
CA VAL C 79 -25.95 -22.98 -10.90
CA VAL C 79 -25.97 -22.96 -10.97
C VAL C 79 -25.78 -24.46 -11.23
C VAL C 79 -25.84 -24.45 -11.26
N VAL C 80 -25.53 -24.77 -12.51
CA VAL C 80 -25.43 -26.14 -12.97
C VAL C 80 -24.15 -26.22 -13.77
N THR C 81 -23.35 -27.27 -13.52
CA THR C 81 -22.07 -27.35 -14.20
C THR C 81 -21.77 -28.80 -14.56
N HIS C 82 -20.86 -28.97 -15.52
CA HIS C 82 -20.28 -30.27 -15.82
C HIS C 82 -18.94 -30.48 -15.10
N SER C 83 -18.36 -29.41 -14.55
CA SER C 83 -16.95 -29.42 -14.13
C SER C 83 -16.82 -29.77 -12.65
N SER C 84 -15.90 -30.71 -12.33
CA SER C 84 -15.46 -30.95 -10.96
C SER C 84 -14.06 -30.39 -10.75
N GLY C 85 -13.56 -29.61 -11.72
CA GLY C 85 -12.25 -28.98 -11.62
C GLY C 85 -12.33 -27.51 -11.17
N ASN C 86 -11.32 -26.72 -11.54
CA ASN C 86 -11.20 -25.34 -11.08
C ASN C 86 -12.46 -24.52 -11.41
N HIS C 87 -13.00 -24.72 -12.62
CA HIS C 87 -14.23 -24.05 -13.02
C HIS C 87 -15.41 -24.42 -12.13
N GLY C 88 -15.70 -25.71 -11.96
CA GLY C 88 -16.84 -26.11 -11.15
C GLY C 88 -16.71 -25.72 -9.68
N GLN C 89 -15.48 -25.81 -9.17
N GLN C 89 -15.48 -25.80 -9.15
CA GLN C 89 -15.22 -25.41 -7.81
CA GLN C 89 -15.24 -25.42 -7.77
C GLN C 89 -15.53 -23.92 -7.64
C GLN C 89 -15.48 -23.91 -7.60
N ALA C 90 -15.05 -23.12 -8.58
CA ALA C 90 -15.30 -21.68 -8.57
C ALA C 90 -16.80 -21.37 -8.64
N LEU C 91 -17.51 -22.00 -9.57
CA LEU C 91 -18.95 -21.77 -9.70
C LEU C 91 -19.70 -22.20 -8.43
N THR C 92 -19.29 -23.32 -7.82
CA THR C 92 -19.90 -23.79 -6.59
C THR C 92 -19.75 -22.76 -5.47
N TYR C 93 -18.56 -22.17 -5.33
CA TYR C 93 -18.36 -21.16 -4.31
C TYR C 93 -19.20 -19.90 -4.60
N ALA C 94 -19.25 -19.49 -5.87
CA ALA C 94 -20.02 -18.33 -6.27
C ALA C 94 -21.48 -18.58 -5.84
N ALA C 95 -21.96 -19.80 -6.09
CA ALA C 95 -23.33 -20.17 -5.72
C ALA C 95 -23.53 -20.10 -4.20
N LYS C 96 -22.55 -20.60 -3.44
CA LYS C 96 -22.60 -20.44 -1.99
C LYS C 96 -22.66 -18.97 -1.56
N LEU C 97 -21.88 -18.10 -2.19
CA LEU C 97 -21.91 -16.69 -1.79
C LEU C 97 -23.30 -16.09 -2.04
N GLU C 98 -23.98 -16.58 -3.08
CA GLU C 98 -25.28 -16.03 -3.44
C GLU C 98 -26.43 -16.81 -2.78
N GLY C 99 -26.10 -17.85 -1.98
CA GLY C 99 -27.13 -18.60 -1.25
C GLY C 99 -28.02 -19.41 -2.18
N ILE C 100 -27.43 -19.97 -3.25
CA ILE C 100 -28.18 -20.82 -4.18
C ILE C 100 -27.48 -22.16 -4.28
N PRO C 101 -28.21 -23.27 -4.54
CA PRO C 101 -27.56 -24.56 -4.79
C PRO C 101 -26.69 -24.57 -6.04
N ALA C 102 -25.64 -25.40 -6.01
CA ALA C 102 -24.83 -25.66 -7.19
C ALA C 102 -24.96 -27.17 -7.46
N TYR C 103 -25.30 -27.48 -8.70
CA TYR C 103 -25.52 -28.87 -9.07
C TYR C 103 -24.43 -29.23 -10.07
N ILE C 104 -23.91 -30.46 -9.92
CA ILE C 104 -22.94 -30.93 -10.90
C ILE C 104 -23.50 -32.22 -11.47
N VAL C 105 -23.49 -32.27 -12.81
CA VAL C 105 -24.07 -33.40 -13.54
C VAL C 105 -22.93 -34.39 -13.66
N VAL C 106 -23.17 -35.64 -13.25
CA VAL C 106 -22.10 -36.63 -13.09
C VAL C 106 -22.59 -37.95 -13.70
N PRO C 107 -21.83 -38.58 -14.64
CA PRO C 107 -22.21 -39.92 -15.12
C PRO C 107 -22.35 -40.89 -13.95
N GLN C 108 -23.35 -41.79 -14.07
CA GLN C 108 -23.72 -42.69 -12.99
C GLN C 108 -22.54 -43.60 -12.63
N THR C 109 -21.56 -43.72 -13.53
CA THR C 109 -20.42 -44.62 -13.39
C THR C 109 -19.18 -43.88 -12.84
N ALA C 110 -19.35 -42.70 -12.25
CA ALA C 110 -18.20 -42.05 -11.62
C ALA C 110 -17.71 -42.91 -10.46
N PRO C 111 -16.37 -42.96 -10.18
CA PRO C 111 -15.84 -43.58 -8.96
C PRO C 111 -16.28 -42.88 -7.67
N ASP C 112 -16.40 -43.66 -6.59
CA ASP C 112 -16.74 -43.15 -5.27
C ASP C 112 -15.78 -42.01 -4.87
N CYS C 113 -14.50 -42.17 -5.21
CA CYS C 113 -13.49 -41.17 -4.84
C CYS C 113 -13.87 -39.78 -5.39
N LYS C 114 -14.18 -39.71 -6.71
CA LYS C 114 -14.62 -38.49 -7.39
C LYS C 114 -15.88 -37.92 -6.73
N LYS C 115 -16.88 -38.79 -6.48
CA LYS C 115 -18.13 -38.35 -5.88
C LYS C 115 -17.89 -37.74 -4.50
N LEU C 116 -17.03 -38.37 -3.69
CA LEU C 116 -16.79 -37.88 -2.34
C LEU C 116 -16.12 -36.51 -2.42
N ALA C 117 -15.16 -36.38 -3.35
CA ALA C 117 -14.38 -35.19 -3.60
C ALA C 117 -15.30 -34.04 -4.04
N ILE C 118 -16.29 -34.36 -4.88
CA ILE C 118 -17.22 -33.35 -5.37
C ILE C 118 -18.08 -32.80 -4.23
N GLN C 119 -18.60 -33.70 -3.40
CA GLN C 119 -19.45 -33.36 -2.27
C GLN C 119 -18.67 -32.57 -1.23
N ALA C 120 -17.33 -32.77 -1.19
CA ALA C 120 -16.48 -32.12 -0.19
C ALA C 120 -16.55 -30.61 -0.36
N TYR C 121 -16.57 -30.13 -1.63
CA TYR C 121 -16.57 -28.68 -1.83
C TYR C 121 -17.98 -28.12 -1.90
N GLY C 122 -18.97 -29.02 -1.85
CA GLY C 122 -20.35 -28.69 -1.50
C GLY C 122 -21.27 -28.60 -2.71
N ALA C 123 -20.89 -29.26 -3.80
CA ALA C 123 -21.77 -29.28 -4.94
C ALA C 123 -22.75 -30.41 -4.71
N SER C 124 -23.93 -30.33 -5.34
CA SER C 124 -24.94 -31.37 -5.25
C SER C 124 -24.90 -32.20 -6.54
N ILE C 125 -24.75 -33.52 -6.44
CA ILE C 125 -24.62 -34.34 -7.65
C ILE C 125 -26.00 -34.66 -8.24
N VAL C 126 -26.17 -34.46 -9.55
CA VAL C 126 -27.29 -35.04 -10.30
C VAL C 126 -26.69 -36.01 -11.32
N TYR C 127 -27.22 -37.24 -11.40
CA TYR C 127 -26.63 -38.27 -12.26
C TYR C 127 -27.19 -38.19 -13.68
N CYS C 128 -26.34 -38.59 -14.63
CA CYS C 128 -26.75 -38.74 -16.02
C CYS C 128 -26.18 -40.08 -16.51
N GLU C 129 -26.53 -40.46 -17.75
N GLU C 129 -26.51 -40.44 -17.75
CA GLU C 129 -25.88 -41.63 -18.35
CA GLU C 129 -25.90 -41.60 -18.39
C GLU C 129 -24.55 -41.21 -18.98
C GLU C 129 -24.54 -41.20 -18.98
N PRO C 130 -23.54 -42.11 -19.04
CA PRO C 130 -22.20 -41.76 -19.55
C PRO C 130 -22.08 -41.60 -21.06
N SER C 131 -22.75 -40.57 -21.60
CA SER C 131 -22.61 -40.09 -22.96
C SER C 131 -22.75 -38.58 -22.94
N ASP C 132 -22.18 -37.91 -23.96
CA ASP C 132 -22.25 -36.45 -24.10
C ASP C 132 -23.69 -36.02 -24.35
N GLU C 133 -24.47 -36.90 -24.97
CA GLU C 133 -25.89 -36.68 -25.20
C GLU C 133 -26.58 -36.46 -23.85
N SER C 134 -26.45 -37.48 -22.97
CA SER C 134 -27.16 -37.51 -21.69
C SER C 134 -26.63 -36.41 -20.75
N ARG C 135 -25.30 -36.17 -20.77
CA ARG C 135 -24.73 -35.12 -19.95
C ARG C 135 -25.40 -33.79 -20.29
N GLU C 136 -25.44 -33.44 -21.58
N GLU C 136 -25.46 -33.44 -21.58
CA GLU C 136 -26.01 -32.19 -22.08
CA GLU C 136 -26.00 -32.17 -22.01
C GLU C 136 -27.49 -32.12 -21.71
C GLU C 136 -27.50 -32.11 -21.70
N ASN C 137 -28.21 -33.22 -21.88
CA ASN C 137 -29.67 -33.17 -21.76
C ASN C 137 -30.05 -33.06 -20.29
N VAL C 138 -29.31 -33.77 -19.43
CA VAL C 138 -29.58 -33.66 -18.00
C VAL C 138 -29.21 -32.25 -17.53
N ALA C 139 -28.06 -31.69 -17.98
CA ALA C 139 -27.71 -30.32 -17.58
C ALA C 139 -28.76 -29.31 -18.05
N LYS C 140 -29.29 -29.51 -19.27
CA LYS C 140 -30.30 -28.58 -19.78
C LYS C 140 -31.57 -28.67 -18.90
N ARG C 141 -31.99 -29.89 -18.57
CA ARG C 141 -33.19 -30.12 -17.77
C ARG C 141 -33.07 -29.52 -16.37
N VAL C 142 -31.90 -29.80 -15.74
CA VAL C 142 -31.72 -29.32 -14.37
C VAL C 142 -31.71 -27.78 -14.37
N THR C 143 -30.97 -27.19 -15.32
CA THR C 143 -30.88 -25.73 -15.33
C THR C 143 -32.26 -25.09 -15.52
N GLU C 144 -33.08 -25.69 -16.40
CA GLU C 144 -34.42 -25.17 -16.62
C GLU C 144 -35.34 -25.39 -15.40
N GLU C 145 -35.33 -26.58 -14.82
CA GLU C 145 -36.26 -26.92 -13.74
C GLU C 145 -35.92 -26.14 -12.46
N THR C 146 -34.65 -25.78 -12.31
CA THR C 146 -34.21 -25.09 -11.09
C THR C 146 -34.17 -23.57 -11.31
N GLU C 147 -34.53 -23.11 -12.51
CA GLU C 147 -34.48 -21.68 -12.79
C GLU C 147 -33.03 -21.20 -12.58
N GLY C 148 -32.09 -22.04 -13.03
CA GLY C 148 -30.67 -21.78 -12.78
C GLY C 148 -29.94 -21.25 -14.03
N ILE C 149 -28.59 -21.15 -13.93
CA ILE C 149 -27.78 -20.73 -15.08
C ILE C 149 -26.61 -21.70 -15.29
N MET C 150 -26.11 -21.77 -16.50
CA MET C 150 -24.82 -22.41 -16.74
C MET C 150 -23.85 -21.32 -17.20
N VAL C 151 -22.57 -21.62 -17.04
CA VAL C 151 -21.53 -20.62 -17.27
C VAL C 151 -20.38 -21.29 -18.00
N HIS C 152 -20.14 -20.88 -19.24
CA HIS C 152 -19.01 -21.45 -19.98
C HIS C 152 -17.67 -21.06 -19.34
N PRO C 153 -16.71 -22.00 -19.20
CA PRO C 153 -15.47 -21.71 -18.48
C PRO C 153 -14.53 -20.70 -19.12
N ASN C 154 -14.68 -20.36 -20.40
CA ASN C 154 -13.73 -19.42 -20.98
C ASN C 154 -14.32 -18.55 -22.11
N GLN C 155 -15.48 -18.90 -22.67
CA GLN C 155 -16.00 -18.09 -23.77
C GLN C 155 -17.13 -17.16 -23.32
N GLU C 156 -17.67 -17.34 -22.12
CA GLU C 156 -18.77 -16.51 -21.65
C GLU C 156 -18.25 -15.10 -21.43
N PRO C 157 -18.85 -14.07 -22.05
CA PRO C 157 -18.35 -12.71 -21.82
C PRO C 157 -18.23 -12.27 -20.36
N ALA C 158 -19.19 -12.66 -19.48
CA ALA C 158 -19.04 -12.27 -18.07
C ALA C 158 -17.80 -12.90 -17.43
N VAL C 159 -17.43 -14.12 -17.87
CA VAL C 159 -16.24 -14.81 -17.35
C VAL C 159 -15.00 -14.09 -17.84
N ILE C 160 -14.96 -13.77 -19.16
CA ILE C 160 -13.77 -13.12 -19.70
C ILE C 160 -13.56 -11.77 -19.00
N ALA C 161 -14.63 -11.00 -18.81
CA ALA C 161 -14.54 -9.72 -18.11
C ALA C 161 -14.01 -9.93 -16.68
N GLY C 162 -14.56 -10.93 -15.94
CA GLY C 162 -14.09 -11.07 -14.56
C GLY C 162 -12.62 -11.42 -14.55
N GLN C 163 -12.14 -12.25 -15.51
CA GLN C 163 -10.72 -12.64 -15.49
C GLN C 163 -9.82 -11.43 -15.72
N GLY C 164 -10.32 -10.45 -16.49
CA GLY C 164 -9.58 -9.21 -16.73
C GLY C 164 -9.17 -8.46 -15.46
N THR C 165 -9.98 -8.63 -14.39
CA THR C 165 -9.71 -7.92 -13.14
C THR C 165 -8.32 -8.30 -12.62
N ILE C 166 -7.80 -9.51 -12.96
CA ILE C 166 -6.42 -9.81 -12.59
C ILE C 166 -5.48 -8.70 -13.00
N ALA C 167 -5.58 -8.28 -14.27
CA ALA C 167 -4.66 -7.25 -14.76
C ALA C 167 -4.90 -5.92 -14.09
N LEU C 168 -6.16 -5.60 -13.72
CA LEU C 168 -6.44 -4.28 -13.11
C LEU C 168 -5.62 -4.20 -11.82
N GLU C 169 -5.63 -5.30 -11.05
CA GLU C 169 -4.87 -5.36 -9.80
C GLU C 169 -3.36 -5.29 -10.11
N VAL C 170 -2.85 -6.16 -11.01
CA VAL C 170 -1.42 -6.17 -11.33
C VAL C 170 -0.94 -4.74 -11.69
N LEU C 171 -1.68 -4.05 -12.58
CA LEU C 171 -1.19 -2.71 -12.97
C LEU C 171 -1.10 -1.75 -11.77
N ASN C 172 -1.90 -1.93 -10.72
CA ASN C 172 -1.81 -1.12 -9.52
C ASN C 172 -0.67 -1.60 -8.61
N GLN C 173 -0.45 -2.93 -8.57
CA GLN C 173 0.50 -3.50 -7.62
C GLN C 173 1.92 -3.44 -8.16
N VAL C 174 2.07 -3.39 -9.49
CA VAL C 174 3.39 -3.28 -10.09
C VAL C 174 3.28 -2.14 -11.14
N PRO C 175 3.33 -0.87 -10.71
CA PRO C 175 3.11 0.26 -11.62
C PRO C 175 4.06 0.29 -12.81
N LEU C 176 5.30 -0.16 -12.64
CA LEU C 176 6.28 -0.12 -13.73
C LEU C 176 6.39 -1.46 -14.47
N VAL C 177 5.36 -2.29 -14.37
CA VAL C 177 5.40 -3.58 -15.06
C VAL C 177 5.62 -3.32 -16.56
N ASP C 178 6.39 -4.20 -17.20
CA ASP C 178 6.61 -4.10 -18.64
C ASP C 178 5.91 -5.22 -19.42
N ALA C 179 5.57 -6.33 -18.76
CA ALA C 179 4.87 -7.42 -19.44
C ALA C 179 4.14 -8.28 -18.42
N LEU C 180 3.03 -8.90 -18.90
CA LEU C 180 2.33 -9.94 -18.16
C LEU C 180 2.53 -11.23 -18.94
N VAL C 181 2.76 -12.32 -18.21
CA VAL C 181 2.82 -13.64 -18.83
C VAL C 181 1.67 -14.43 -18.22
N VAL C 182 0.89 -15.02 -19.11
CA VAL C 182 -0.41 -15.63 -18.76
C VAL C 182 -0.52 -17.01 -19.42
N PRO C 183 -0.83 -18.09 -18.65
CA PRO C 183 -1.01 -19.41 -19.24
C PRO C 183 -2.32 -19.40 -20.01
N VAL C 184 -2.39 -20.05 -21.17
CA VAL C 184 -3.61 -19.93 -22.01
C VAL C 184 -4.13 -21.34 -22.28
N GLY C 185 -5.44 -21.54 -22.05
CA GLY C 185 -6.16 -22.72 -22.49
C GLY C 185 -7.27 -22.25 -23.43
N GLY C 186 -8.50 -22.08 -22.90
CA GLY C 186 -9.60 -21.50 -23.67
C GLY C 186 -9.35 -20.01 -23.95
N GLY C 187 -8.48 -19.40 -23.15
CA GLY C 187 -8.11 -18.01 -23.34
C GLY C 187 -9.09 -17.00 -22.75
N GLY C 188 -9.93 -17.40 -21.78
CA GLY C 188 -10.73 -16.37 -21.11
C GLY C 188 -9.83 -15.45 -20.27
N MET C 189 -8.93 -16.07 -19.50
CA MET C 189 -7.96 -15.26 -18.74
C MET C 189 -7.10 -14.39 -19.67
N LEU C 190 -6.49 -15.02 -20.68
CA LEU C 190 -5.62 -14.23 -21.58
C LEU C 190 -6.37 -13.08 -22.25
N ALA C 191 -7.57 -13.37 -22.78
CA ALA C 191 -8.32 -12.30 -23.42
C ALA C 191 -8.76 -11.22 -22.45
N GLY C 192 -9.24 -11.63 -21.26
CA GLY C 192 -9.61 -10.59 -20.31
C GLY C 192 -8.43 -9.66 -19.99
N ILE C 193 -7.29 -10.31 -19.74
CA ILE C 193 -6.10 -9.56 -19.37
C ILE C 193 -5.71 -8.67 -20.55
N ALA C 194 -5.73 -9.22 -21.77
CA ALA C 194 -5.25 -8.42 -22.93
C ALA C 194 -6.16 -7.20 -23.13
N ILE C 195 -7.48 -7.37 -23.02
CA ILE C 195 -8.35 -6.20 -23.12
C ILE C 195 -7.95 -5.14 -22.12
N THR C 196 -7.71 -5.57 -20.88
CA THR C 196 -7.48 -4.65 -19.78
C THR C 196 -6.14 -3.95 -19.98
N VAL C 197 -5.11 -4.74 -20.25
CA VAL C 197 -3.80 -4.12 -20.41
C VAL C 197 -3.82 -3.14 -21.59
N LYS C 198 -4.33 -3.58 -22.74
CA LYS C 198 -4.28 -2.74 -23.95
C LYS C 198 -5.13 -1.48 -23.81
N ALA C 199 -6.17 -1.53 -22.97
CA ALA C 199 -6.94 -0.32 -22.67
C ALA C 199 -6.16 0.63 -21.77
N LEU C 200 -5.62 0.14 -20.65
CA LEU C 200 -5.06 0.99 -19.60
C LEU C 200 -3.61 1.42 -19.89
N LYS C 201 -2.74 0.53 -20.38
CA LYS C 201 -1.31 0.83 -20.52
C LYS C 201 -0.81 0.00 -21.70
N PRO C 202 -1.14 0.36 -22.96
CA PRO C 202 -0.86 -0.54 -24.09
C PRO C 202 0.63 -0.75 -24.40
N SER C 203 1.53 0.05 -23.79
CA SER C 203 2.95 -0.24 -24.01
C SER C 203 3.36 -1.48 -23.23
N VAL C 204 2.51 -1.92 -22.27
CA VAL C 204 2.84 -3.16 -21.52
C VAL C 204 2.58 -4.35 -22.44
N LYS C 205 3.53 -5.30 -22.49
CA LYS C 205 3.38 -6.48 -23.36
C LYS C 205 2.44 -7.47 -22.70
N VAL C 206 1.67 -8.21 -23.52
CA VAL C 206 0.89 -9.33 -23.00
C VAL C 206 1.41 -10.58 -23.70
N TYR C 207 1.95 -11.51 -22.90
CA TYR C 207 2.51 -12.71 -23.48
C TYR C 207 1.74 -13.92 -23.00
N ALA C 208 1.49 -14.87 -23.91
CA ALA C 208 0.80 -16.09 -23.52
C ALA C 208 1.82 -17.21 -23.38
N ALA C 209 1.51 -18.21 -22.54
CA ALA C 209 2.38 -19.38 -22.38
C ALA C 209 1.50 -20.62 -22.50
N GLU C 210 1.89 -21.62 -23.29
N GLU C 210 1.98 -21.63 -23.22
CA GLU C 210 1.07 -22.81 -23.38
CA GLU C 210 1.17 -22.77 -23.60
C GLU C 210 1.99 -24.01 -23.63
C GLU C 210 2.03 -24.02 -23.63
N PRO C 211 1.52 -25.22 -23.28
CA PRO C 211 2.32 -26.44 -23.52
C PRO C 211 2.45 -26.66 -25.03
N SER C 212 3.68 -27.04 -25.42
CA SER C 212 3.94 -27.35 -26.82
C SER C 212 3.11 -28.56 -27.25
N ASN C 213 2.64 -29.37 -26.30
CA ASN C 213 1.74 -30.48 -26.57
C ASN C 213 0.29 -30.05 -26.83
N ALA C 214 -0.03 -28.77 -26.65
CA ALA C 214 -1.40 -28.26 -26.83
C ALA C 214 -1.28 -26.86 -27.42
N ASP C 215 -0.59 -26.79 -28.58
CA ASP C 215 -0.08 -25.53 -29.08
C ASP C 215 -1.03 -24.85 -30.09
N ASP C 216 -2.33 -24.97 -29.90
N ASP C 216 -2.33 -24.93 -29.85
CA ASP C 216 -3.28 -24.31 -30.80
CA ASP C 216 -3.30 -24.24 -30.71
C ASP C 216 -3.15 -22.79 -30.75
C ASP C 216 -3.11 -22.73 -30.71
N CYS C 217 -2.79 -22.19 -29.60
N CYS C 217 -2.88 -22.08 -29.56
CA CYS C 217 -2.75 -20.72 -29.55
CA CYS C 217 -2.73 -20.61 -29.57
C CYS C 217 -1.58 -20.24 -30.43
C CYS C 217 -1.57 -20.23 -30.48
N TYR C 218 -0.41 -20.90 -30.32
CA TYR C 218 0.77 -20.56 -31.10
C TYR C 218 0.45 -20.78 -32.59
N GLN C 219 -0.22 -21.90 -32.89
CA GLN C 219 -0.44 -22.19 -34.32
C GLN C 219 -1.42 -21.19 -34.90
N SER C 220 -2.45 -20.84 -34.11
CA SER C 220 -3.46 -19.92 -34.56
C SER C 220 -2.81 -18.56 -34.82
N LYS C 221 -1.98 -18.06 -33.89
CA LYS C 221 -1.32 -16.77 -34.15
C LYS C 221 -0.37 -16.77 -35.35
N LEU C 222 0.36 -17.85 -35.53
CA LEU C 222 1.20 -18.03 -36.70
C LEU C 222 0.36 -17.97 -37.99
N LYS C 223 -0.81 -18.66 -38.03
CA LYS C 223 -1.55 -18.81 -39.29
C LYS C 223 -2.44 -17.61 -39.54
N GLY C 224 -2.75 -16.86 -38.46
CA GLY C 224 -3.66 -15.73 -38.59
C GLY C 224 -5.10 -16.19 -38.53
N LYS C 225 -5.37 -17.44 -38.06
CA LYS C 225 -6.75 -17.92 -38.04
C LYS C 225 -6.87 -18.96 -36.90
N LEU C 226 -8.08 -19.18 -36.40
CA LEU C 226 -8.25 -20.09 -35.28
C LEU C 226 -8.05 -21.52 -35.78
N MET C 227 -7.05 -22.18 -35.19
CA MET C 227 -6.67 -23.55 -35.50
C MET C 227 -6.68 -24.37 -34.22
N PRO C 228 -7.86 -24.88 -33.82
CA PRO C 228 -7.97 -25.62 -32.56
C PRO C 228 -7.16 -26.90 -32.56
N ASN C 229 -6.83 -27.43 -31.36
CA ASN C 229 -6.20 -28.76 -31.31
C ASN C 229 -7.07 -29.74 -32.09
N LEU C 230 -6.41 -30.56 -32.92
CA LEU C 230 -7.11 -31.59 -33.69
C LEU C 230 -7.64 -32.71 -32.80
N TYR C 231 -6.91 -33.04 -31.72
N TYR C 231 -6.92 -33.04 -31.72
CA TYR C 231 -7.43 -34.00 -30.77
CA TYR C 231 -7.48 -33.97 -30.76
C TYR C 231 -7.16 -33.50 -29.35
C TYR C 231 -7.17 -33.51 -29.34
N PRO C 232 -7.93 -34.02 -28.37
CA PRO C 232 -7.72 -33.62 -26.98
C PRO C 232 -6.30 -33.87 -26.54
N PRO C 233 -5.58 -32.82 -26.10
CA PRO C 233 -4.14 -32.92 -25.81
C PRO C 233 -3.80 -33.73 -24.55
N GLU C 234 -2.60 -34.32 -24.52
CA GLU C 234 -2.08 -34.90 -23.29
C GLU C 234 -1.03 -33.93 -22.74
N THR C 235 -1.27 -33.44 -21.51
CA THR C 235 -0.34 -32.53 -20.86
C THR C 235 -0.58 -32.65 -19.36
N ILE C 236 0.51 -32.50 -18.61
N ILE C 236 0.49 -32.50 -18.60
CA ILE C 236 0.42 -32.34 -17.18
CA ILE C 236 0.33 -32.39 -17.18
C ILE C 236 -0.34 -31.05 -16.85
C ILE C 236 -0.33 -31.04 -16.83
N ALA C 237 -0.35 -30.10 -17.79
CA ALA C 237 -1.01 -28.83 -17.55
C ALA C 237 -2.51 -28.98 -17.80
N ASP C 238 -3.19 -29.67 -16.88
N ASP C 238 -3.22 -29.64 -16.86
CA ASP C 238 -4.56 -30.11 -17.05
CA ASP C 238 -4.57 -30.14 -17.03
C ASP C 238 -5.49 -28.94 -17.35
C ASP C 238 -5.60 -29.02 -17.06
N GLY C 239 -5.18 -27.78 -16.77
CA GLY C 239 -6.12 -26.68 -16.81
C GLY C 239 -6.06 -25.88 -18.12
N VAL C 240 -5.15 -26.27 -19.03
CA VAL C 240 -5.08 -25.57 -20.33
C VAL C 240 -5.20 -26.59 -21.47
N LYS C 241 -6.04 -27.61 -21.27
CA LYS C 241 -6.30 -28.55 -22.35
C LYS C 241 -7.32 -28.03 -23.35
N SER C 242 -8.19 -27.10 -22.93
CA SER C 242 -9.12 -26.50 -23.91
C SER C 242 -8.37 -25.75 -25.02
N SER C 243 -8.99 -25.70 -26.23
CA SER C 243 -8.50 -24.84 -27.27
C SER C 243 -9.12 -23.48 -27.07
N ILE C 244 -8.49 -22.50 -27.70
N ILE C 244 -8.48 -22.51 -27.73
CA ILE C 244 -9.14 -21.19 -27.71
CA ILE C 244 -9.07 -21.19 -27.86
C ILE C 244 -10.37 -21.23 -28.61
C ILE C 244 -10.43 -21.34 -28.56
N GLY C 245 -11.36 -20.42 -28.25
CA GLY C 245 -12.65 -20.43 -28.95
C GLY C 245 -12.95 -19.14 -29.75
N LEU C 246 -14.16 -19.11 -30.30
CA LEU C 246 -14.54 -18.06 -31.22
C LEU C 246 -14.64 -16.70 -30.57
N ASN C 247 -14.86 -16.63 -29.24
CA ASN C 247 -15.03 -15.32 -28.60
C ASN C 247 -13.67 -14.82 -28.11
N THR C 248 -12.80 -15.75 -27.65
CA THR C 248 -11.50 -15.27 -27.18
C THR C 248 -10.49 -15.09 -28.30
N TRP C 249 -10.65 -15.81 -29.43
CA TRP C 249 -9.64 -15.78 -30.48
C TRP C 249 -9.42 -14.37 -31.03
N PRO C 250 -10.45 -13.58 -31.42
CA PRO C 250 -10.12 -12.27 -32.02
C PRO C 250 -9.40 -11.31 -31.10
N ILE C 251 -9.67 -11.43 -29.80
CA ILE C 251 -8.95 -10.61 -28.83
C ILE C 251 -7.49 -11.05 -28.82
N ILE C 252 -7.28 -12.37 -28.80
CA ILE C 252 -5.93 -12.89 -28.71
C ILE C 252 -5.11 -12.55 -29.97
N ARG C 253 -5.80 -12.70 -31.10
CA ARG C 253 -5.19 -12.38 -32.39
C ARG C 253 -4.67 -10.96 -32.41
N ASP C 254 -5.48 -10.02 -31.93
CA ASP C 254 -5.15 -8.60 -32.09
C ASP C 254 -4.33 -8.00 -30.92
N LEU C 255 -4.49 -8.49 -29.66
CA LEU C 255 -4.03 -7.73 -28.51
C LEU C 255 -2.94 -8.47 -27.74
N VAL C 256 -2.67 -9.75 -28.06
CA VAL C 256 -1.59 -10.48 -27.42
C VAL C 256 -0.32 -10.41 -28.28
N ASP C 257 0.77 -10.03 -27.62
CA ASP C 257 2.02 -9.71 -28.31
C ASP C 257 2.75 -10.96 -28.79
N ASP C 258 2.77 -12.05 -28.00
CA ASP C 258 3.50 -13.20 -28.48
C ASP C 258 3.04 -14.40 -27.65
N ILE C 259 3.31 -15.60 -28.19
N ILE C 259 3.41 -15.59 -28.13
CA ILE C 259 2.95 -16.84 -27.51
CA ILE C 259 2.98 -16.81 -27.47
C ILE C 259 4.25 -17.62 -27.35
C ILE C 259 4.20 -17.72 -27.37
N PHE C 260 4.46 -18.15 -26.14
CA PHE C 260 5.62 -18.99 -25.85
C PHE C 260 5.13 -20.39 -25.56
N THR C 261 5.70 -21.37 -26.22
CA THR C 261 5.33 -22.76 -25.91
C THR C 261 6.44 -23.40 -25.10
N VAL C 262 6.07 -24.40 -24.27
CA VAL C 262 7.03 -25.00 -23.37
C VAL C 262 6.77 -26.50 -23.36
N THR C 263 7.85 -27.30 -23.23
CA THR C 263 7.66 -28.72 -23.26
C THR C 263 7.18 -29.23 -21.92
N GLU C 264 6.71 -30.48 -21.90
CA GLU C 264 6.30 -31.14 -20.67
C GLU C 264 7.42 -31.07 -19.64
N ASP C 265 8.65 -31.32 -20.09
CA ASP C 265 9.71 -31.35 -19.10
C ASP C 265 9.92 -29.94 -18.53
N GLU C 266 9.80 -28.91 -19.36
CA GLU C 266 9.98 -27.55 -18.87
C GLU C 266 8.88 -27.26 -17.86
N ILE C 267 7.65 -27.70 -18.13
CA ILE C 267 6.57 -27.43 -17.18
C ILE C 267 6.86 -28.08 -15.84
N LYS C 268 7.26 -29.37 -15.90
CA LYS C 268 7.56 -30.08 -14.66
C LYS C 268 8.70 -29.43 -13.91
N CYS C 269 9.80 -29.08 -14.59
N CYS C 269 9.80 -29.16 -14.61
CA CYS C 269 10.95 -28.48 -13.92
CA CYS C 269 10.94 -28.49 -14.02
C CYS C 269 10.63 -27.09 -13.35
C CYS C 269 10.48 -27.22 -13.31
N ALA C 270 9.79 -26.35 -14.07
CA ALA C 270 9.41 -25.03 -13.55
C ALA C 270 8.53 -25.16 -12.29
N THR C 271 7.61 -26.12 -12.30
CA THR C 271 6.66 -26.32 -11.22
C THR C 271 7.44 -26.75 -9.98
N GLN C 272 8.37 -27.72 -10.15
CA GLN C 272 9.23 -28.15 -9.04
C GLN C 272 10.10 -27.01 -8.50
N LEU C 273 10.60 -26.16 -9.39
N LEU C 273 10.63 -26.17 -9.39
CA LEU C 273 11.43 -25.02 -8.99
CA LEU C 273 11.44 -25.02 -8.98
C LEU C 273 10.64 -24.06 -8.12
C LEU C 273 10.61 -24.13 -8.07
N VAL C 274 9.37 -23.83 -8.50
CA VAL C 274 8.55 -22.92 -7.71
C VAL C 274 8.22 -23.55 -6.37
N TRP C 275 7.89 -24.85 -6.34
CA TRP C 275 7.66 -25.50 -5.04
C TRP C 275 8.89 -25.32 -4.14
N GLU C 276 10.04 -25.75 -4.65
CA GLU C 276 11.23 -25.88 -3.79
C GLU C 276 11.82 -24.51 -3.46
N ARG C 277 11.90 -23.62 -4.44
CA ARG C 277 12.60 -22.38 -4.15
C ARG C 277 11.67 -21.26 -3.73
N MET C 278 10.36 -21.29 -4.09
CA MET C 278 9.50 -20.21 -3.67
C MET C 278 8.56 -20.71 -2.57
N LYS C 279 8.47 -22.04 -2.40
CA LYS C 279 7.56 -22.62 -1.34
C LYS C 279 6.08 -22.32 -1.60
N LEU C 280 5.72 -22.16 -2.88
CA LEU C 280 4.33 -21.94 -3.26
C LEU C 280 3.84 -23.20 -3.94
N LEU C 281 2.71 -23.71 -3.51
N LEU C 281 2.71 -23.72 -3.48
CA LEU C 281 2.26 -24.97 -4.09
CA LEU C 281 2.15 -24.92 -4.07
C LEU C 281 1.37 -24.72 -5.30
C LEU C 281 1.32 -24.60 -5.31
N ILE C 282 2.02 -24.29 -6.40
CA ILE C 282 1.30 -24.09 -7.67
C ILE C 282 0.86 -25.42 -8.26
N GLU C 283 -0.24 -25.40 -9.03
CA GLU C 283 -0.48 -26.59 -9.84
C GLU C 283 0.40 -26.50 -11.08
N PRO C 284 0.65 -27.64 -11.76
CA PRO C 284 1.48 -27.62 -12.97
C PRO C 284 1.01 -26.66 -14.06
N THR C 285 -0.32 -26.49 -14.19
CA THR C 285 -0.83 -25.54 -15.18
C THR C 285 -0.28 -24.16 -14.88
N ALA C 286 -0.15 -23.81 -13.58
CA ALA C 286 0.43 -22.50 -13.25
C ALA C 286 1.93 -22.49 -13.46
N GLY C 287 2.57 -23.66 -13.60
CA GLY C 287 3.99 -23.64 -13.89
C GLY C 287 4.29 -23.36 -15.38
N VAL C 288 3.23 -23.34 -16.19
CA VAL C 288 3.41 -23.06 -17.61
C VAL C 288 4.02 -21.67 -17.84
N GLY C 289 3.51 -20.66 -17.12
CA GLY C 289 3.96 -19.31 -17.32
C GLY C 289 5.38 -19.15 -16.81
N VAL C 290 5.70 -19.80 -15.69
CA VAL C 290 7.08 -19.79 -15.20
C VAL C 290 8.03 -20.43 -16.21
N ALA C 291 7.63 -21.60 -16.69
CA ALA C 291 8.45 -22.26 -17.70
C ALA C 291 8.69 -21.37 -18.93
N ALA C 292 7.68 -20.61 -19.34
CA ALA C 292 7.83 -19.68 -20.44
C ALA C 292 8.95 -18.69 -20.19
N VAL C 293 8.95 -18.05 -19.02
CA VAL C 293 9.95 -17.02 -18.77
C VAL C 293 11.35 -17.64 -18.63
N LEU C 294 11.43 -18.90 -18.19
CA LEU C 294 12.72 -19.62 -18.14
C LEU C 294 13.21 -20.13 -19.50
N SER C 295 12.37 -20.12 -20.53
CA SER C 295 12.65 -20.89 -21.74
C SER C 295 13.69 -20.14 -22.59
N GLN C 296 14.37 -20.87 -23.47
CA GLN C 296 15.33 -20.28 -24.38
C GLN C 296 14.70 -19.17 -25.21
N HIS C 297 13.50 -19.42 -25.76
CA HIS C 297 12.87 -18.45 -26.63
C HIS C 297 12.66 -17.11 -25.93
N PHE C 298 12.33 -17.15 -24.63
CA PHE C 298 12.06 -15.93 -23.88
C PHE C 298 13.35 -15.14 -23.63
N GLN C 299 14.49 -15.84 -23.56
CA GLN C 299 15.74 -15.21 -23.18
C GLN C 299 16.11 -14.14 -24.20
N THR C 300 15.51 -14.23 -25.38
CA THR C 300 15.87 -13.39 -26.50
C THR C 300 14.97 -12.16 -26.56
N VAL C 301 13.90 -12.16 -25.75
CA VAL C 301 13.01 -11.00 -25.59
C VAL C 301 13.87 -9.81 -25.19
N SER C 302 13.61 -8.65 -25.79
CA SER C 302 14.36 -7.42 -25.55
C SER C 302 14.58 -7.17 -24.05
N PRO C 303 15.79 -6.73 -23.63
CA PRO C 303 16.06 -6.43 -22.22
C PRO C 303 15.32 -5.22 -21.65
N GLU C 304 14.73 -4.40 -22.54
CA GLU C 304 13.88 -3.30 -22.13
C GLU C 304 12.63 -3.84 -21.41
N VAL C 305 12.27 -5.09 -21.70
CA VAL C 305 11.11 -5.72 -21.06
C VAL C 305 11.59 -6.39 -19.76
N LYS C 306 11.68 -5.58 -18.71
CA LYS C 306 12.47 -5.96 -17.56
C LYS C 306 11.57 -6.50 -16.46
N ASN C 307 10.52 -5.74 -16.14
CA ASN C 307 9.63 -6.05 -15.04
C ASN C 307 8.46 -6.92 -15.57
N ILE C 308 8.49 -8.21 -15.25
CA ILE C 308 7.57 -9.17 -15.84
C ILE C 308 6.72 -9.80 -14.75
N CYS C 309 5.41 -9.67 -14.92
CA CYS C 309 4.49 -10.20 -13.95
C CYS C 309 3.94 -11.51 -14.52
N ILE C 310 4.18 -12.59 -13.79
CA ILE C 310 3.69 -13.92 -14.20
C ILE C 310 2.45 -14.20 -13.34
N VAL C 311 1.35 -14.63 -14.00
CA VAL C 311 0.15 -15.03 -13.26
C VAL C 311 0.30 -16.47 -12.76
N LEU C 312 0.46 -16.66 -11.44
CA LEU C 312 0.41 -18.04 -10.90
C LEU C 312 -1.04 -18.42 -10.67
N SER C 313 -1.63 -19.06 -11.69
CA SER C 313 -3.06 -19.04 -11.89
C SER C 313 -3.82 -19.99 -10.94
N GLY C 314 -3.12 -20.96 -10.32
CA GLY C 314 -3.88 -21.91 -9.47
C GLY C 314 -2.94 -22.69 -8.56
N GLY C 315 -3.54 -23.24 -7.48
CA GLY C 315 -2.82 -24.11 -6.57
C GLY C 315 -3.60 -25.37 -6.24
N ASN C 316 -4.48 -25.78 -7.16
CA ASN C 316 -5.28 -26.95 -6.82
C ASN C 316 -4.61 -28.20 -7.35
N VAL C 317 -3.65 -28.73 -6.58
CA VAL C 317 -2.94 -29.91 -7.04
C VAL C 317 -3.17 -31.03 -6.03
N ASP C 318 -3.31 -32.26 -6.52
CA ASP C 318 -3.46 -33.45 -5.68
C ASP C 318 -2.08 -33.77 -5.15
N LEU C 319 -1.90 -33.64 -3.83
CA LEU C 319 -0.58 -33.79 -3.23
C LEU C 319 -0.02 -35.19 -3.42
N THR C 320 -0.88 -36.20 -3.27
CA THR C 320 -0.48 -37.60 -3.35
C THR C 320 0.04 -37.93 -4.75
N SER C 321 -0.67 -37.45 -5.78
CA SER C 321 -0.37 -37.80 -7.17
C SER C 321 0.96 -37.22 -7.65
N SER C 322 1.51 -36.23 -6.93
CA SER C 322 2.74 -35.56 -7.33
C SER C 322 3.91 -36.54 -7.44
N ILE C 323 3.82 -37.68 -6.74
CA ILE C 323 4.85 -38.71 -6.72
C ILE C 323 5.25 -39.13 -8.14
N THR C 324 4.28 -39.15 -9.06
CA THR C 324 4.51 -39.59 -10.44
C THR C 324 5.67 -38.81 -11.06
N TRP C 325 5.71 -37.50 -10.84
CA TRP C 325 6.82 -36.67 -11.32
C TRP C 325 7.49 -35.94 -10.15
N GLN D 4 25.72 6.11 21.20
CA GLN D 4 26.75 7.17 21.28
C GLN D 4 26.07 8.54 21.31
N TYR D 5 24.86 8.64 20.73
CA TYR D 5 24.17 9.92 20.70
C TYR D 5 23.08 9.93 21.77
N ASP D 6 22.37 11.05 21.90
CA ASP D 6 21.38 11.20 22.96
C ASP D 6 20.13 10.40 22.62
N ILE D 7 19.95 9.98 21.36
CA ILE D 7 19.04 8.87 21.05
C ILE D 7 19.74 7.83 20.19
N SER D 8 19.03 6.72 19.94
CA SER D 8 19.47 5.77 18.91
C SER D 8 18.19 5.41 18.16
N PHE D 9 18.34 4.64 17.06
CA PHE D 9 17.20 4.25 16.25
C PHE D 9 16.22 3.47 17.10
N ALA D 10 16.72 2.67 18.08
CA ALA D 10 15.77 1.96 18.93
C ALA D 10 14.75 2.91 19.56
N ASP D 11 15.18 4.12 19.94
CA ASP D 11 14.25 5.10 20.52
C ASP D 11 13.19 5.54 19.48
N VAL D 12 13.59 5.69 18.22
CA VAL D 12 12.62 6.04 17.17
C VAL D 12 11.60 4.92 16.95
N GLU D 13 12.06 3.66 16.94
CA GLU D 13 11.08 2.58 16.83
C GLU D 13 10.14 2.54 18.03
N LYS D 14 10.67 2.74 19.24
CA LYS D 14 9.75 2.85 20.35
C LYS D 14 8.78 4.01 20.16
N ALA D 15 9.26 5.19 19.70
CA ALA D 15 8.39 6.33 19.45
C ALA D 15 7.29 5.96 18.44
N HIS D 16 7.65 5.24 17.39
CA HIS D 16 6.67 4.89 16.36
C HIS D 16 5.57 4.05 17.00
N ILE D 17 5.97 3.02 17.77
CA ILE D 17 4.90 2.24 18.42
C ILE D 17 4.03 3.11 19.35
N ASN D 18 4.69 4.05 20.04
N ASN D 18 4.66 4.01 20.09
CA ASN D 18 4.07 4.88 21.07
CA ASN D 18 4.00 4.83 21.10
C ASN D 18 3.03 5.81 20.47
C ASN D 18 2.98 5.78 20.47
N ILE D 19 3.27 6.34 19.28
CA ILE D 19 2.45 7.41 18.75
C ILE D 19 1.56 7.04 17.59
N ARG D 20 1.84 5.94 16.90
CA ARG D 20 1.24 5.70 15.60
C ARG D 20 -0.28 5.62 15.61
N ASP D 21 -0.88 5.30 16.76
N ASP D 21 -0.90 5.30 16.75
CA ASP D 21 -2.35 5.16 16.82
CA ASP D 21 -2.34 5.15 16.72
C ASP D 21 -3.04 6.53 16.78
C ASP D 21 -3.05 6.49 17.00
N SER D 22 -2.29 7.58 17.13
CA SER D 22 -2.87 8.90 17.41
C SER D 22 -2.45 9.98 16.42
N ILE D 23 -1.60 9.66 15.47
CA ILE D 23 -1.15 10.68 14.51
C ILE D 23 -1.54 10.21 13.13
N HIS D 24 -1.49 11.09 12.16
CA HIS D 24 -1.72 10.71 10.77
C HIS D 24 -0.45 10.20 10.14
N LEU D 25 -0.58 9.13 9.33
CA LEU D 25 0.49 8.74 8.43
C LEU D 25 0.24 9.58 7.19
N THR D 26 0.93 10.72 7.14
CA THR D 26 0.61 11.72 6.14
C THR D 26 1.06 11.24 4.77
N PRO D 27 0.38 11.75 3.70
CA PRO D 27 0.72 11.36 2.36
C PRO D 27 2.01 11.95 1.83
N VAL D 28 2.54 11.27 0.83
CA VAL D 28 3.62 11.80 -0.01
C VAL D 28 3.03 12.20 -1.35
N LEU D 29 3.11 13.49 -1.69
CA LEU D 29 2.50 13.99 -2.92
C LEU D 29 3.62 14.38 -3.87
N THR D 30 3.31 14.48 -5.17
CA THR D 30 4.27 14.86 -6.20
C THR D 30 3.73 16.02 -7.01
N SER D 31 4.61 16.73 -7.71
CA SER D 31 4.25 17.85 -8.56
C SER D 31 5.07 17.77 -9.83
N SER D 32 4.41 17.94 -11.00
CA SER D 32 5.10 17.88 -12.27
C SER D 32 5.88 19.17 -12.47
N ILE D 33 5.32 20.32 -12.05
CA ILE D 33 6.03 21.58 -12.23
C ILE D 33 7.31 21.60 -11.37
N LEU D 34 7.20 21.20 -10.09
CA LEU D 34 8.42 21.22 -9.30
C LEU D 34 9.52 20.30 -9.86
N ASN D 35 9.10 19.15 -10.38
CA ASN D 35 10.07 18.22 -11.00
C ASN D 35 10.75 18.91 -12.21
N GLN D 36 9.95 19.58 -13.02
N GLN D 36 9.95 19.57 -13.02
CA GLN D 36 10.50 20.26 -14.18
CA GLN D 36 10.52 20.25 -14.18
C GLN D 36 11.47 21.36 -13.76
C GLN D 36 11.49 21.33 -13.73
N LEU D 37 11.13 22.11 -12.71
CA LEU D 37 11.96 23.22 -12.27
C LEU D 37 13.31 22.76 -11.73
N THR D 38 13.33 21.61 -11.01
CA THR D 38 14.53 21.18 -10.30
C THR D 38 15.37 20.23 -11.15
N GLY D 39 14.73 19.55 -12.10
CA GLY D 39 15.37 18.45 -12.80
C GLY D 39 15.53 17.20 -11.93
N ARG D 40 14.73 17.12 -10.84
CA ARG D 40 14.74 15.97 -9.96
C ARG D 40 13.34 15.35 -9.90
N ASN D 41 13.25 14.13 -9.34
N ASN D 41 13.27 14.18 -9.28
CA ASN D 41 11.96 13.54 -9.01
CA ASN D 41 12.01 13.53 -9.00
C ASN D 41 11.70 13.86 -7.54
C ASN D 41 11.67 13.81 -7.54
N LEU D 42 10.77 14.78 -7.29
CA LEU D 42 10.51 15.26 -5.94
C LEU D 42 9.32 14.55 -5.32
N PHE D 43 9.40 14.36 -3.99
CA PHE D 43 8.35 13.74 -3.24
C PHE D 43 8.13 14.59 -2.00
N PHE D 44 6.90 14.92 -1.68
CA PHE D 44 6.67 15.91 -0.65
C PHE D 44 5.94 15.21 0.51
N LYS D 45 6.64 15.07 1.66
CA LYS D 45 6.04 14.48 2.86
C LYS D 45 5.20 15.51 3.55
N CYS D 46 3.89 15.25 3.57
CA CYS D 46 2.97 16.35 3.86
C CYS D 46 2.66 16.38 5.35
N GLU D 47 3.67 16.83 6.12
CA GLU D 47 3.36 17.05 7.55
C GLU D 47 2.52 18.32 7.81
N LEU D 48 2.24 19.12 6.77
CA LEU D 48 1.28 20.20 6.99
C LEU D 48 -0.13 19.63 7.21
N PHE D 49 -0.36 18.33 6.86
CA PHE D 49 -1.65 17.70 7.09
C PHE D 49 -1.68 16.93 8.40
N GLN D 50 -0.60 17.00 9.16
CA GLN D 50 -0.54 16.23 10.40
C GLN D 50 -1.46 16.89 11.43
N LYS D 51 -1.86 16.11 12.46
CA LYS D 51 -2.62 16.69 13.57
C LYS D 51 -1.89 17.90 14.13
N THR D 52 -2.66 18.99 14.37
CA THR D 52 -2.18 20.29 14.88
C THR D 52 -1.55 21.14 13.80
N GLY D 53 -1.35 20.61 12.59
CA GLY D 53 -0.85 21.43 11.50
C GLY D 53 0.67 21.42 11.34
N SER D 54 1.37 20.58 12.13
CA SER D 54 2.82 20.42 11.94
C SER D 54 3.25 19.04 12.42
N PHE D 55 4.48 18.70 12.07
CA PHE D 55 5.02 17.42 12.57
C PHE D 55 5.22 17.36 14.08
N LYS D 56 5.14 18.48 14.81
CA LYS D 56 5.58 18.51 16.20
C LYS D 56 4.70 17.64 17.13
N ILE D 57 3.52 17.24 16.67
CA ILE D 57 2.75 16.33 17.52
C ILE D 57 3.51 15.00 17.71
N ARG D 58 4.44 14.64 16.79
CA ARG D 58 5.14 13.35 16.93
C ARG D 58 6.04 13.38 18.17
N GLY D 59 6.93 14.39 18.26
CA GLY D 59 7.78 14.48 19.42
C GLY D 59 6.98 14.79 20.68
N ALA D 60 5.93 15.61 20.55
CA ALA D 60 5.17 16.06 21.72
C ALA D 60 4.44 14.86 22.32
N LEU D 61 3.82 14.02 21.47
CA LEU D 61 3.09 12.89 22.01
C LEU D 61 4.07 11.88 22.59
N ASN D 62 5.21 11.71 21.92
CA ASN D 62 6.20 10.77 22.43
C ASN D 62 6.71 11.20 23.81
N ALA D 63 6.81 12.51 24.06
CA ALA D 63 7.34 12.97 25.34
C ALA D 63 6.28 12.87 26.44
N VAL D 64 5.03 13.04 26.07
CA VAL D 64 3.95 13.02 27.07
C VAL D 64 3.52 11.58 27.41
N ARG D 65 3.55 10.68 26.44
CA ARG D 65 2.97 9.35 26.65
C ARG D 65 4.04 8.32 26.97
N SER D 66 3.78 7.51 28.00
CA SER D 66 4.63 6.38 28.36
C SER D 66 4.26 5.18 27.49
N LEU D 67 5.27 4.59 26.84
CA LEU D 67 5.10 3.42 25.99
C LEU D 67 4.68 2.24 26.86
N VAL D 68 5.38 2.09 28.00
CA VAL D 68 5.22 0.94 28.89
C VAL D 68 5.02 1.45 30.32
N ARG D 74 7.07 9.51 37.52
CA ARG D 74 6.01 8.52 37.25
C ARG D 74 5.34 8.88 35.93
N LYS D 75 4.03 9.14 35.96
CA LYS D 75 3.32 9.70 34.81
C LYS D 75 3.38 11.22 34.91
N PRO D 76 3.54 11.94 33.77
CA PRO D 76 3.36 13.39 33.79
C PRO D 76 1.91 13.63 34.20
N LYS D 77 1.73 14.54 35.17
CA LYS D 77 0.42 14.97 35.63
C LYS D 77 -0.02 16.25 34.92
N ALA D 78 0.87 16.86 34.10
CA ALA D 78 0.51 18.08 33.37
C ALA D 78 1.66 18.40 32.42
N VAL D 79 1.39 19.27 31.44
CA VAL D 79 2.46 19.79 30.59
C VAL D 79 2.38 21.31 30.69
N VAL D 80 3.56 21.95 30.65
CA VAL D 80 3.61 23.40 30.77
C VAL D 80 4.57 23.89 29.69
N THR D 81 4.19 24.99 29.00
N THR D 81 4.20 24.98 29.00
CA THR D 81 5.01 25.44 27.87
CA THR D 81 5.00 25.42 27.87
C THR D 81 4.97 26.96 27.83
C THR D 81 5.02 26.94 27.81
N HIS D 82 6.02 27.53 27.24
N HIS D 82 6.13 27.43 27.22
CA HIS D 82 6.10 28.95 26.91
CA HIS D 82 6.39 28.82 26.84
C HIS D 82 5.51 29.21 25.53
C HIS D 82 5.72 29.15 25.50
N SER D 83 5.23 28.13 24.78
CA SER D 83 5.02 28.30 23.35
C SER D 83 3.54 28.36 22.95
N SER D 84 3.14 29.42 22.21
CA SER D 84 1.80 29.48 21.65
C SER D 84 1.92 29.09 20.18
N GLY D 85 3.13 28.70 19.76
CA GLY D 85 3.35 28.34 18.35
C GLY D 85 3.15 26.83 18.10
N ASN D 86 3.81 26.30 17.07
CA ASN D 86 3.60 24.88 16.72
C ASN D 86 3.88 23.93 17.89
N HIS D 87 4.90 24.20 18.68
CA HIS D 87 5.30 23.31 19.77
C HIS D 87 4.20 23.33 20.83
N GLY D 88 3.73 24.51 21.19
CA GLY D 88 2.73 24.56 22.28
C GLY D 88 1.39 23.97 21.82
N GLN D 89 1.05 24.14 20.53
N GLN D 89 1.07 24.10 20.53
CA GLN D 89 -0.19 23.56 20.00
CA GLN D 89 -0.18 23.56 20.02
C GLN D 89 -0.09 22.04 20.05
C GLN D 89 -0.09 22.03 20.05
N ALA D 90 1.08 21.53 19.65
CA ALA D 90 1.36 20.10 19.64
C ALA D 90 1.27 19.54 21.06
N LEU D 91 1.92 20.23 21.99
CA LEU D 91 1.94 19.77 23.37
C LEU D 91 0.54 19.75 23.94
N THR D 92 -0.25 20.78 23.64
CA THR D 92 -1.61 20.90 24.15
C THR D 92 -2.45 19.73 23.65
N TYR D 93 -2.35 19.42 22.32
CA TYR D 93 -3.13 18.33 21.77
C TYR D 93 -2.69 17.01 22.40
N ALA D 94 -1.38 16.82 22.59
CA ALA D 94 -0.90 15.56 23.16
C ALA D 94 -1.40 15.42 24.61
N ALA D 95 -1.35 16.51 25.38
CA ALA D 95 -1.89 16.54 26.75
C ALA D 95 -3.37 16.14 26.76
N LYS D 96 -4.15 16.75 25.87
CA LYS D 96 -5.57 16.44 25.80
C LYS D 96 -5.77 14.95 25.47
N LEU D 97 -4.98 14.41 24.54
CA LEU D 97 -5.08 12.98 24.25
C LEU D 97 -4.84 12.12 25.48
N GLU D 98 -3.90 12.52 26.34
CA GLU D 98 -3.50 11.73 27.49
C GLU D 98 -4.40 12.04 28.69
N GLY D 99 -5.30 13.02 28.55
CA GLY D 99 -6.20 13.41 29.65
C GLY D 99 -5.50 14.14 30.78
N ILE D 100 -4.44 14.90 30.44
CA ILE D 100 -3.75 15.69 31.43
C ILE D 100 -3.82 17.17 31.05
N PRO D 101 -3.78 18.09 32.03
CA PRO D 101 -3.94 19.53 31.74
C PRO D 101 -2.71 20.08 31.02
N ALA D 102 -2.89 21.11 30.18
CA ALA D 102 -1.81 21.75 29.47
C ALA D 102 -1.84 23.25 29.87
N TYR D 103 -0.70 23.79 30.26
CA TYR D 103 -0.66 25.21 30.67
C TYR D 103 0.30 25.92 29.72
N ILE D 104 -0.11 27.11 29.26
CA ILE D 104 0.76 27.97 28.46
C ILE D 104 1.02 29.23 29.27
N VAL D 105 2.29 29.54 29.46
CA VAL D 105 2.66 30.73 30.21
C VAL D 105 2.72 31.90 29.23
N VAL D 106 1.83 32.88 29.40
CA VAL D 106 1.74 33.99 28.44
C VAL D 106 1.99 35.34 29.12
N PRO D 107 2.94 36.19 28.63
CA PRO D 107 3.15 37.54 29.19
C PRO D 107 1.85 38.36 29.10
N GLN D 108 1.54 39.06 30.19
CA GLN D 108 0.38 39.95 30.28
C GLN D 108 0.39 40.88 29.06
N THR D 109 1.56 41.00 28.43
CA THR D 109 1.86 42.06 27.47
C THR D 109 1.67 41.55 26.04
N ALA D 110 1.25 40.26 25.93
CA ALA D 110 0.91 39.66 24.64
C ALA D 110 -0.37 40.27 24.06
N PRO D 111 -0.47 40.45 22.71
CA PRO D 111 -1.64 41.12 22.11
C PRO D 111 -2.95 40.40 22.41
N ASP D 112 -4.09 41.10 22.32
CA ASP D 112 -5.37 40.51 22.66
C ASP D 112 -5.75 39.42 21.67
N CYS D 113 -5.41 39.61 20.38
CA CYS D 113 -5.67 38.63 19.33
C CYS D 113 -4.99 37.30 19.66
N LYS D 114 -3.72 37.37 20.11
CA LYS D 114 -2.90 36.23 20.43
C LYS D 114 -3.56 35.41 21.55
N LYS D 115 -4.07 36.07 22.59
CA LYS D 115 -4.63 35.39 23.75
C LYS D 115 -5.84 34.55 23.36
N LEU D 116 -6.70 35.13 22.50
CA LEU D 116 -7.91 34.43 22.04
C LEU D 116 -7.53 33.16 21.26
N ALA D 117 -6.50 33.27 20.41
CA ALA D 117 -5.96 32.16 19.65
C ALA D 117 -5.48 31.04 20.57
N ILE D 118 -4.69 31.36 21.62
CA ILE D 118 -4.15 30.32 22.48
C ILE D 118 -5.33 29.58 23.12
N GLN D 119 -6.29 30.35 23.64
CA GLN D 119 -7.43 29.76 24.34
C GLN D 119 -8.21 28.84 23.40
N ALA D 120 -8.15 29.12 22.09
CA ALA D 120 -8.89 28.35 21.10
C ALA D 120 -8.43 26.89 21.12
N TYR D 121 -7.13 26.63 21.30
CA TYR D 121 -6.70 25.25 21.14
C TYR D 121 -6.83 24.46 22.45
N GLY D 122 -7.30 25.12 23.52
CA GLY D 122 -7.71 24.43 24.73
C GLY D 122 -6.65 24.37 25.83
N ALA D 123 -5.60 25.17 25.75
CA ALA D 123 -4.66 25.18 26.86
C ALA D 123 -5.16 26.12 27.95
N SER D 124 -4.71 25.94 29.20
CA SER D 124 -5.01 26.88 30.27
C SER D 124 -3.94 27.99 30.28
N ILE D 125 -4.36 29.26 30.39
CA ILE D 125 -3.41 30.35 30.29
C ILE D 125 -2.94 30.74 31.69
N VAL D 126 -1.61 30.82 31.90
N VAL D 126 -1.61 30.82 31.90
CA VAL D 126 -1.06 31.39 33.12
CA VAL D 126 -1.06 31.39 33.12
C VAL D 126 -0.36 32.69 32.71
C VAL D 126 -0.36 32.69 32.71
N TYR D 127 -0.83 33.83 33.23
CA TYR D 127 -0.25 35.11 32.88
C TYR D 127 1.03 35.33 33.69
N CYS D 128 2.06 35.86 33.01
N CYS D 128 2.03 35.97 33.05
CA CYS D 128 3.33 36.21 33.61
CA CYS D 128 3.23 36.39 33.75
C CYS D 128 3.61 37.69 33.30
C CYS D 128 3.71 37.73 33.21
N GLU D 129 4.70 38.24 33.85
N GLU D 129 4.62 38.37 33.93
CA GLU D 129 5.17 39.56 33.47
CA GLU D 129 5.21 39.63 33.50
C GLU D 129 6.04 39.38 32.21
C GLU D 129 6.04 39.40 32.23
N PRO D 130 6.17 40.41 31.33
CA PRO D 130 6.99 40.35 30.11
C PRO D 130 8.34 39.64 30.03
N SER D 131 9.13 39.84 31.07
CA SER D 131 10.53 39.43 31.10
C SER D 131 10.65 37.92 30.95
N ASP D 132 11.79 37.49 30.40
CA ASP D 132 12.17 36.10 30.36
C ASP D 132 12.34 35.53 31.77
N GLU D 133 12.85 36.36 32.69
CA GLU D 133 12.98 35.92 34.06
C GLU D 133 11.60 35.53 34.59
N SER D 134 10.58 36.37 34.36
CA SER D 134 9.24 36.10 34.89
C SER D 134 8.65 34.87 34.21
N ARG D 135 8.78 34.77 32.89
N ARG D 135 8.77 34.80 32.88
CA ARG D 135 8.23 33.62 32.19
CA ARG D 135 8.37 33.67 32.05
C ARG D 135 8.84 32.32 32.74
C ARG D 135 8.86 32.36 32.69
N GLU D 136 10.17 32.31 32.95
CA GLU D 136 10.86 31.13 33.46
C GLU D 136 10.41 30.80 34.88
N ASN D 137 10.26 31.81 35.73
CA ASN D 137 9.86 31.60 37.11
C ASN D 137 8.45 31.05 37.16
N VAL D 138 7.53 31.63 36.38
CA VAL D 138 6.15 31.21 36.44
C VAL D 138 6.06 29.78 35.88
N ALA D 139 6.77 29.49 34.78
CA ALA D 139 6.73 28.15 34.19
C ALA D 139 7.23 27.11 35.20
N LYS D 140 8.33 27.43 35.92
CA LYS D 140 8.91 26.55 36.93
C LYS D 140 7.93 26.31 38.07
N ARG D 141 7.27 27.39 38.55
CA ARG D 141 6.28 27.30 39.61
C ARG D 141 5.13 26.38 39.19
N VAL D 142 4.56 26.60 37.98
CA VAL D 142 3.39 25.87 37.50
C VAL D 142 3.81 24.40 37.39
N THR D 143 5.02 24.13 36.85
CA THR D 143 5.48 22.76 36.66
C THR D 143 5.57 22.05 38.00
N GLU D 144 6.20 22.74 38.99
CA GLU D 144 6.34 22.16 40.33
C GLU D 144 4.98 21.94 40.99
N GLU D 145 4.09 22.91 40.89
CA GLU D 145 2.80 22.86 41.57
C GLU D 145 1.89 21.79 40.98
N THR D 146 1.98 21.57 39.66
CA THR D 146 1.10 20.61 38.98
C THR D 146 1.77 19.23 38.90
N GLU D 147 3.01 19.08 39.40
CA GLU D 147 3.73 17.82 39.24
C GLU D 147 3.76 17.49 37.75
N GLY D 148 3.97 18.54 36.98
CA GLY D 148 3.96 18.46 35.53
C GLY D 148 5.37 18.30 34.98
N ILE D 149 5.46 18.47 33.65
CA ILE D 149 6.77 18.43 33.01
C ILE D 149 6.81 19.54 31.98
N MET D 150 8.04 20.00 31.70
CA MET D 150 8.23 20.88 30.55
C MET D 150 8.89 20.01 29.51
N VAL D 151 8.62 20.35 28.24
CA VAL D 151 9.17 19.53 27.16
C VAL D 151 9.94 20.47 26.23
N HIS D 152 11.25 20.28 26.13
CA HIS D 152 12.06 21.17 25.30
C HIS D 152 11.66 20.94 23.84
N PRO D 153 11.39 21.99 23.02
CA PRO D 153 10.90 21.78 21.66
C PRO D 153 11.85 21.06 20.70
N ASN D 154 13.14 20.94 21.01
CA ASN D 154 14.05 20.31 20.05
C ASN D 154 15.20 19.53 20.70
N GLN D 155 15.51 19.76 21.99
CA GLN D 155 16.64 19.02 22.55
C GLN D 155 16.21 17.83 23.42
N GLU D 156 14.92 17.73 23.75
N GLU D 156 14.92 17.72 23.74
CA GLU D 156 14.47 16.64 24.58
CA GLU D 156 14.50 16.61 24.58
C GLU D 156 14.59 15.31 23.82
C GLU D 156 14.60 15.30 23.81
N PRO D 157 15.30 14.27 24.33
CA PRO D 157 15.46 13.02 23.60
C PRO D 157 14.14 12.41 23.11
N ALA D 158 13.08 12.48 23.94
CA ALA D 158 11.84 11.85 23.47
C ALA D 158 11.26 12.62 22.29
N VAL D 159 11.51 13.93 22.22
CA VAL D 159 11.02 14.74 21.11
C VAL D 159 11.83 14.41 19.85
N ILE D 160 13.15 14.30 20.01
CA ILE D 160 14.01 13.97 18.84
C ILE D 160 13.59 12.60 18.28
N ALA D 161 13.39 11.65 19.17
CA ALA D 161 13.01 10.31 18.71
C ALA D 161 11.65 10.33 18.02
N GLY D 162 10.66 11.06 18.58
CA GLY D 162 9.33 11.08 17.92
C GLY D 162 9.47 11.69 16.52
N GLN D 163 10.31 12.74 16.40
CA GLN D 163 10.39 13.36 15.07
C GLN D 163 11.03 12.43 14.04
N GLY D 164 11.88 11.48 14.47
CA GLY D 164 12.51 10.53 13.59
C GLY D 164 11.50 9.64 12.85
N THR D 165 10.28 9.49 13.44
CA THR D 165 9.29 8.64 12.83
C THR D 165 8.87 9.20 11.46
N ILE D 166 9.14 10.48 11.17
CA ILE D 166 8.80 10.95 9.82
C ILE D 166 9.61 10.15 8.79
N ALA D 167 10.87 9.87 9.10
CA ALA D 167 11.75 9.19 8.16
C ALA D 167 11.37 7.73 8.01
N LEU D 168 10.85 7.13 9.11
N LEU D 168 10.85 7.14 9.10
CA LEU D 168 10.42 5.74 8.98
CA LEU D 168 10.42 5.75 8.96
C LEU D 168 9.28 5.66 7.94
C LEU D 168 9.29 5.66 7.94
N GLU D 169 8.36 6.62 7.95
CA GLU D 169 7.24 6.59 6.99
C GLU D 169 7.80 6.87 5.60
N VAL D 170 8.65 7.90 5.45
CA VAL D 170 9.15 8.23 4.13
C VAL D 170 9.88 7.04 3.51
N LEU D 171 10.69 6.30 4.30
CA LEU D 171 11.42 5.18 3.68
C LEU D 171 10.50 4.07 3.17
N ASN D 172 9.31 3.95 3.77
CA ASN D 172 8.33 2.98 3.28
C ASN D 172 7.50 3.55 2.13
N GLN D 173 7.25 4.86 2.18
CA GLN D 173 6.42 5.48 1.17
C GLN D 173 7.16 5.69 -0.13
N VAL D 174 8.45 5.93 -0.04
CA VAL D 174 9.26 6.24 -1.21
C VAL D 174 10.47 5.29 -1.22
N PRO D 175 10.28 3.98 -1.50
CA PRO D 175 11.36 3.01 -1.25
C PRO D 175 12.66 3.28 -2.02
N LEU D 176 12.57 3.98 -3.15
CA LEU D 176 13.81 4.29 -3.88
C LEU D 176 14.28 5.74 -3.62
N VAL D 177 13.87 6.29 -2.48
CA VAL D 177 14.38 7.63 -2.13
C VAL D 177 15.92 7.67 -2.12
N ASP D 178 16.49 8.77 -2.63
CA ASP D 178 17.93 9.00 -2.61
C ASP D 178 18.35 10.09 -1.61
N ALA D 179 17.43 10.97 -1.19
CA ALA D 179 17.81 12.02 -0.21
C ALA D 179 16.54 12.50 0.53
N LEU D 180 16.69 12.94 1.76
CA LEU D 180 15.62 13.69 2.41
C LEU D 180 16.16 15.11 2.61
N VAL D 181 15.27 16.08 2.42
CA VAL D 181 15.61 17.49 2.68
C VAL D 181 14.71 18.00 3.80
N VAL D 182 15.36 18.52 4.86
CA VAL D 182 14.66 18.79 6.11
C VAL D 182 15.00 20.21 6.56
N PRO D 183 14.00 21.08 6.80
CA PRO D 183 14.33 22.41 7.37
C PRO D 183 14.84 22.24 8.80
N VAL D 184 15.79 23.10 9.20
CA VAL D 184 16.45 22.95 10.51
C VAL D 184 16.33 24.26 11.27
N GLY D 185 15.82 24.14 12.50
CA GLY D 185 15.89 25.21 13.51
C GLY D 185 16.70 24.69 14.69
N GLY D 186 16.02 24.11 15.67
CA GLY D 186 16.77 23.52 16.76
C GLY D 186 17.34 22.14 16.38
N GLY D 187 16.84 21.54 15.27
CA GLY D 187 17.43 20.28 14.80
C GLY D 187 16.89 19.02 15.49
N GLY D 188 15.73 19.11 16.20
CA GLY D 188 15.08 17.87 16.67
C GLY D 188 14.62 17.02 15.49
N MET D 189 14.00 17.71 14.52
CA MET D 189 13.51 16.96 13.37
C MET D 189 14.69 16.42 12.53
N LEU D 190 15.66 17.30 12.24
CA LEU D 190 16.79 16.89 11.43
C LEU D 190 17.56 15.74 12.09
N ALA D 191 17.77 15.84 13.41
CA ALA D 191 18.58 14.83 14.08
C ALA D 191 17.80 13.51 14.15
N GLY D 192 16.49 13.56 14.48
CA GLY D 192 15.73 12.29 14.51
C GLY D 192 15.70 11.61 13.15
N ILE D 193 15.51 12.44 12.12
CA ILE D 193 15.53 11.88 10.76
C ILE D 193 16.92 11.32 10.39
N ALA D 194 18.00 12.03 10.80
CA ALA D 194 19.31 11.54 10.44
C ALA D 194 19.58 10.18 11.11
N ILE D 195 19.29 10.10 12.44
CA ILE D 195 19.46 8.81 13.11
C ILE D 195 18.74 7.69 12.37
N THR D 196 17.51 7.95 11.99
CA THR D 196 16.69 6.89 11.41
C THR D 196 17.27 6.52 10.04
N VAL D 197 17.52 7.53 9.19
CA VAL D 197 17.97 7.20 7.81
C VAL D 197 19.33 6.50 7.84
N LYS D 198 20.25 6.96 8.69
CA LYS D 198 21.59 6.40 8.69
C LYS D 198 21.61 5.01 9.33
N ALA D 199 20.65 4.73 10.21
CA ALA D 199 20.48 3.38 10.73
C ALA D 199 19.94 2.46 9.65
N LEU D 200 18.89 2.87 8.92
CA LEU D 200 18.14 1.93 8.10
C LEU D 200 18.64 1.86 6.65
N LYS D 201 19.15 2.99 6.12
CA LYS D 201 19.50 3.03 4.71
C LYS D 201 20.55 4.10 4.51
N PRO D 202 21.78 3.91 5.04
CA PRO D 202 22.75 4.99 5.06
C PRO D 202 23.26 5.51 3.72
N SER D 203 22.91 4.82 2.62
CA SER D 203 23.24 5.36 1.31
C SER D 203 22.32 6.51 0.93
N VAL D 204 21.20 6.69 1.66
CA VAL D 204 20.30 7.83 1.42
C VAL D 204 20.89 9.07 2.09
N LYS D 205 20.91 10.20 1.37
CA LYS D 205 21.51 11.42 1.88
C LYS D 205 20.52 12.10 2.81
N VAL D 206 21.06 12.82 3.80
CA VAL D 206 20.22 13.67 4.62
C VAL D 206 20.77 15.09 4.50
N TYR D 207 19.92 15.99 4.02
CA TYR D 207 20.33 17.36 3.77
C TYR D 207 19.46 18.25 4.62
N ALA D 208 20.08 19.29 5.22
CA ALA D 208 19.33 20.30 5.96
C ALA D 208 19.18 21.56 5.12
N ALA D 209 18.08 22.25 5.39
CA ALA D 209 17.75 23.48 4.66
C ALA D 209 17.60 24.54 5.75
N GLU D 210 18.22 25.71 5.54
CA GLU D 210 18.19 26.68 6.63
C GLU D 210 18.15 28.11 6.07
N PRO D 211 17.49 29.05 6.74
CA PRO D 211 17.59 30.44 6.30
C PRO D 211 19.03 30.98 6.50
N SER D 212 19.51 31.68 5.48
CA SER D 212 20.85 32.26 5.57
C SER D 212 20.86 33.41 6.61
N ASN D 213 19.70 33.98 6.93
CA ASN D 213 19.58 34.94 8.03
C ASN D 213 19.59 34.28 9.42
N ALA D 214 19.62 32.92 9.50
CA ALA D 214 19.62 32.26 10.79
C ALA D 214 20.52 31.04 10.62
N ASP D 215 21.77 31.23 10.21
CA ASP D 215 22.56 30.15 9.66
C ASP D 215 23.48 29.45 10.66
N ASP D 216 23.04 29.30 11.94
CA ASP D 216 23.89 28.62 12.92
C ASP D 216 24.19 27.17 12.55
N CYS D 217 23.22 26.44 11.95
CA CYS D 217 23.52 25.03 11.66
C CYS D 217 24.63 24.98 10.62
N TYR D 218 24.48 25.78 9.56
CA TYR D 218 25.54 25.88 8.56
C TYR D 218 26.88 26.31 9.18
N GLN D 219 26.90 27.35 9.99
CA GLN D 219 28.15 27.82 10.60
C GLN D 219 28.76 26.75 11.49
N SER D 220 27.90 26.00 12.18
CA SER D 220 28.41 24.96 13.09
C SER D 220 29.03 23.83 12.29
N LYS D 221 28.38 23.42 11.18
CA LYS D 221 28.97 22.34 10.41
C LYS D 221 30.23 22.81 9.72
N LEU D 222 30.28 24.10 9.36
CA LEU D 222 31.46 24.64 8.66
C LEU D 222 32.62 24.62 9.64
N LYS D 223 32.37 25.07 10.86
CA LYS D 223 33.45 25.22 11.82
C LYS D 223 33.80 23.90 12.50
N GLY D 224 32.86 22.96 12.62
CA GLY D 224 33.13 21.70 13.31
C GLY D 224 32.80 21.76 14.79
N LYS D 225 32.08 22.81 15.20
N LYS D 225 32.09 22.84 15.18
CA LYS D 225 31.68 22.90 16.58
CA LYS D 225 31.78 23.13 16.57
C LYS D 225 30.38 23.69 16.62
C LYS D 225 30.40 23.78 16.63
N LEU D 226 29.70 23.57 17.77
CA LEU D 226 28.40 24.21 17.95
C LEU D 226 28.53 25.74 18.10
N MET D 227 27.90 26.47 17.20
N MET D 227 27.94 26.48 17.17
CA MET D 227 28.00 27.92 17.15
CA MET D 227 28.00 27.94 17.08
C MET D 227 26.59 28.49 17.01
C MET D 227 26.58 28.48 17.00
N PRO D 228 25.88 28.69 18.13
CA PRO D 228 24.51 29.21 18.10
C PRO D 228 24.44 30.61 17.52
N ASN D 229 23.25 31.00 17.06
CA ASN D 229 23.11 32.41 16.62
C ASN D 229 23.49 33.34 17.78
N LEU D 230 24.27 34.40 17.48
CA LEU D 230 24.63 35.39 18.49
C LEU D 230 23.39 36.17 18.96
N TYR D 231 22.55 36.56 18.01
CA TYR D 231 21.33 37.26 18.36
C TYR D 231 20.13 36.54 17.80
N PRO D 232 18.93 36.80 18.36
CA PRO D 232 17.69 36.22 17.84
C PRO D 232 17.56 36.62 16.38
N PRO D 233 17.44 35.66 15.45
CA PRO D 233 17.45 35.94 14.02
C PRO D 233 16.13 36.51 13.52
N GLU D 234 16.22 37.26 12.42
CA GLU D 234 15.05 37.83 11.80
C GLU D 234 14.86 37.04 10.52
N THR D 235 13.70 36.39 10.40
CA THR D 235 13.44 35.56 9.24
C THR D 235 11.92 35.36 9.18
N ILE D 236 11.39 35.28 7.95
CA ILE D 236 9.99 34.91 7.71
C ILE D 236 9.75 33.43 8.12
N ALA D 237 10.84 32.70 8.24
CA ALA D 237 10.71 31.26 8.59
C ALA D 237 10.66 31.13 10.10
N ASP D 238 9.51 31.53 10.70
CA ASP D 238 9.38 31.74 12.14
C ASP D 238 9.59 30.48 12.98
N GLY D 239 9.43 29.29 12.36
CA GLY D 239 9.55 28.02 13.06
C GLY D 239 10.98 27.49 13.17
N VAL D 240 11.96 28.17 12.52
CA VAL D 240 13.37 27.73 12.58
C VAL D 240 14.21 28.88 13.14
N LYS D 241 13.70 29.58 14.16
CA LYS D 241 14.49 30.65 14.79
C LYS D 241 15.35 30.12 15.94
N SER D 242 15.09 28.89 16.42
CA SER D 242 15.91 28.34 17.48
C SER D 242 17.27 27.98 16.89
N SER D 243 18.30 27.97 17.75
CA SER D 243 19.61 27.48 17.34
C SER D 243 19.59 25.95 17.58
N ILE D 244 20.54 25.26 16.94
CA ILE D 244 20.81 23.89 17.28
C ILE D 244 21.40 23.86 18.69
N GLY D 245 21.35 22.70 19.33
CA GLY D 245 21.71 22.59 20.75
C GLY D 245 22.60 21.40 21.04
N LEU D 246 22.84 21.17 22.34
CA LEU D 246 23.87 20.23 22.74
C LEU D 246 23.50 18.78 22.42
N ASN D 247 22.19 18.47 22.30
CA ASN D 247 21.84 17.08 22.03
C ASN D 247 21.65 16.86 20.51
N THR D 248 21.30 17.92 19.76
CA THR D 248 21.08 17.71 18.33
C THR D 248 22.36 17.90 17.53
N TRP D 249 23.31 18.69 18.08
CA TRP D 249 24.53 19.00 17.31
C TRP D 249 25.39 17.78 16.99
N PRO D 250 25.71 16.88 17.92
CA PRO D 250 26.60 15.77 17.58
C PRO D 250 26.04 14.84 16.50
N ILE D 251 24.71 14.68 16.49
CA ILE D 251 24.01 13.91 15.49
C ILE D 251 24.15 14.60 14.12
N ILE D 252 23.87 15.89 14.08
CA ILE D 252 23.98 16.64 12.84
C ILE D 252 25.42 16.67 12.34
N ARG D 253 26.36 16.92 13.27
CA ARG D 253 27.77 16.89 12.89
C ARG D 253 28.14 15.59 12.19
N ASP D 254 27.72 14.45 12.76
CA ASP D 254 28.18 13.19 12.19
C ASP D 254 27.28 12.56 11.12
N LEU D 255 25.95 12.83 11.16
CA LEU D 255 25.08 12.00 10.31
C LEU D 255 24.45 12.83 9.18
N VAL D 256 24.57 14.17 9.21
CA VAL D 256 23.92 14.96 8.16
C VAL D 256 24.95 15.26 7.07
N ASP D 257 24.57 15.03 5.82
CA ASP D 257 25.50 15.07 4.66
C ASP D 257 25.84 16.49 4.27
N ASP D 258 24.87 17.43 4.31
CA ASP D 258 25.16 18.79 3.86
C ASP D 258 24.05 19.71 4.37
N ILE D 259 24.33 21.01 4.38
N ILE D 259 24.34 21.02 4.43
CA ILE D 259 23.36 22.02 4.76
CA ILE D 259 23.39 22.04 4.81
C ILE D 259 23.30 23.06 3.65
C ILE D 259 23.29 23.06 3.67
N PHE D 260 22.08 23.42 3.23
CA PHE D 260 21.91 24.42 2.18
C PHE D 260 21.19 25.61 2.79
N THR D 261 21.78 26.81 2.64
CA THR D 261 21.17 28.00 3.14
C THR D 261 20.42 28.72 2.02
N VAL D 262 19.36 29.43 2.42
CA VAL D 262 18.52 30.08 1.43
C VAL D 262 18.15 31.48 1.91
N THR D 263 18.06 32.44 1.01
CA THR D 263 17.78 33.81 1.44
C THR D 263 16.30 33.96 1.73
N GLU D 264 15.94 35.12 2.34
CA GLU D 264 14.55 35.38 2.67
C GLU D 264 13.75 35.40 1.35
N ASP D 265 14.30 36.03 0.30
CA ASP D 265 13.58 36.08 -0.97
C ASP D 265 13.35 34.66 -1.52
N GLU D 266 14.36 33.79 -1.41
CA GLU D 266 14.21 32.43 -1.93
C GLU D 266 13.09 31.73 -1.15
N ILE D 267 13.07 31.94 0.18
CA ILE D 267 12.04 31.31 1.00
C ILE D 267 10.66 31.77 0.57
N LYS D 268 10.49 33.09 0.40
CA LYS D 268 9.19 33.65 0.01
C LYS D 268 8.76 33.14 -1.35
N CYS D 269 9.69 33.11 -2.31
N CYS D 269 9.68 33.12 -2.32
CA CYS D 269 9.35 32.67 -3.66
CA CYS D 269 9.38 32.68 -3.67
C CYS D 269 8.99 31.19 -3.68
C CYS D 269 9.00 31.20 -3.67
N ALA D 270 9.72 30.37 -2.93
CA ALA D 270 9.42 28.92 -2.90
C ALA D 270 8.05 28.71 -2.23
N THR D 271 7.78 29.48 -1.19
CA THR D 271 6.51 29.33 -0.47
C THR D 271 5.34 29.65 -1.42
N GLN D 272 5.47 30.78 -2.12
CA GLN D 272 4.40 31.18 -3.04
C GLN D 272 4.23 30.15 -4.16
N LEU D 273 5.37 29.60 -4.63
CA LEU D 273 5.33 28.59 -5.66
C LEU D 273 4.50 27.38 -5.20
N VAL D 274 4.74 26.92 -3.96
CA VAL D 274 3.95 25.77 -3.50
C VAL D 274 2.49 26.17 -3.37
N TRP D 275 2.20 27.36 -2.86
CA TRP D 275 0.78 27.74 -2.73
C TRP D 275 0.11 27.72 -4.08
N GLU D 276 0.74 28.37 -5.06
CA GLU D 276 0.12 28.61 -6.36
C GLU D 276 0.14 27.34 -7.24
N ARG D 277 1.29 26.65 -7.31
N ARG D 277 1.29 26.65 -7.31
CA ARG D 277 1.43 25.55 -8.24
CA ARG D 277 1.43 25.55 -8.24
C ARG D 277 1.04 24.22 -7.61
C ARG D 277 1.04 24.22 -7.61
N MET D 278 1.20 24.03 -6.28
CA MET D 278 0.78 22.75 -5.67
C MET D 278 -0.55 22.85 -4.89
N LYS D 279 -1.04 24.07 -4.62
CA LYS D 279 -2.28 24.30 -3.86
C LYS D 279 -2.19 23.77 -2.41
N LEU D 280 -0.97 23.80 -1.83
CA LEU D 280 -0.73 23.39 -0.45
C LEU D 280 -0.40 24.63 0.39
N LEU D 281 -1.22 24.86 1.44
N LEU D 281 -1.18 24.89 1.44
CA LEU D 281 -1.01 25.98 2.34
CA LEU D 281 -0.94 26.13 2.15
C LEU D 281 0.11 25.65 3.32
C LEU D 281 0.10 25.86 3.24
N ILE D 282 1.35 25.64 2.81
CA ILE D 282 2.52 25.51 3.70
C ILE D 282 2.79 26.83 4.42
N GLU D 283 3.34 26.71 5.64
CA GLU D 283 3.83 27.93 6.30
C GLU D 283 5.20 28.27 5.71
N PRO D 284 5.67 29.56 5.67
CA PRO D 284 6.98 29.80 5.04
C PRO D 284 8.15 28.96 5.58
N THR D 285 8.10 28.55 6.87
CA THR D 285 9.19 27.73 7.39
C THR D 285 9.30 26.43 6.58
N ALA D 286 8.15 25.92 6.13
CA ALA D 286 8.17 24.69 5.33
C ALA D 286 8.59 24.99 3.88
N GLY D 287 8.57 26.26 3.48
CA GLY D 287 9.15 26.61 2.18
C GLY D 287 10.68 26.59 2.13
N VAL D 288 11.32 26.57 3.32
CA VAL D 288 12.77 26.57 3.37
C VAL D 288 13.32 25.38 2.61
N GLY D 289 12.73 24.17 2.82
CA GLY D 289 13.29 23.00 2.17
C GLY D 289 13.07 22.99 0.66
N VAL D 290 11.96 23.53 0.24
CA VAL D 290 11.69 23.71 -1.21
C VAL D 290 12.69 24.71 -1.83
N ALA D 291 12.87 25.85 -1.17
CA ALA D 291 13.87 26.82 -1.62
C ALA D 291 15.24 26.16 -1.74
N ALA D 292 15.62 25.30 -0.79
CA ALA D 292 16.94 24.65 -0.84
C ALA D 292 17.11 23.84 -2.11
N VAL D 293 16.09 23.04 -2.49
CA VAL D 293 16.19 22.21 -3.68
C VAL D 293 16.23 23.05 -4.97
N LEU D 294 15.62 24.24 -4.92
CA LEU D 294 15.58 25.16 -6.06
C LEU D 294 16.85 25.97 -6.12
N SER D 295 17.66 25.98 -5.05
CA SER D 295 18.75 26.95 -4.94
C SER D 295 19.91 26.62 -5.88
N GLN D 296 20.74 27.63 -6.14
N GLN D 296 20.73 27.64 -6.14
CA GLN D 296 21.90 27.41 -7.00
CA GLN D 296 21.91 27.46 -6.97
C GLN D 296 22.82 26.34 -6.42
C GLN D 296 22.81 26.36 -6.41
N HIS D 297 23.04 26.36 -5.10
CA HIS D 297 24.03 25.44 -4.54
C HIS D 297 23.60 23.98 -4.67
N PHE D 298 22.28 23.77 -4.65
CA PHE D 298 21.80 22.41 -4.77
C PHE D 298 22.18 21.79 -6.11
N GLN D 299 22.57 22.59 -7.09
CA GLN D 299 23.01 22.01 -8.36
C GLN D 299 24.32 21.25 -8.23
N THR D 300 25.08 21.45 -7.15
CA THR D 300 26.30 20.68 -6.90
C THR D 300 25.99 19.27 -6.44
N VAL D 301 24.71 18.97 -6.12
CA VAL D 301 24.36 17.63 -5.68
C VAL D 301 24.41 16.68 -6.89
N SER D 302 25.07 15.55 -6.70
CA SER D 302 25.28 14.54 -7.74
C SER D 302 23.99 14.26 -8.51
N PRO D 303 24.07 14.03 -9.84
CA PRO D 303 22.90 13.62 -10.61
C PRO D 303 22.39 12.23 -10.22
N GLU D 304 23.17 11.47 -9.47
CA GLU D 304 22.75 10.17 -8.99
C GLU D 304 21.66 10.33 -7.91
N VAL D 305 21.58 11.54 -7.32
CA VAL D 305 20.63 11.81 -6.22
C VAL D 305 19.37 12.34 -6.86
N LYS D 306 18.50 11.42 -7.27
N LYS D 306 18.49 11.44 -7.31
CA LYS D 306 17.43 11.71 -8.21
CA LYS D 306 17.40 11.82 -8.18
C LYS D 306 16.10 11.88 -7.47
C LYS D 306 16.07 11.91 -7.43
N ASN D 307 15.82 10.94 -6.56
CA ASN D 307 14.54 10.86 -5.85
C ASN D 307 14.70 11.58 -4.51
N ILE D 308 14.09 12.78 -4.40
CA ILE D 308 14.39 13.62 -3.24
C ILE D 308 13.06 13.86 -2.52
N CYS D 309 13.04 13.52 -1.23
CA CYS D 309 11.80 13.73 -0.49
C CYS D 309 12.01 14.96 0.40
N ILE D 310 11.16 15.99 0.23
CA ILE D 310 11.29 17.21 1.01
C ILE D 310 10.17 17.16 2.06
N VAL D 311 10.54 17.45 3.31
CA VAL D 311 9.53 17.47 4.39
C VAL D 311 8.82 18.83 4.44
N LEU D 312 7.51 18.81 4.07
CA LEU D 312 6.68 20.02 4.21
C LEU D 312 6.16 20.05 5.65
N SER D 313 6.95 20.71 6.50
CA SER D 313 6.92 20.51 7.92
C SER D 313 5.65 21.06 8.57
N GLY D 314 4.97 22.06 7.99
CA GLY D 314 3.86 22.64 8.74
C GLY D 314 2.98 23.48 7.82
N GLY D 315 1.75 23.72 8.28
CA GLY D 315 0.81 24.55 7.53
C GLY D 315 0.18 25.63 8.39
N ASN D 316 0.81 26.01 9.51
CA ASN D 316 0.12 26.92 10.39
C ASN D 316 0.48 28.36 10.05
N VAL D 317 -0.18 28.86 9.02
CA VAL D 317 0.14 30.21 8.58
C VAL D 317 -1.08 31.08 8.83
N ASP D 318 -0.83 32.33 9.25
CA ASP D 318 -1.89 33.31 9.41
C ASP D 318 -2.10 33.93 8.03
N LEU D 319 -3.22 33.58 7.39
CA LEU D 319 -3.46 33.96 6.01
C LEU D 319 -3.47 35.49 5.84
N THR D 320 -4.08 36.19 6.81
CA THR D 320 -4.12 37.64 6.82
C THR D 320 -2.71 38.22 6.89
N SER D 321 -1.89 37.71 7.83
CA SER D 321 -0.52 38.18 8.03
C SER D 321 0.36 37.87 6.82
N SER D 322 0.22 36.66 6.26
CA SER D 322 1.07 36.21 5.17
C SER D 322 0.50 36.68 3.82
N ILE D 323 0.84 37.91 3.44
CA ILE D 323 0.46 38.50 2.17
C ILE D 323 1.65 39.33 1.69
N THR D 324 1.93 40.41 2.43
CA THR D 324 2.98 41.36 2.12
C THR D 324 4.35 40.67 2.14
N TRP D 325 4.55 39.80 3.15
CA TRP D 325 5.83 39.11 3.37
C TRP D 325 6.95 40.12 3.63
#